data_8U0X
# 
_entry.id   8U0X 
# 
_audit_conform.dict_name       mmcif_pdbx.dic 
_audit_conform.dict_version    5.383 
_audit_conform.dict_location   http://mmcif.pdb.org/dictionaries/ascii/mmcif_pdbx.dic 
# 
loop_
_database_2.database_id 
_database_2.database_code 
_database_2.pdbx_database_accession 
_database_2.pdbx_DOI 
PDB   8U0X         pdb_00008u0x 10.2210/pdb8u0x/pdb 
WWPDB D_1000274361 ?            ?                   
# 
loop_
_pdbx_audit_revision_history.ordinal 
_pdbx_audit_revision_history.data_content_type 
_pdbx_audit_revision_history.major_revision 
_pdbx_audit_revision_history.minor_revision 
_pdbx_audit_revision_history.revision_date 
1 'Structure model' 1 0 2023-11-29 
2 'Structure model' 1 1 2023-12-13 
3 'Structure model' 1 2 2024-01-10 
# 
_pdbx_audit_revision_details.ordinal             1 
_pdbx_audit_revision_details.revision_ordinal    1 
_pdbx_audit_revision_details.data_content_type   'Structure model' 
_pdbx_audit_revision_details.provider            repository 
_pdbx_audit_revision_details.type                'Initial release' 
_pdbx_audit_revision_details.description         ? 
_pdbx_audit_revision_details.details             ? 
# 
loop_
_pdbx_audit_revision_group.ordinal 
_pdbx_audit_revision_group.revision_ordinal 
_pdbx_audit_revision_group.data_content_type 
_pdbx_audit_revision_group.group 
1 2 'Structure model' 'Database references' 
2 3 'Structure model' 'Database references' 
# 
loop_
_pdbx_audit_revision_category.ordinal 
_pdbx_audit_revision_category.revision_ordinal 
_pdbx_audit_revision_category.data_content_type 
_pdbx_audit_revision_category.category 
1 2 'Structure model' citation        
2 2 'Structure model' citation_author 
3 3 'Structure model' citation        
# 
loop_
_pdbx_audit_revision_item.ordinal 
_pdbx_audit_revision_item.revision_ordinal 
_pdbx_audit_revision_item.data_content_type 
_pdbx_audit_revision_item.item 
1  2 'Structure model' '_citation.country'                 
2  2 'Structure model' '_citation.journal_abbrev'          
3  2 'Structure model' '_citation.journal_id_ASTM'         
4  2 'Structure model' '_citation.journal_id_CSD'          
5  2 'Structure model' '_citation.journal_id_ISSN'         
6  2 'Structure model' '_citation.page_first'              
7  2 'Structure model' '_citation.page_last'               
8  2 'Structure model' '_citation.pdbx_database_id_DOI'    
9  2 'Structure model' '_citation.pdbx_database_id_PubMed' 
10 2 'Structure model' '_citation.title'                   
11 2 'Structure model' '_citation.year'                    
12 2 'Structure model' '_citation_author.identifier_ORCID' 
13 3 'Structure model' '_citation.journal_volume'          
# 
_pdbx_database_status.status_code                     REL 
_pdbx_database_status.status_code_sf                  REL 
_pdbx_database_status.status_code_mr                  ? 
_pdbx_database_status.entry_id                        8U0X 
_pdbx_database_status.recvd_initial_deposition_date   2023-08-29 
_pdbx_database_status.SG_entry                        N 
_pdbx_database_status.deposit_site                    RCSB 
_pdbx_database_status.process_site                    RCSB 
_pdbx_database_status.status_code_cs                  ? 
_pdbx_database_status.status_code_nmr_data            ? 
_pdbx_database_status.methods_development_category    ? 
_pdbx_database_status.pdb_format_compatible           Y 
# 
loop_
_pdbx_contact_author.id 
_pdbx_contact_author.email 
_pdbx_contact_author.name_first 
_pdbx_contact_author.name_last 
_pdbx_contact_author.name_mi 
_pdbx_contact_author.role 
_pdbx_contact_author.identifier_ORCID 
3 brookegardner@ucsb.edu Brooke  Gardner M 'principal investigator/group leader' 0000-0001-7999-8827 
4 amartin@berkeley.edu   Andreas Martin  ? 'principal investigator/group leader' 0000-0003-0923-3284 
# 
loop_
_audit_author.name 
_audit_author.pdbx_ordinal 
_audit_author.identifier_ORCID 
'Gardner, B.M.' 1 0000-0001-7999-8827 
'Ali, B.A.'     2 0009-0000-4604-3012 
# 
_citation.abstract                  ? 
_citation.abstract_id_CAS           ? 
_citation.book_id_ISBN              ? 
_citation.book_publisher            ? 
_citation.book_publisher_city       ? 
_citation.book_title                ? 
_citation.coordinate_linkage        ? 
_citation.country                   US 
_citation.database_id_Medline       ? 
_citation.details                   ? 
_citation.id                        primary 
_citation.journal_abbrev            J.Biol.Chem. 
_citation.journal_id_ASTM           JBCHA3 
_citation.journal_id_CSD            0071 
_citation.journal_id_ISSN           1083-351X 
_citation.journal_full              ? 
_citation.journal_issue             ? 
_citation.journal_volume            300 
_citation.language                  ? 
_citation.page_first                105504 
_citation.page_last                 105504 
_citation.title                     
'The N1 domain of the peroxisomal AAA-ATPase Pex6 is required for Pex15 binding and proper assembly with Pex1.' 
_citation.year                      2023 
_citation.database_id_CSD           ? 
_citation.pdbx_database_id_DOI      10.1016/j.jbc.2023.105504 
_citation.pdbx_database_id_PubMed   38036174 
_citation.pdbx_database_id_patent   ? 
_citation.unpublished_flag          ? 
# 
loop_
_citation_author.citation_id 
_citation_author.name 
_citation_author.ordinal 
_citation_author.identifier_ORCID 
primary 'Ali, B.A.'        1  ? 
primary 'Judy, R.M.'       2  ? 
primary 'Chowdhury, S.'    3  ? 
primary 'Jacobsen, N.K.'   4  ? 
primary 'Castanzo, D.T.'   5  ? 
primary 'Carr, K.L.'       6  ? 
primary 'Richardson, C.D.' 7  ? 
primary 'Lander, G.C.'     8  ? 
primary 'Martin, A.'       9  ? 
primary 'Gardner, B.M.'    10 ? 
# 
loop_
_entity.id 
_entity.type 
_entity.src_method 
_entity.pdbx_description 
_entity.formula_weight 
_entity.pdbx_number_of_molecules 
_entity.pdbx_ec 
_entity.pdbx_mutation 
_entity.pdbx_fragment 
_entity.details 
1 polymer man 'Peroxisomal ATPase PEX6' 20908.201 1  3.6.4.- ? ? ? 
2 water   nat water                     18.015    91 ?       ? ? ? 
# 
_entity_name_com.entity_id   1 
_entity_name_com.name        'Peroxin-6,Peroxisomal assembly protein 8' 
# 
_entity_poly.entity_id                      1 
_entity_poly.type                           'polypeptide(L)' 
_entity_poly.nstd_linkage                   no 
_entity_poly.nstd_monomer                   no 
_entity_poly.pdbx_seq_one_letter_code       
;GPMKASLTFSLSGIYAPCSISRDIYLEYGDKKAECLYGTIRLPQYGPGCTPGKIVHCVLDDSLPFCSIVVPSKLFGFMPT
QPTMDFCYFEPILDNVVPVLDSVTFLINEQLYSKLMDLPQEMQQIQFLHYKYNINSMETVVHSRDILTSGLCQILNCSPF
PQGLVDFTETQLILVNDTEQKLSALK
;
_entity_poly.pdbx_seq_one_letter_code_can   
;GPMKASLTFSLSGIYAPCSISRDIYLEYGDKKAECLYGTIRLPQYGPGCTPGKIVHCVLDDSLPFCSIVVPSKLFGFMPT
QPTMDFCYFEPILDNVVPVLDSVTFLINEQLYSKLMDLPQEMQQIQFLHYKYNINSMETVVHSRDILTSGLCQILNCSPF
PQGLVDFTETQLILVNDTEQKLSALK
;
_entity_poly.pdbx_strand_id                 A 
_entity_poly.pdbx_target_identifier         ? 
# 
_pdbx_entity_nonpoly.entity_id   2 
_pdbx_entity_nonpoly.name        water 
_pdbx_entity_nonpoly.comp_id     HOH 
# 
loop_
_entity_poly_seq.entity_id 
_entity_poly_seq.num 
_entity_poly_seq.mon_id 
_entity_poly_seq.hetero 
1 1   GLY n 
1 2   PRO n 
1 3   MET n 
1 4   LYS n 
1 5   ALA n 
1 6   SER n 
1 7   LEU n 
1 8   THR n 
1 9   PHE n 
1 10  SER n 
1 11  LEU n 
1 12  SER n 
1 13  GLY n 
1 14  ILE n 
1 15  TYR n 
1 16  ALA n 
1 17  PRO n 
1 18  CYS n 
1 19  SER n 
1 20  ILE n 
1 21  SER n 
1 22  ARG n 
1 23  ASP n 
1 24  ILE n 
1 25  TYR n 
1 26  LEU n 
1 27  GLU n 
1 28  TYR n 
1 29  GLY n 
1 30  ASP n 
1 31  LYS n 
1 32  LYS n 
1 33  ALA n 
1 34  GLU n 
1 35  CYS n 
1 36  LEU n 
1 37  TYR n 
1 38  GLY n 
1 39  THR n 
1 40  ILE n 
1 41  ARG n 
1 42  LEU n 
1 43  PRO n 
1 44  GLN n 
1 45  TYR n 
1 46  GLY n 
1 47  PRO n 
1 48  GLY n 
1 49  CYS n 
1 50  THR n 
1 51  PRO n 
1 52  GLY n 
1 53  LYS n 
1 54  ILE n 
1 55  VAL n 
1 56  HIS n 
1 57  CYS n 
1 58  VAL n 
1 59  LEU n 
1 60  ASP n 
1 61  ASP n 
1 62  SER n 
1 63  LEU n 
1 64  PRO n 
1 65  PHE n 
1 66  CYS n 
1 67  SER n 
1 68  ILE n 
1 69  VAL n 
1 70  VAL n 
1 71  PRO n 
1 72  SER n 
1 73  LYS n 
1 74  LEU n 
1 75  PHE n 
1 76  GLY n 
1 77  PHE n 
1 78  MET n 
1 79  PRO n 
1 80  THR n 
1 81  GLN n 
1 82  PRO n 
1 83  THR n 
1 84  MET n 
1 85  ASP n 
1 86  PHE n 
1 87  CYS n 
1 88  TYR n 
1 89  PHE n 
1 90  GLU n 
1 91  PRO n 
1 92  ILE n 
1 93  LEU n 
1 94  ASP n 
1 95  ASN n 
1 96  VAL n 
1 97  VAL n 
1 98  PRO n 
1 99  VAL n 
1 100 LEU n 
1 101 ASP n 
1 102 SER n 
1 103 VAL n 
1 104 THR n 
1 105 PHE n 
1 106 LEU n 
1 107 ILE n 
1 108 ASN n 
1 109 GLU n 
1 110 GLN n 
1 111 LEU n 
1 112 TYR n 
1 113 SER n 
1 114 LYS n 
1 115 LEU n 
1 116 MET n 
1 117 ASP n 
1 118 LEU n 
1 119 PRO n 
1 120 GLN n 
1 121 GLU n 
1 122 MET n 
1 123 GLN n 
1 124 GLN n 
1 125 ILE n 
1 126 GLN n 
1 127 PHE n 
1 128 LEU n 
1 129 HIS n 
1 130 TYR n 
1 131 LYS n 
1 132 TYR n 
1 133 ASN n 
1 134 ILE n 
1 135 ASN n 
1 136 SER n 
1 137 MET n 
1 138 GLU n 
1 139 THR n 
1 140 VAL n 
1 141 VAL n 
1 142 HIS n 
1 143 SER n 
1 144 ARG n 
1 145 ASP n 
1 146 ILE n 
1 147 LEU n 
1 148 THR n 
1 149 SER n 
1 150 GLY n 
1 151 LEU n 
1 152 CYS n 
1 153 GLN n 
1 154 ILE n 
1 155 LEU n 
1 156 ASN n 
1 157 CYS n 
1 158 SER n 
1 159 PRO n 
1 160 PHE n 
1 161 PRO n 
1 162 GLN n 
1 163 GLY n 
1 164 LEU n 
1 165 VAL n 
1 166 ASP n 
1 167 PHE n 
1 168 THR n 
1 169 GLU n 
1 170 THR n 
1 171 GLN n 
1 172 LEU n 
1 173 ILE n 
1 174 LEU n 
1 175 VAL n 
1 176 ASN n 
1 177 ASP n 
1 178 THR n 
1 179 GLU n 
1 180 GLN n 
1 181 LYS n 
1 182 LEU n 
1 183 SER n 
1 184 ALA n 
1 185 LEU n 
1 186 LYS n 
# 
_entity_src_gen.entity_id                          1 
_entity_src_gen.pdbx_src_id                        1 
_entity_src_gen.pdbx_alt_source_flag               sample 
_entity_src_gen.pdbx_seq_type                      'Biological sequence' 
_entity_src_gen.pdbx_beg_seq_num                   1 
_entity_src_gen.pdbx_end_seq_num                   186 
_entity_src_gen.gene_src_common_name               
;baker's yeast
;
_entity_src_gen.gene_src_genus                     ? 
_entity_src_gen.pdbx_gene_src_gene                 'PEX6, PAS8, YNL329C, N0310' 
_entity_src_gen.gene_src_species                   ? 
_entity_src_gen.gene_src_strain                    ? 
_entity_src_gen.gene_src_tissue                    ? 
_entity_src_gen.gene_src_tissue_fraction           ? 
_entity_src_gen.gene_src_details                   ? 
_entity_src_gen.pdbx_gene_src_fragment             ? 
_entity_src_gen.pdbx_gene_src_scientific_name      'Saccharomyces cerevisiae' 
_entity_src_gen.pdbx_gene_src_ncbi_taxonomy_id     4932 
_entity_src_gen.pdbx_gene_src_variant              ? 
_entity_src_gen.pdbx_gene_src_cell_line            ? 
_entity_src_gen.pdbx_gene_src_atcc                 ? 
_entity_src_gen.pdbx_gene_src_organ                ? 
_entity_src_gen.pdbx_gene_src_organelle            ? 
_entity_src_gen.pdbx_gene_src_cell                 ? 
_entity_src_gen.pdbx_gene_src_cellular_location    ? 
_entity_src_gen.host_org_common_name               ? 
_entity_src_gen.pdbx_host_org_scientific_name      'Escherichia coli' 
_entity_src_gen.pdbx_host_org_ncbi_taxonomy_id     562 
_entity_src_gen.host_org_genus                     ? 
_entity_src_gen.pdbx_host_org_gene                 ? 
_entity_src_gen.pdbx_host_org_organ                ? 
_entity_src_gen.host_org_species                   ? 
_entity_src_gen.pdbx_host_org_tissue               ? 
_entity_src_gen.pdbx_host_org_tissue_fraction      ? 
_entity_src_gen.pdbx_host_org_strain               ? 
_entity_src_gen.pdbx_host_org_variant              ? 
_entity_src_gen.pdbx_host_org_cell_line            ? 
_entity_src_gen.pdbx_host_org_atcc                 ? 
_entity_src_gen.pdbx_host_org_culture_collection   ? 
_entity_src_gen.pdbx_host_org_cell                 ? 
_entity_src_gen.pdbx_host_org_organelle            ? 
_entity_src_gen.pdbx_host_org_cellular_location    ? 
_entity_src_gen.pdbx_host_org_vector_type          ? 
_entity_src_gen.pdbx_host_org_vector               ? 
_entity_src_gen.host_org_details                   ? 
_entity_src_gen.expression_system_id               ? 
_entity_src_gen.plasmid_name                       ? 
_entity_src_gen.plasmid_details                    ? 
_entity_src_gen.pdbx_description                   ? 
# 
loop_
_chem_comp.id 
_chem_comp.type 
_chem_comp.mon_nstd_flag 
_chem_comp.name 
_chem_comp.pdbx_synonyms 
_chem_comp.formula 
_chem_comp.formula_weight 
ALA 'L-peptide linking' y ALANINE         ? 'C3 H7 N O2'     89.093  
ARG 'L-peptide linking' y ARGININE        ? 'C6 H15 N4 O2 1' 175.209 
ASN 'L-peptide linking' y ASPARAGINE      ? 'C4 H8 N2 O3'    132.118 
ASP 'L-peptide linking' y 'ASPARTIC ACID' ? 'C4 H7 N O4'     133.103 
CYS 'L-peptide linking' y CYSTEINE        ? 'C3 H7 N O2 S'   121.158 
GLN 'L-peptide linking' y GLUTAMINE       ? 'C5 H10 N2 O3'   146.144 
GLU 'L-peptide linking' y 'GLUTAMIC ACID' ? 'C5 H9 N O4'     147.129 
GLY 'peptide linking'   y GLYCINE         ? 'C2 H5 N O2'     75.067  
HIS 'L-peptide linking' y HISTIDINE       ? 'C6 H10 N3 O2 1' 156.162 
HOH non-polymer         . WATER           ? 'H2 O'           18.015  
ILE 'L-peptide linking' y ISOLEUCINE      ? 'C6 H13 N O2'    131.173 
LEU 'L-peptide linking' y LEUCINE         ? 'C6 H13 N O2'    131.173 
LYS 'L-peptide linking' y LYSINE          ? 'C6 H15 N2 O2 1' 147.195 
MET 'L-peptide linking' y METHIONINE      ? 'C5 H11 N O2 S'  149.211 
PHE 'L-peptide linking' y PHENYLALANINE   ? 'C9 H11 N O2'    165.189 
PRO 'L-peptide linking' y PROLINE         ? 'C5 H9 N O2'     115.130 
SER 'L-peptide linking' y SERINE          ? 'C3 H7 N O3'     105.093 
THR 'L-peptide linking' y THREONINE       ? 'C4 H9 N O3'     119.119 
TYR 'L-peptide linking' y TYROSINE        ? 'C9 H11 N O3'    181.189 
VAL 'L-peptide linking' y VALINE          ? 'C5 H11 N O2'    117.146 
# 
loop_
_pdbx_poly_seq_scheme.asym_id 
_pdbx_poly_seq_scheme.entity_id 
_pdbx_poly_seq_scheme.seq_id 
_pdbx_poly_seq_scheme.mon_id 
_pdbx_poly_seq_scheme.ndb_seq_num 
_pdbx_poly_seq_scheme.pdb_seq_num 
_pdbx_poly_seq_scheme.auth_seq_num 
_pdbx_poly_seq_scheme.pdb_mon_id 
_pdbx_poly_seq_scheme.auth_mon_id 
_pdbx_poly_seq_scheme.pdb_strand_id 
_pdbx_poly_seq_scheme.pdb_ins_code 
_pdbx_poly_seq_scheme.hetero 
A 1 1   GLY 1   -1  ?   ?   ?   A . n 
A 1 2   PRO 2   0   0   PRO PRO A . n 
A 1 3   MET 3   1   1   MET MET A . n 
A 1 4   LYS 4   2   2   LYS LYS A . n 
A 1 5   ALA 5   3   3   ALA ALA A . n 
A 1 6   SER 6   4   4   SER SER A . n 
A 1 7   LEU 7   5   5   LEU LEU A . n 
A 1 8   THR 8   6   6   THR THR A . n 
A 1 9   PHE 9   7   7   PHE PHE A . n 
A 1 10  SER 10  8   8   SER SER A . n 
A 1 11  LEU 11  9   9   LEU LEU A . n 
A 1 12  SER 12  10  10  SER SER A . n 
A 1 13  GLY 13  11  11  GLY GLY A . n 
A 1 14  ILE 14  12  12  ILE ILE A . n 
A 1 15  TYR 15  13  13  TYR TYR A . n 
A 1 16  ALA 16  14  14  ALA ALA A . n 
A 1 17  PRO 17  15  15  PRO PRO A . n 
A 1 18  CYS 18  16  16  CYS CYS A . n 
A 1 19  SER 19  17  17  SER SER A . n 
A 1 20  ILE 20  18  18  ILE ILE A . n 
A 1 21  SER 21  19  19  SER SER A . n 
A 1 22  ARG 22  20  20  ARG ARG A . n 
A 1 23  ASP 23  21  21  ASP ASP A . n 
A 1 24  ILE 24  22  22  ILE ILE A . n 
A 1 25  TYR 25  23  23  TYR TYR A . n 
A 1 26  LEU 26  24  24  LEU LEU A . n 
A 1 27  GLU 27  25  25  GLU GLU A . n 
A 1 28  TYR 28  26  26  TYR TYR A . n 
A 1 29  GLY 29  27  27  GLY GLY A . n 
A 1 30  ASP 30  28  28  ASP ASP A . n 
A 1 31  LYS 31  29  29  LYS LYS A . n 
A 1 32  LYS 32  30  30  LYS LYS A . n 
A 1 33  ALA 33  31  31  ALA ALA A . n 
A 1 34  GLU 34  32  32  GLU GLU A . n 
A 1 35  CYS 35  33  33  CYS CYS A . n 
A 1 36  LEU 36  34  34  LEU LEU A . n 
A 1 37  TYR 37  35  35  TYR TYR A . n 
A 1 38  GLY 38  36  36  GLY GLY A . n 
A 1 39  THR 39  37  37  THR THR A . n 
A 1 40  ILE 40  38  38  ILE ILE A . n 
A 1 41  ARG 41  39  39  ARG ARG A . n 
A 1 42  LEU 42  40  40  LEU LEU A . n 
A 1 43  PRO 43  41  41  PRO PRO A . n 
A 1 44  GLN 44  42  42  GLN GLN A . n 
A 1 45  TYR 45  43  43  TYR TYR A . n 
A 1 46  GLY 46  44  44  GLY GLY A . n 
A 1 47  PRO 47  45  45  PRO PRO A . n 
A 1 48  GLY 48  46  46  GLY GLY A . n 
A 1 49  CYS 49  47  47  CYS CYS A . n 
A 1 50  THR 50  48  48  THR THR A . n 
A 1 51  PRO 51  49  49  PRO PRO A . n 
A 1 52  GLY 52  50  50  GLY GLY A . n 
A 1 53  LYS 53  51  51  LYS LYS A . n 
A 1 54  ILE 54  52  52  ILE ILE A . n 
A 1 55  VAL 55  53  53  VAL VAL A . n 
A 1 56  HIS 56  54  54  HIS HIS A . n 
A 1 57  CYS 57  55  55  CYS CYS A . n 
A 1 58  VAL 58  56  56  VAL VAL A . n 
A 1 59  LEU 59  57  57  LEU LEU A . n 
A 1 60  ASP 60  58  58  ASP ASP A . n 
A 1 61  ASP 61  59  59  ASP ASP A . n 
A 1 62  SER 62  60  60  SER SER A . n 
A 1 63  LEU 63  61  61  LEU LEU A . n 
A 1 64  PRO 64  62  62  PRO PRO A . n 
A 1 65  PHE 65  63  63  PHE PHE A . n 
A 1 66  CYS 66  64  64  CYS CYS A . n 
A 1 67  SER 67  65  65  SER SER A . n 
A 1 68  ILE 68  66  66  ILE ILE A . n 
A 1 69  VAL 69  67  67  VAL VAL A . n 
A 1 70  VAL 70  68  68  VAL VAL A . n 
A 1 71  PRO 71  69  69  PRO PRO A . n 
A 1 72  SER 72  70  70  SER SER A . n 
A 1 73  LYS 73  71  71  LYS LYS A . n 
A 1 74  LEU 74  72  72  LEU LEU A . n 
A 1 75  PHE 75  73  73  PHE PHE A . n 
A 1 76  GLY 76  74  74  GLY GLY A . n 
A 1 77  PHE 77  75  75  PHE PHE A . n 
A 1 78  MET 78  76  76  MET MET A . n 
A 1 79  PRO 79  77  77  PRO PRO A . n 
A 1 80  THR 80  78  78  THR THR A . n 
A 1 81  GLN 81  79  79  GLN GLN A . n 
A 1 82  PRO 82  80  80  PRO PRO A . n 
A 1 83  THR 83  81  81  THR THR A . n 
A 1 84  MET 84  82  82  MET MET A . n 
A 1 85  ASP 85  83  83  ASP ASP A . n 
A 1 86  PHE 86  84  84  PHE PHE A . n 
A 1 87  CYS 87  85  85  CYS CYS A . n 
A 1 88  TYR 88  86  86  TYR TYR A . n 
A 1 89  PHE 89  87  87  PHE PHE A . n 
A 1 90  GLU 90  88  88  GLU GLU A . n 
A 1 91  PRO 91  89  89  PRO PRO A . n 
A 1 92  ILE 92  90  90  ILE ILE A . n 
A 1 93  LEU 93  91  91  LEU LEU A . n 
A 1 94  ASP 94  92  92  ASP ASP A . n 
A 1 95  ASN 95  93  93  ASN ASN A . n 
A 1 96  VAL 96  94  94  VAL VAL A . n 
A 1 97  VAL 97  95  95  VAL VAL A . n 
A 1 98  PRO 98  96  96  PRO PRO A . n 
A 1 99  VAL 99  97  97  VAL VAL A . n 
A 1 100 LEU 100 98  98  LEU LEU A . n 
A 1 101 ASP 101 99  99  ASP ASP A . n 
A 1 102 SER 102 100 100 SER SER A . n 
A 1 103 VAL 103 101 101 VAL VAL A . n 
A 1 104 THR 104 102 102 THR THR A . n 
A 1 105 PHE 105 103 103 PHE PHE A . n 
A 1 106 LEU 106 104 104 LEU LEU A . n 
A 1 107 ILE 107 105 105 ILE ILE A . n 
A 1 108 ASN 108 106 106 ASN ASN A . n 
A 1 109 GLU 109 107 107 GLU GLU A . n 
A 1 110 GLN 110 108 108 GLN GLN A . n 
A 1 111 LEU 111 109 109 LEU LEU A . n 
A 1 112 TYR 112 110 110 TYR TYR A . n 
A 1 113 SER 113 111 111 SER SER A . n 
A 1 114 LYS 114 112 112 LYS LYS A . n 
A 1 115 LEU 115 113 113 LEU LEU A . n 
A 1 116 MET 116 114 114 MET MET A . n 
A 1 117 ASP 117 115 115 ASP ASP A . n 
A 1 118 LEU 118 116 116 LEU LEU A . n 
A 1 119 PRO 119 117 117 PRO PRO A . n 
A 1 120 GLN 120 118 118 GLN GLN A . n 
A 1 121 GLU 121 119 119 GLU GLU A . n 
A 1 122 MET 122 120 120 MET MET A . n 
A 1 123 GLN 123 121 121 GLN GLN A . n 
A 1 124 GLN 124 122 122 GLN GLN A . n 
A 1 125 ILE 125 123 123 ILE ILE A . n 
A 1 126 GLN 126 124 124 GLN GLN A . n 
A 1 127 PHE 127 125 125 PHE PHE A . n 
A 1 128 LEU 128 126 126 LEU LEU A . n 
A 1 129 HIS 129 127 127 HIS HIS A . n 
A 1 130 TYR 130 128 128 TYR TYR A . n 
A 1 131 LYS 131 129 129 LYS LYS A . n 
A 1 132 TYR 132 130 130 TYR TYR A . n 
A 1 133 ASN 133 131 131 ASN ASN A . n 
A 1 134 ILE 134 132 132 ILE ILE A . n 
A 1 135 ASN 135 133 133 ASN ASN A . n 
A 1 136 SER 136 134 134 SER SER A . n 
A 1 137 MET 137 135 135 MET MET A . n 
A 1 138 GLU 138 136 136 GLU GLU A . n 
A 1 139 THR 139 137 137 THR THR A . n 
A 1 140 VAL 140 138 138 VAL VAL A . n 
A 1 141 VAL 141 139 139 VAL VAL A . n 
A 1 142 HIS 142 140 140 HIS HIS A . n 
A 1 143 SER 143 141 141 SER SER A . n 
A 1 144 ARG 144 142 142 ARG ARG A . n 
A 1 145 ASP 145 143 143 ASP ASP A . n 
A 1 146 ILE 146 144 144 ILE ILE A . n 
A 1 147 LEU 147 145 145 LEU LEU A . n 
A 1 148 THR 148 146 146 THR THR A . n 
A 1 149 SER 149 147 147 SER SER A . n 
A 1 150 GLY 150 148 148 GLY GLY A . n 
A 1 151 LEU 151 149 149 LEU LEU A . n 
A 1 152 CYS 152 150 150 CYS CYS A . n 
A 1 153 GLN 153 151 151 GLN GLN A . n 
A 1 154 ILE 154 152 152 ILE ILE A . n 
A 1 155 LEU 155 153 153 LEU LEU A . n 
A 1 156 ASN 156 154 154 ASN ASN A . n 
A 1 157 CYS 157 155 155 CYS CYS A . n 
A 1 158 SER 158 156 156 SER SER A . n 
A 1 159 PRO 159 157 157 PRO PRO A . n 
A 1 160 PHE 160 158 158 PHE PHE A . n 
A 1 161 PRO 161 159 159 PRO PRO A . n 
A 1 162 GLN 162 160 160 GLN GLN A . n 
A 1 163 GLY 163 161 161 GLY GLY A . n 
A 1 164 LEU 164 162 162 LEU LEU A . n 
A 1 165 VAL 165 163 163 VAL VAL A . n 
A 1 166 ASP 166 164 164 ASP ASP A . n 
A 1 167 PHE 167 165 165 PHE PHE A . n 
A 1 168 THR 168 166 166 THR THR A . n 
A 1 169 GLU 169 167 167 GLU GLU A . n 
A 1 170 THR 170 168 168 THR THR A . n 
A 1 171 GLN 171 169 169 GLN GLN A . n 
A 1 172 LEU 172 170 170 LEU LEU A . n 
A 1 173 ILE 173 171 171 ILE ILE A . n 
A 1 174 LEU 174 172 172 LEU LEU A . n 
A 1 175 VAL 175 173 173 VAL VAL A . n 
A 1 176 ASN 176 174 174 ASN ASN A . n 
A 1 177 ASP 177 175 175 ASP ASP A . n 
A 1 178 THR 178 176 ?   ?   ?   A . n 
A 1 179 GLU 179 177 ?   ?   ?   A . n 
A 1 180 GLN 180 178 ?   ?   ?   A . n 
A 1 181 LYS 181 179 ?   ?   ?   A . n 
A 1 182 LEU 182 180 ?   ?   ?   A . n 
A 1 183 SER 183 181 ?   ?   ?   A . n 
A 1 184 ALA 184 182 ?   ?   ?   A . n 
A 1 185 LEU 185 183 ?   ?   ?   A . n 
A 1 186 LYS 186 184 ?   ?   ?   A . n 
# 
loop_
_pdbx_nonpoly_scheme.asym_id 
_pdbx_nonpoly_scheme.entity_id 
_pdbx_nonpoly_scheme.mon_id 
_pdbx_nonpoly_scheme.ndb_seq_num 
_pdbx_nonpoly_scheme.pdb_seq_num 
_pdbx_nonpoly_scheme.auth_seq_num 
_pdbx_nonpoly_scheme.pdb_mon_id 
_pdbx_nonpoly_scheme.auth_mon_id 
_pdbx_nonpoly_scheme.pdb_strand_id 
_pdbx_nonpoly_scheme.pdb_ins_code 
B 2 HOH 1  201 56 HOH HOH A . 
B 2 HOH 2  202 25 HOH HOH A . 
B 2 HOH 3  203 28 HOH HOH A . 
B 2 HOH 4  204 68 HOH HOH A . 
B 2 HOH 5  205 60 HOH HOH A . 
B 2 HOH 6  206 11 HOH HOH A . 
B 2 HOH 7  207 19 HOH HOH A . 
B 2 HOH 8  208 8  HOH HOH A . 
B 2 HOH 9  209 1  HOH HOH A . 
B 2 HOH 10 210 87 HOH HOH A . 
B 2 HOH 11 211 13 HOH HOH A . 
B 2 HOH 12 212 78 HOH HOH A . 
B 2 HOH 13 213 18 HOH HOH A . 
B 2 HOH 14 214 10 HOH HOH A . 
B 2 HOH 15 215 72 HOH HOH A . 
B 2 HOH 16 216 27 HOH HOH A . 
B 2 HOH 17 217 74 HOH HOH A . 
B 2 HOH 18 218 22 HOH HOH A . 
B 2 HOH 19 219 46 HOH HOH A . 
B 2 HOH 20 220 34 HOH HOH A . 
B 2 HOH 21 221 6  HOH HOH A . 
B 2 HOH 22 222 23 HOH HOH A . 
B 2 HOH 23 223 4  HOH HOH A . 
B 2 HOH 24 224 44 HOH HOH A . 
B 2 HOH 25 225 59 HOH HOH A . 
B 2 HOH 26 226 12 HOH HOH A . 
B 2 HOH 27 227 66 HOH HOH A . 
B 2 HOH 28 228 40 HOH HOH A . 
B 2 HOH 29 229 47 HOH HOH A . 
B 2 HOH 30 230 32 HOH HOH A . 
B 2 HOH 31 231 39 HOH HOH A . 
B 2 HOH 32 232 3  HOH HOH A . 
B 2 HOH 33 233 16 HOH HOH A . 
B 2 HOH 34 234 20 HOH HOH A . 
B 2 HOH 35 235 37 HOH HOH A . 
B 2 HOH 36 236 48 HOH HOH A . 
B 2 HOH 37 237 64 HOH HOH A . 
B 2 HOH 38 238 15 HOH HOH A . 
B 2 HOH 39 239 55 HOH HOH A . 
B 2 HOH 40 240 36 HOH HOH A . 
B 2 HOH 41 241 42 HOH HOH A . 
B 2 HOH 42 242 57 HOH HOH A . 
B 2 HOH 43 243 26 HOH HOH A . 
B 2 HOH 44 244 31 HOH HOH A . 
B 2 HOH 45 245 24 HOH HOH A . 
B 2 HOH 46 246 33 HOH HOH A . 
B 2 HOH 47 247 43 HOH HOH A . 
B 2 HOH 48 248 14 HOH HOH A . 
B 2 HOH 49 249 7  HOH HOH A . 
B 2 HOH 50 250 17 HOH HOH A . 
B 2 HOH 51 251 41 HOH HOH A . 
B 2 HOH 52 252 21 HOH HOH A . 
B 2 HOH 53 253 45 HOH HOH A . 
B 2 HOH 54 254 79 HOH HOH A . 
B 2 HOH 55 255 85 HOH HOH A . 
B 2 HOH 56 256 9  HOH HOH A . 
B 2 HOH 57 257 5  HOH HOH A . 
B 2 HOH 58 258 50 HOH HOH A . 
B 2 HOH 59 259 30 HOH HOH A . 
B 2 HOH 60 260 69 HOH HOH A . 
B 2 HOH 61 261 29 HOH HOH A . 
B 2 HOH 62 262 81 HOH HOH A . 
B 2 HOH 63 263 52 HOH HOH A . 
B 2 HOH 64 264 84 HOH HOH A . 
B 2 HOH 65 265 80 HOH HOH A . 
B 2 HOH 66 266 83 HOH HOH A . 
B 2 HOH 67 267 62 HOH HOH A . 
B 2 HOH 68 268 2  HOH HOH A . 
B 2 HOH 69 269 89 HOH HOH A . 
B 2 HOH 70 270 70 HOH HOH A . 
B 2 HOH 71 271 65 HOH HOH A . 
B 2 HOH 72 272 49 HOH HOH A . 
B 2 HOH 73 273 58 HOH HOH A . 
B 2 HOH 74 274 67 HOH HOH A . 
B 2 HOH 75 275 54 HOH HOH A . 
B 2 HOH 76 276 61 HOH HOH A . 
B 2 HOH 77 277 82 HOH HOH A . 
B 2 HOH 78 278 35 HOH HOH A . 
B 2 HOH 79 279 63 HOH HOH A . 
B 2 HOH 80 280 90 HOH HOH A . 
B 2 HOH 81 281 86 HOH HOH A . 
B 2 HOH 82 282 53 HOH HOH A . 
B 2 HOH 83 283 76 HOH HOH A . 
B 2 HOH 84 284 75 HOH HOH A . 
B 2 HOH 85 285 38 HOH HOH A . 
B 2 HOH 86 286 73 HOH HOH A . 
B 2 HOH 87 287 88 HOH HOH A . 
B 2 HOH 88 288 91 HOH HOH A . 
B 2 HOH 89 289 71 HOH HOH A . 
B 2 HOH 90 290 51 HOH HOH A . 
B 2 HOH 91 291 77 HOH HOH A . 
# 
loop_
_software.citation_id 
_software.classification 
_software.compiler_name 
_software.compiler_version 
_software.contact_author 
_software.contact_author_email 
_software.date 
_software.description 
_software.dependencies 
_software.hardware 
_software.language 
_software.location 
_software.mods 
_software.name 
_software.os 
_software.os_version 
_software.type 
_software.version 
_software.pdbx_ordinal 
? phasing          ? ? ? ? ? ? ? ? ? ? ? PHENIX ? ? ? 1.20.1_4487   1 
? refinement       ? ? ? ? ? ? ? ? ? ? ? PHENIX ? ? ? 1.20.1_4487   2 
? 'model building' ? ? ? ? ? ? ? ? ? ? ? Coot   ? ? ? '0.9.4.1 / 2' 3 
# 
_cell.angle_alpha                  90.000 
_cell.angle_alpha_esd              ? 
_cell.angle_beta                   90.000 
_cell.angle_beta_esd               ? 
_cell.angle_gamma                  120.000 
_cell.angle_gamma_esd              ? 
_cell.entry_id                     8U0X 
_cell.details                      ? 
_cell.formula_units_Z              ? 
_cell.length_a                     85.317 
_cell.length_a_esd                 ? 
_cell.length_b                     85.317 
_cell.length_b_esd                 ? 
_cell.length_c                     51.192 
_cell.length_c_esd                 ? 
_cell.volume                       322703.652 
_cell.volume_esd                   ? 
_cell.Z_PDB                        6 
_cell.reciprocal_angle_alpha       ? 
_cell.reciprocal_angle_beta        ? 
_cell.reciprocal_angle_gamma       ? 
_cell.reciprocal_angle_alpha_esd   ? 
_cell.reciprocal_angle_beta_esd    ? 
_cell.reciprocal_angle_gamma_esd   ? 
_cell.reciprocal_length_a          ? 
_cell.reciprocal_length_b          ? 
_cell.reciprocal_length_c          ? 
_cell.reciprocal_length_a_esd      ? 
_cell.reciprocal_length_b_esd      ? 
_cell.reciprocal_length_c_esd      ? 
_cell.pdbx_unique_axis             ? 
_cell.pdbx_esd_method              ? 
# 
_symmetry.entry_id                         8U0X 
_symmetry.cell_setting                     ? 
_symmetry.Int_Tables_number                150 
_symmetry.space_group_name_Hall            
;P 3 2"
;
_symmetry.space_group_name_H-M             'P 3 2 1' 
_symmetry.pdbx_full_space_group_name_H-M   ? 
# 
_exptl.absorpt_coefficient_mu     ? 
_exptl.absorpt_correction_T_max   ? 
_exptl.absorpt_correction_T_min   ? 
_exptl.absorpt_correction_type    ? 
_exptl.absorpt_process_details    ? 
_exptl.entry_id                   8U0X 
_exptl.crystals_number            1 
_exptl.details                    ? 
_exptl.method                     'X-RAY DIFFRACTION' 
_exptl.method_details             ? 
# 
_exptl_crystal.colour                       ? 
_exptl_crystal.density_diffrn               ? 
_exptl_crystal.density_Matthews             2.57 
_exptl_crystal.density_method               ? 
_exptl_crystal.density_percent_sol          52.18 
_exptl_crystal.description                  ? 
_exptl_crystal.F_000                        ? 
_exptl_crystal.id                           1 
_exptl_crystal.preparation                  ? 
_exptl_crystal.size_max                     ? 
_exptl_crystal.size_mid                     ? 
_exptl_crystal.size_min                     ? 
_exptl_crystal.size_rad                     ? 
_exptl_crystal.colour_lustre                ? 
_exptl_crystal.colour_modifier              ? 
_exptl_crystal.colour_primary               ? 
_exptl_crystal.density_meas                 ? 
_exptl_crystal.density_meas_esd             ? 
_exptl_crystal.density_meas_gt              ? 
_exptl_crystal.density_meas_lt              ? 
_exptl_crystal.density_meas_temp            ? 
_exptl_crystal.density_meas_temp_esd        ? 
_exptl_crystal.density_meas_temp_gt         ? 
_exptl_crystal.density_meas_temp_lt         ? 
_exptl_crystal.pdbx_crystal_image_url       ? 
_exptl_crystal.pdbx_crystal_image_format    ? 
_exptl_crystal.pdbx_mosaicity               ? 
_exptl_crystal.pdbx_mosaicity_esd           ? 
_exptl_crystal.pdbx_mosaic_method           ? 
_exptl_crystal.pdbx_mosaic_block_size       ? 
_exptl_crystal.pdbx_mosaic_block_size_esd   ? 
# 
_exptl_crystal_grow.apparatus       ? 
_exptl_crystal_grow.atmosphere      ? 
_exptl_crystal_grow.crystal_id      1 
_exptl_crystal_grow.details         ? 
_exptl_crystal_grow.method          'VAPOR DIFFUSION, HANGING DROP' 
_exptl_crystal_grow.method_ref      ? 
_exptl_crystal_grow.pH              5 
_exptl_crystal_grow.pressure        ? 
_exptl_crystal_grow.pressure_esd    ? 
_exptl_crystal_grow.seeding         ? 
_exptl_crystal_grow.seeding_ref     ? 
_exptl_crystal_grow.temp_details    ? 
_exptl_crystal_grow.temp_esd        ? 
_exptl_crystal_grow.time            ? 
_exptl_crystal_grow.pdbx_details    '0.8 M LiCl, 0.1 M citric acid pH 5, 16% PEG6000' 
_exptl_crystal_grow.pdbx_pH_range   ? 
_exptl_crystal_grow.temp            298 
# 
_diffrn.ambient_environment              ? 
_diffrn.ambient_temp                     100 
_diffrn.ambient_temp_details             ? 
_diffrn.ambient_temp_esd                 ? 
_diffrn.crystal_id                       1 
_diffrn.crystal_support                  ? 
_diffrn.crystal_treatment                ? 
_diffrn.details                          ? 
_diffrn.id                               1 
_diffrn.ambient_pressure                 ? 
_diffrn.ambient_pressure_esd             ? 
_diffrn.ambient_pressure_gt              ? 
_diffrn.ambient_pressure_lt              ? 
_diffrn.ambient_temp_gt                  ? 
_diffrn.ambient_temp_lt                  ? 
_diffrn.pdbx_serial_crystal_experiment   N 
# 
_diffrn_detector.details                      ? 
_diffrn_detector.detector                     PIXEL 
_diffrn_detector.diffrn_id                    1 
_diffrn_detector.type                         'DECTRIS PILATUS3 S 6M' 
_diffrn_detector.area_resol_mean              ? 
_diffrn_detector.dtime                        ? 
_diffrn_detector.pdbx_frames_total            ? 
_diffrn_detector.pdbx_collection_time_total   ? 
_diffrn_detector.pdbx_collection_date         2016-09-14 
_diffrn_detector.pdbx_frequency               ? 
_diffrn_detector.id                           ? 
_diffrn_detector.number_of_axes               ? 
# 
_diffrn_radiation.collimation                      ? 
_diffrn_radiation.diffrn_id                        1 
_diffrn_radiation.filter_edge                      ? 
_diffrn_radiation.inhomogeneity                    ? 
_diffrn_radiation.monochromator                    ? 
_diffrn_radiation.polarisn_norm                    ? 
_diffrn_radiation.polarisn_ratio                   ? 
_diffrn_radiation.probe                            ? 
_diffrn_radiation.type                             ? 
_diffrn_radiation.xray_symbol                      ? 
_diffrn_radiation.wavelength_id                    1 
_diffrn_radiation.pdbx_monochromatic_or_laue_m_l   M 
_diffrn_radiation.pdbx_wavelength_list             ? 
_diffrn_radiation.pdbx_wavelength                  ? 
_diffrn_radiation.pdbx_diffrn_protocol             'SINGLE WAVELENGTH' 
_diffrn_radiation.pdbx_analyzer                    ? 
_diffrn_radiation.pdbx_scattering_type             x-ray 
# 
_diffrn_radiation_wavelength.id           1 
_diffrn_radiation_wavelength.wavelength   1.1158 
_diffrn_radiation_wavelength.wt           1.0 
# 
_diffrn_source.current                     ? 
_diffrn_source.details                     ? 
_diffrn_source.diffrn_id                   1 
_diffrn_source.power                       ? 
_diffrn_source.size                        ? 
_diffrn_source.source                      SYNCHROTRON 
_diffrn_source.target                      ? 
_diffrn_source.type                        'ALS BEAMLINE 8.3.1' 
_diffrn_source.voltage                     ? 
_diffrn_source.take-off_angle              ? 
_diffrn_source.pdbx_wavelength_list        1.1158 
_diffrn_source.pdbx_wavelength             ? 
_diffrn_source.pdbx_synchrotron_beamline   8.3.1 
_diffrn_source.pdbx_synchrotron_site       ALS 
# 
_reflns.B_iso_Wilson_estimate                          28.66 
_reflns.entry_id                                       8U0X 
_reflns.data_reduction_details                         ? 
_reflns.data_reduction_method                          ? 
_reflns.d_resolution_high                              1.86 
_reflns.d_resolution_low                               73.89 
_reflns.details                                        ? 
_reflns.limit_h_max                                    ? 
_reflns.limit_h_min                                    ? 
_reflns.limit_k_max                                    ? 
_reflns.limit_k_min                                    ? 
_reflns.limit_l_max                                    ? 
_reflns.limit_l_min                                    ? 
_reflns.number_all                                     ? 
_reflns.number_obs                                     18315 
_reflns.observed_criterion                             ? 
_reflns.observed_criterion_F_max                       ? 
_reflns.observed_criterion_F_min                       ? 
_reflns.observed_criterion_I_max                       ? 
_reflns.observed_criterion_I_min                       ? 
_reflns.observed_criterion_sigma_F                     ? 
_reflns.observed_criterion_sigma_I                     ? 
_reflns.percent_possible_obs                           99.93 
_reflns.R_free_details                                 ? 
_reflns.Rmerge_F_all                                   ? 
_reflns.Rmerge_F_obs                                   ? 
_reflns.Friedel_coverage                               ? 
_reflns.number_gt                                      ? 
_reflns.threshold_expression                           ? 
_reflns.pdbx_redundancy                                1 
_reflns.pdbx_netI_over_av_sigmaI                       ? 
_reflns.pdbx_netI_over_sigmaI                          20.2 
_reflns.pdbx_res_netI_over_av_sigmaI_2                 ? 
_reflns.pdbx_res_netI_over_sigmaI_2                    ? 
_reflns.pdbx_chi_squared                               ? 
_reflns.pdbx_scaling_rejects                           ? 
_reflns.pdbx_d_res_high_opt                            ? 
_reflns.pdbx_d_res_low_opt                             ? 
_reflns.pdbx_d_res_opt_method                          ? 
_reflns.phase_calculation_details                      ? 
_reflns.pdbx_Rrim_I_all                                0.091 
_reflns.pdbx_Rpim_I_all                                0.024 
_reflns.pdbx_d_opt                                     ? 
_reflns.pdbx_number_measured_all                       ? 
_reflns.pdbx_diffrn_id                                 1 
_reflns.pdbx_ordinal                                   1 
_reflns.pdbx_CC_half                                   0.999 
_reflns.pdbx_CC_star                                   ? 
_reflns.pdbx_R_split                                   ? 
_reflns.pdbx_Rmerge_I_obs                              0.088 
_reflns.pdbx_Rmerge_I_all                              ? 
_reflns.pdbx_Rsym_value                                ? 
_reflns.pdbx_CC_split_method                           ? 
_reflns.pdbx_aniso_diffraction_limit_axis_1_ortho[1]   ? 
_reflns.pdbx_aniso_diffraction_limit_axis_1_ortho[2]   ? 
_reflns.pdbx_aniso_diffraction_limit_axis_1_ortho[3]   ? 
_reflns.pdbx_aniso_diffraction_limit_axis_2_ortho[1]   ? 
_reflns.pdbx_aniso_diffraction_limit_axis_2_ortho[2]   ? 
_reflns.pdbx_aniso_diffraction_limit_axis_2_ortho[3]   ? 
_reflns.pdbx_aniso_diffraction_limit_axis_3_ortho[1]   ? 
_reflns.pdbx_aniso_diffraction_limit_axis_3_ortho[2]   ? 
_reflns.pdbx_aniso_diffraction_limit_axis_3_ortho[3]   ? 
_reflns.pdbx_aniso_diffraction_limit_1                 ? 
_reflns.pdbx_aniso_diffraction_limit_2                 ? 
_reflns.pdbx_aniso_diffraction_limit_3                 ? 
_reflns.pdbx_aniso_B_tensor_eigenvector_1_ortho[1]     ? 
_reflns.pdbx_aniso_B_tensor_eigenvector_1_ortho[2]     ? 
_reflns.pdbx_aniso_B_tensor_eigenvector_1_ortho[3]     ? 
_reflns.pdbx_aniso_B_tensor_eigenvector_2_ortho[1]     ? 
_reflns.pdbx_aniso_B_tensor_eigenvector_2_ortho[2]     ? 
_reflns.pdbx_aniso_B_tensor_eigenvector_2_ortho[3]     ? 
_reflns.pdbx_aniso_B_tensor_eigenvector_3_ortho[1]     ? 
_reflns.pdbx_aniso_B_tensor_eigenvector_3_ortho[2]     ? 
_reflns.pdbx_aniso_B_tensor_eigenvector_3_ortho[3]     ? 
_reflns.pdbx_aniso_B_tensor_eigenvalue_1               ? 
_reflns.pdbx_aniso_B_tensor_eigenvalue_2               ? 
_reflns.pdbx_aniso_B_tensor_eigenvalue_3               ? 
_reflns.pdbx_orthogonalization_convention              ? 
_reflns.pdbx_percent_possible_ellipsoidal              ? 
_reflns.pdbx_percent_possible_spherical                ? 
_reflns.pdbx_percent_possible_ellipsoidal_anomalous    ? 
_reflns.pdbx_percent_possible_spherical_anomalous      ? 
_reflns.pdbx_redundancy_anomalous                      ? 
_reflns.pdbx_CC_half_anomalous                         ? 
_reflns.pdbx_absDiff_over_sigma_anomalous              ? 
_reflns.pdbx_percent_possible_anomalous                ? 
_reflns.pdbx_observed_signal_threshold                 ? 
_reflns.pdbx_signal_type                               ? 
_reflns.pdbx_signal_details                            ? 
_reflns.pdbx_signal_software_id                        ? 
# 
loop_
_reflns_shell.d_res_high 
_reflns_shell.d_res_low 
_reflns_shell.meanI_over_sigI_all 
_reflns_shell.meanI_over_sigI_obs 
_reflns_shell.number_measured_all 
_reflns_shell.number_measured_obs 
_reflns_shell.number_possible 
_reflns_shell.number_unique_all 
_reflns_shell.number_unique_obs 
_reflns_shell.percent_possible_obs 
_reflns_shell.Rmerge_F_all 
_reflns_shell.Rmerge_F_obs 
_reflns_shell.meanI_over_sigI_gt 
_reflns_shell.meanI_over_uI_all 
_reflns_shell.meanI_over_uI_gt 
_reflns_shell.number_measured_gt 
_reflns_shell.number_unique_gt 
_reflns_shell.percent_possible_gt 
_reflns_shell.Rmerge_F_gt 
_reflns_shell.Rmerge_I_gt 
_reflns_shell.pdbx_redundancy 
_reflns_shell.pdbx_chi_squared 
_reflns_shell.pdbx_netI_over_sigmaI_all 
_reflns_shell.pdbx_netI_over_sigmaI_obs 
_reflns_shell.pdbx_Rrim_I_all 
_reflns_shell.pdbx_Rpim_I_all 
_reflns_shell.pdbx_rejects 
_reflns_shell.pdbx_ordinal 
_reflns_shell.pdbx_diffrn_id 
_reflns_shell.pdbx_CC_half 
_reflns_shell.pdbx_CC_star 
_reflns_shell.pdbx_R_split 
_reflns_shell.percent_possible_all 
_reflns_shell.Rmerge_I_all 
_reflns_shell.Rmerge_I_obs 
_reflns_shell.pdbx_Rsym_value 
_reflns_shell.pdbx_percent_possible_ellipsoidal 
_reflns_shell.pdbx_percent_possible_spherical 
_reflns_shell.pdbx_percent_possible_ellipsoidal_anomalous 
_reflns_shell.pdbx_percent_possible_spherical_anomalous 
_reflns_shell.pdbx_redundancy_anomalous 
_reflns_shell.pdbx_CC_half_anomalous 
_reflns_shell.pdbx_absDiff_over_sigma_anomalous 
_reflns_shell.pdbx_percent_possible_anomalous 
1.863 1.895  ? 2.3  ? ? ? ? 927 ? ? ? ? ? ? ? ? ? ? ? ? ? ? ? 1.411 0.369 ? 1 1 0.784 ? ? 100  ? 1.361 ? ? ? ? ? ? ? ? ? 
5.056 73.887 ? 59.4 ? ? ? ? 990 ? ? ? ? ? ? ? ? ? ? ? ? ? ? ? 0.034 0.009 ? 2 1 0.999 ? ? 99.8 ? 0.033 ? ? ? ? ? ? ? ? ? 
# 
_refine.aniso_B[1][1]                            ? 
_refine.aniso_B[1][2]                            ? 
_refine.aniso_B[1][3]                            ? 
_refine.aniso_B[2][2]                            ? 
_refine.aniso_B[2][3]                            ? 
_refine.aniso_B[3][3]                            ? 
_refine.B_iso_max                                ? 
_refine.B_iso_mean                               38.38 
_refine.B_iso_min                                ? 
_refine.correlation_coeff_Fo_to_Fc               ? 
_refine.correlation_coeff_Fo_to_Fc_free          ? 
_refine.details                                  ? 
_refine.diff_density_max                         ? 
_refine.diff_density_max_esd                     ? 
_refine.diff_density_min                         ? 
_refine.diff_density_min_esd                     ? 
_refine.diff_density_rms                         ? 
_refine.diff_density_rms_esd                     ? 
_refine.entry_id                                 8U0X 
_refine.pdbx_refine_id                           'X-RAY DIFFRACTION' 
_refine.ls_abs_structure_details                 ? 
_refine.ls_abs_structure_Flack                   ? 
_refine.ls_abs_structure_Flack_esd               ? 
_refine.ls_abs_structure_Rogers                  ? 
_refine.ls_abs_structure_Rogers_esd              ? 
_refine.ls_d_res_high                            1.86 
_refine.ls_d_res_low                             73.89 
_refine.ls_extinction_coef                       ? 
_refine.ls_extinction_coef_esd                   ? 
_refine.ls_extinction_expression                 ? 
_refine.ls_extinction_method                     ? 
_refine.ls_goodness_of_fit_all                   ? 
_refine.ls_goodness_of_fit_all_esd               ? 
_refine.ls_goodness_of_fit_obs                   ? 
_refine.ls_goodness_of_fit_obs_esd               ? 
_refine.ls_hydrogen_treatment                    ? 
_refine.ls_matrix_type                           ? 
_refine.ls_number_constraints                    ? 
_refine.ls_number_parameters                     ? 
_refine.ls_number_reflns_all                     ? 
_refine.ls_number_reflns_obs                     18306 
_refine.ls_number_reflns_R_free                  951 
_refine.ls_number_reflns_R_work                  17355 
_refine.ls_number_restraints                     ? 
_refine.ls_percent_reflns_obs                    99.93 
_refine.ls_percent_reflns_R_free                 5.20 
_refine.ls_R_factor_all                          ? 
_refine.ls_R_factor_obs                          0.2142 
_refine.ls_R_factor_R_free                       0.2570 
_refine.ls_R_factor_R_free_error                 ? 
_refine.ls_R_factor_R_free_error_details         ? 
_refine.ls_R_factor_R_work                       0.2119 
_refine.ls_R_Fsqd_factor_obs                     ? 
_refine.ls_R_I_factor_obs                        ? 
_refine.ls_redundancy_reflns_all                 ? 
_refine.ls_redundancy_reflns_obs                 ? 
_refine.ls_restrained_S_all                      ? 
_refine.ls_restrained_S_obs                      ? 
_refine.ls_shift_over_esd_max                    ? 
_refine.ls_shift_over_esd_mean                   ? 
_refine.ls_structure_factor_coef                 ? 
_refine.ls_weighting_details                     ? 
_refine.ls_weighting_scheme                      ? 
_refine.ls_wR_factor_all                         ? 
_refine.ls_wR_factor_obs                         ? 
_refine.ls_wR_factor_R_free                      ? 
_refine.ls_wR_factor_R_work                      ? 
_refine.occupancy_max                            ? 
_refine.occupancy_min                            ? 
_refine.solvent_model_details                    'FLAT BULK SOLVENT MODEL' 
_refine.solvent_model_param_bsol                 ? 
_refine.solvent_model_param_ksol                 ? 
_refine.pdbx_R_complete                          ? 
_refine.ls_R_factor_gt                           ? 
_refine.ls_goodness_of_fit_gt                    ? 
_refine.ls_goodness_of_fit_ref                   ? 
_refine.ls_shift_over_su_max                     ? 
_refine.ls_shift_over_su_max_lt                  ? 
_refine.ls_shift_over_su_mean                    ? 
_refine.ls_shift_over_su_mean_lt                 ? 
_refine.pdbx_ls_sigma_I                          ? 
_refine.pdbx_ls_sigma_F                          1.35 
_refine.pdbx_ls_sigma_Fsqd                       ? 
_refine.pdbx_data_cutoff_high_absF               ? 
_refine.pdbx_data_cutoff_high_rms_absF           ? 
_refine.pdbx_data_cutoff_low_absF                ? 
_refine.pdbx_isotropic_thermal_model             ? 
_refine.pdbx_ls_cross_valid_method               'FREE R-VALUE' 
_refine.pdbx_method_to_determine_struct          'MOLECULAR REPLACEMENT' 
_refine.pdbx_starting_model                      ? 
_refine.pdbx_stereochemistry_target_values       'GeoStd + Monomer Library + CDL v1.2' 
_refine.pdbx_R_Free_selection_details            ? 
_refine.pdbx_stereochem_target_val_spec_case     ? 
_refine.pdbx_overall_ESU_R                       ? 
_refine.pdbx_overall_ESU_R_Free                  ? 
_refine.pdbx_solvent_vdw_probe_radii             1.1000 
_refine.pdbx_solvent_ion_probe_radii             ? 
_refine.pdbx_solvent_shrinkage_radii             0.9000 
_refine.pdbx_real_space_R                        ? 
_refine.pdbx_density_correlation                 ? 
_refine.pdbx_pd_number_of_powder_patterns        ? 
_refine.pdbx_pd_number_of_points                 ? 
_refine.pdbx_pd_meas_number_of_points            ? 
_refine.pdbx_pd_proc_ls_prof_R_factor            ? 
_refine.pdbx_pd_proc_ls_prof_wR_factor           ? 
_refine.pdbx_pd_Marquardt_correlation_coeff      ? 
_refine.pdbx_pd_Fsqrd_R_factor                   ? 
_refine.pdbx_pd_ls_matrix_band_width             ? 
_refine.pdbx_overall_phase_error                 30.4893 
_refine.pdbx_overall_SU_R_free_Cruickshank_DPI   ? 
_refine.pdbx_overall_SU_R_free_Blow_DPI          ? 
_refine.pdbx_overall_SU_R_Blow_DPI               ? 
_refine.pdbx_TLS_residual_ADP_flag               ? 
_refine.pdbx_diffrn_id                           1 
_refine.overall_SU_B                             ? 
_refine.overall_SU_ML                            0.2510 
_refine.overall_SU_R_Cruickshank_DPI             ? 
_refine.overall_SU_R_free                        ? 
_refine.overall_FOM_free_R_set                   ? 
_refine.overall_FOM_work_R_set                   ? 
_refine.pdbx_average_fsc_overall                 ? 
_refine.pdbx_average_fsc_work                    ? 
_refine.pdbx_average_fsc_free                    ? 
# 
_refine_hist.pdbx_refine_id                   'X-RAY DIFFRACTION' 
_refine_hist.cycle_id                         LAST 
_refine_hist.details                          ? 
_refine_hist.d_res_high                       1.86 
_refine_hist.d_res_low                        73.89 
_refine_hist.number_atoms_solvent             91 
_refine_hist.number_atoms_total               1479 
_refine_hist.number_reflns_all                ? 
_refine_hist.number_reflns_obs                ? 
_refine_hist.number_reflns_R_free             ? 
_refine_hist.number_reflns_R_work             ? 
_refine_hist.R_factor_all                     ? 
_refine_hist.R_factor_obs                     ? 
_refine_hist.R_factor_R_free                  ? 
_refine_hist.R_factor_R_work                  ? 
_refine_hist.pdbx_number_residues_total       ? 
_refine_hist.pdbx_B_iso_mean_ligand           ? 
_refine_hist.pdbx_B_iso_mean_solvent          ? 
_refine_hist.pdbx_number_atoms_protein        1388 
_refine_hist.pdbx_number_atoms_nucleic_acid   0 
_refine_hist.pdbx_number_atoms_ligand         0 
_refine_hist.pdbx_number_atoms_lipid          ? 
_refine_hist.pdbx_number_atoms_carb           ? 
_refine_hist.pdbx_pseudo_atom_details         ? 
# 
loop_
_refine_ls_restr.pdbx_refine_id 
_refine_ls_restr.criterion 
_refine_ls_restr.dev_ideal 
_refine_ls_restr.dev_ideal_target 
_refine_ls_restr.number 
_refine_ls_restr.rejects 
_refine_ls_restr.type 
_refine_ls_restr.weight 
_refine_ls_restr.pdbx_restraint_function 
'X-RAY DIFFRACTION' ? 0.0075 ? 1423 ? f_bond_d           ? ? 
'X-RAY DIFFRACTION' ? 0.9990 ? 1937 ? f_angle_d          ? ? 
'X-RAY DIFFRACTION' ? 0.0622 ? 223  ? f_chiral_restr     ? ? 
'X-RAY DIFFRACTION' ? 0.0071 ? 247  ? f_plane_restr      ? ? 
'X-RAY DIFFRACTION' ? 5.9883 ? 187  ? f_dihedral_angle_d ? ? 
# 
loop_
_refine_ls_shell.pdbx_refine_id 
_refine_ls_shell.d_res_high 
_refine_ls_shell.d_res_low 
_refine_ls_shell.number_reflns_all 
_refine_ls_shell.number_reflns_obs 
_refine_ls_shell.number_reflns_R_free 
_refine_ls_shell.number_reflns_R_work 
_refine_ls_shell.percent_reflns_obs 
_refine_ls_shell.percent_reflns_R_free 
_refine_ls_shell.R_factor_all 
_refine_ls_shell.R_factor_obs 
_refine_ls_shell.R_factor_R_free_error 
_refine_ls_shell.R_factor_R_work 
_refine_ls_shell.redundancy_reflns_all 
_refine_ls_shell.redundancy_reflns_obs 
_refine_ls_shell.wR_factor_all 
_refine_ls_shell.wR_factor_obs 
_refine_ls_shell.wR_factor_R_free 
_refine_ls_shell.wR_factor_R_work 
_refine_ls_shell.pdbx_R_complete 
_refine_ls_shell.pdbx_total_number_of_bins_used 
_refine_ls_shell.pdbx_phase_error 
_refine_ls_shell.pdbx_fsc_work 
_refine_ls_shell.pdbx_fsc_free 
_refine_ls_shell.R_factor_R_free 
'X-RAY DIFFRACTION' 1.86 1.96  . . 135 2456 99.96 . . . . 0.2781 . . . . . . . . . . . 0.3458 
'X-RAY DIFFRACTION' 1.96 2.08  . . 140 2444 99.92 . . . . 0.2265 . . . . . . . . . . . 0.3004 
'X-RAY DIFFRACTION' 2.08 2.24  . . 122 2459 99.92 . . . . 0.2249 . . . . . . . . . . . 0.2539 
'X-RAY DIFFRACTION' 2.25 2.47  . . 134 2454 99.96 . . . . 0.2379 . . . . . . . . . . . 0.2906 
'X-RAY DIFFRACTION' 2.47 2.83  . . 130 2470 99.85 . . . . 0.2242 . . . . . . . . . . . 0.2492 
'X-RAY DIFFRACTION' 2.83 3.56  . . 155 2475 99.96 . . . . 0.2049 . . . . . . . . . . . 0.2491 
'X-RAY DIFFRACTION' 3.57 73.89 . . 135 2597 99.93 . . . . 0.1932 . . . . . . . . . . . 0.2380 
# 
_struct.entry_id                     8U0X 
_struct.title                        'Yeast Pex6 N1(1-184) Domain' 
_struct.pdbx_model_details           ? 
_struct.pdbx_formula_weight          ? 
_struct.pdbx_formula_weight_method   ? 
_struct.pdbx_model_type_details      ? 
_struct.pdbx_CASP_flag               N 
# 
_struct_keywords.entry_id        8U0X 
_struct_keywords.text            'N-terminal domain AAA-ATPase Pex6, MOTOR PROTEIN' 
_struct_keywords.pdbx_keywords   'MOTOR PROTEIN' 
# 
loop_
_struct_asym.id 
_struct_asym.pdbx_blank_PDB_chainid_flag 
_struct_asym.pdbx_modified 
_struct_asym.entity_id 
_struct_asym.details 
A N N 1 ? 
B N N 2 ? 
# 
_struct_ref.id                         1 
_struct_ref.db_name                    UNP 
_struct_ref.db_code                    PEX6_YEAST 
_struct_ref.pdbx_db_accession          P33760 
_struct_ref.pdbx_db_isoform            ? 
_struct_ref.entity_id                  1 
_struct_ref.pdbx_seq_one_letter_code   
;MKASLTFSLSGIYAPCSISRDIYLEYGDKKAECLYGTIRLPQYGPGCTPGKIVHCVLDDSLPFCSIVVPSKLFGFMPTQP
TMDFCYFEPILDNVVPVLDSVTFLINEQLYSKLMDLPQEMQQIQFLHYKYNINSMETVVHSRDILTSGLCQILNCSPFPQ
GLVDFTETQLILVNDTEQKLSALK
;
_struct_ref.pdbx_align_begin           1 
# 
_struct_ref_seq.align_id                      1 
_struct_ref_seq.ref_id                        1 
_struct_ref_seq.pdbx_PDB_id_code              8U0X 
_struct_ref_seq.pdbx_strand_id                A 
_struct_ref_seq.seq_align_beg                 3 
_struct_ref_seq.pdbx_seq_align_beg_ins_code   ? 
_struct_ref_seq.seq_align_end                 186 
_struct_ref_seq.pdbx_seq_align_end_ins_code   ? 
_struct_ref_seq.pdbx_db_accession             P33760 
_struct_ref_seq.db_align_beg                  1 
_struct_ref_seq.pdbx_db_align_beg_ins_code    ? 
_struct_ref_seq.db_align_end                  184 
_struct_ref_seq.pdbx_db_align_end_ins_code    ? 
_struct_ref_seq.pdbx_auth_seq_align_beg       1 
_struct_ref_seq.pdbx_auth_seq_align_end       184 
# 
loop_
_struct_ref_seq_dif.align_id 
_struct_ref_seq_dif.pdbx_pdb_id_code 
_struct_ref_seq_dif.mon_id 
_struct_ref_seq_dif.pdbx_pdb_strand_id 
_struct_ref_seq_dif.seq_num 
_struct_ref_seq_dif.pdbx_pdb_ins_code 
_struct_ref_seq_dif.pdbx_seq_db_name 
_struct_ref_seq_dif.pdbx_seq_db_accession_code 
_struct_ref_seq_dif.db_mon_id 
_struct_ref_seq_dif.pdbx_seq_db_seq_num 
_struct_ref_seq_dif.details 
_struct_ref_seq_dif.pdbx_auth_seq_num 
_struct_ref_seq_dif.pdbx_ordinal 
1 8U0X GLY A 1 ? UNP P33760 ? ? 'expression tag' -1 1 
1 8U0X PRO A 2 ? UNP P33760 ? ? 'expression tag' 0  2 
# 
_pdbx_struct_assembly.id                   1 
_pdbx_struct_assembly.details              author_defined_assembly 
_pdbx_struct_assembly.method_details       ? 
_pdbx_struct_assembly.oligomeric_details   monomeric 
_pdbx_struct_assembly.oligomeric_count     1 
# 
_pdbx_struct_assembly_gen.assembly_id       1 
_pdbx_struct_assembly_gen.oper_expression   1 
_pdbx_struct_assembly_gen.asym_id_list      A,B 
# 
_pdbx_struct_assembly_auth_evidence.id                     1 
_pdbx_struct_assembly_auth_evidence.assembly_id            1 
_pdbx_struct_assembly_auth_evidence.experimental_support   'electron microscopy' 
_pdbx_struct_assembly_auth_evidence.details                ? 
# 
_pdbx_struct_oper_list.id                   1 
_pdbx_struct_oper_list.type                 'identity operation' 
_pdbx_struct_oper_list.name                 1_555 
_pdbx_struct_oper_list.symmetry_operation   x,y,z 
_pdbx_struct_oper_list.matrix[1][1]         1.0000000000 
_pdbx_struct_oper_list.matrix[1][2]         0.0000000000 
_pdbx_struct_oper_list.matrix[1][3]         0.0000000000 
_pdbx_struct_oper_list.vector[1]            0.0000000000 
_pdbx_struct_oper_list.matrix[2][1]         0.0000000000 
_pdbx_struct_oper_list.matrix[2][2]         1.0000000000 
_pdbx_struct_oper_list.matrix[2][3]         0.0000000000 
_pdbx_struct_oper_list.vector[2]            0.0000000000 
_pdbx_struct_oper_list.matrix[3][1]         0.0000000000 
_pdbx_struct_oper_list.matrix[3][2]         0.0000000000 
_pdbx_struct_oper_list.matrix[3][3]         1.0000000000 
_pdbx_struct_oper_list.vector[3]            0.0000000000 
# 
loop_
_struct_conf.conf_type_id 
_struct_conf.id 
_struct_conf.pdbx_PDB_helix_id 
_struct_conf.beg_label_comp_id 
_struct_conf.beg_label_asym_id 
_struct_conf.beg_label_seq_id 
_struct_conf.pdbx_beg_PDB_ins_code 
_struct_conf.end_label_comp_id 
_struct_conf.end_label_asym_id 
_struct_conf.end_label_seq_id 
_struct_conf.pdbx_end_PDB_ins_code 
_struct_conf.beg_auth_comp_id 
_struct_conf.beg_auth_asym_id 
_struct_conf.beg_auth_seq_id 
_struct_conf.end_auth_comp_id 
_struct_conf.end_auth_asym_id 
_struct_conf.end_auth_seq_id 
_struct_conf.pdbx_PDB_helix_class 
_struct_conf.details 
_struct_conf.pdbx_PDB_helix_length 
HELX_P HELX_P1 AA1 SER A 21  ? GLU A 27  ? SER A 19  GLU A 25  1 ? 7  
HELX_P HELX_P2 AA2 LYS A 73  ? PHE A 75  ? LYS A 71  PHE A 73  5 ? 3  
HELX_P HELX_P3 AA3 ASN A 108 ? ASP A 117 ? ASN A 106 ASP A 115 1 ? 10 
HELX_P HELX_P4 AA4 GLN A 120 ? ASN A 133 ? GLN A 118 ASN A 131 1 ? 14 
# 
_struct_conf_type.id          HELX_P 
_struct_conf_type.criteria    ? 
_struct_conf_type.reference   ? 
# 
_struct_mon_prot_cis.pdbx_id                1 
_struct_mon_prot_cis.label_comp_id          SER 
_struct_mon_prot_cis.label_seq_id           158 
_struct_mon_prot_cis.label_asym_id          A 
_struct_mon_prot_cis.label_alt_id           . 
_struct_mon_prot_cis.pdbx_PDB_ins_code      ? 
_struct_mon_prot_cis.auth_comp_id           SER 
_struct_mon_prot_cis.auth_seq_id            156 
_struct_mon_prot_cis.auth_asym_id           A 
_struct_mon_prot_cis.pdbx_label_comp_id_2   PRO 
_struct_mon_prot_cis.pdbx_label_seq_id_2    159 
_struct_mon_prot_cis.pdbx_label_asym_id_2   A 
_struct_mon_prot_cis.pdbx_PDB_ins_code_2    ? 
_struct_mon_prot_cis.pdbx_auth_comp_id_2    PRO 
_struct_mon_prot_cis.pdbx_auth_seq_id_2     157 
_struct_mon_prot_cis.pdbx_auth_asym_id_2    A 
_struct_mon_prot_cis.pdbx_PDB_model_num     1 
_struct_mon_prot_cis.pdbx_omega_angle       2.15 
# 
loop_
_struct_sheet.id 
_struct_sheet.type 
_struct_sheet.number_strands 
_struct_sheet.details 
AA1 ? 7 ? 
AA2 ? 4 ? 
AA3 ? 2 ? 
# 
loop_
_struct_sheet_order.sheet_id 
_struct_sheet_order.range_id_1 
_struct_sheet_order.range_id_2 
_struct_sheet_order.offset 
_struct_sheet_order.sense 
AA1 1 2 ? parallel      
AA1 2 3 ? anti-parallel 
AA1 3 4 ? parallel      
AA1 4 5 ? anti-parallel 
AA1 5 6 ? anti-parallel 
AA1 6 7 ? anti-parallel 
AA2 1 2 ? anti-parallel 
AA2 2 3 ? anti-parallel 
AA2 3 4 ? parallel      
AA3 1 2 ? anti-parallel 
# 
loop_
_struct_sheet_range.sheet_id 
_struct_sheet_range.id 
_struct_sheet_range.beg_label_comp_id 
_struct_sheet_range.beg_label_asym_id 
_struct_sheet_range.beg_label_seq_id 
_struct_sheet_range.pdbx_beg_PDB_ins_code 
_struct_sheet_range.end_label_comp_id 
_struct_sheet_range.end_label_asym_id 
_struct_sheet_range.end_label_seq_id 
_struct_sheet_range.pdbx_end_PDB_ins_code 
_struct_sheet_range.beg_auth_comp_id 
_struct_sheet_range.beg_auth_asym_id 
_struct_sheet_range.beg_auth_seq_id 
_struct_sheet_range.end_auth_comp_id 
_struct_sheet_range.end_auth_asym_id 
_struct_sheet_range.end_auth_seq_id 
AA1 1 MET A 3   ? SER A 10  ? MET A 1   SER A 8   
AA1 2 SER A 67  ? PRO A 71  ? SER A 65  PRO A 69  
AA1 3 CYS A 18  ? ILE A 20  ? CYS A 16  ILE A 18  
AA1 4 LYS A 53  ? LEU A 59  ? LYS A 51  LEU A 57  
AA1 5 LEU A 36  ? ARG A 41  ? LEU A 34  ARG A 39  
AA1 6 PHE A 86  ? PRO A 91  ? PHE A 84  PRO A 89  
AA1 7 MET A 3   ? SER A 10  ? MET A 1   SER A 8   
AA2 1 ILE A 146 ? THR A 148 ? ILE A 144 THR A 146 
AA2 2 CYS A 152 ? SER A 158 ? CYS A 150 SER A 156 
AA2 3 SER A 102 ? ILE A 107 ? SER A 100 ILE A 105 
AA2 4 GLN A 171 ? ASN A 176 ? GLN A 169 ASN A 174 
AA3 1 VAL A 140 ? HIS A 142 ? VAL A 138 HIS A 140 
AA3 2 GLN A 162 ? LEU A 164 ? GLN A 160 LEU A 162 
# 
loop_
_pdbx_struct_sheet_hbond.sheet_id 
_pdbx_struct_sheet_hbond.range_id_1 
_pdbx_struct_sheet_hbond.range_id_2 
_pdbx_struct_sheet_hbond.range_1_label_atom_id 
_pdbx_struct_sheet_hbond.range_1_label_comp_id 
_pdbx_struct_sheet_hbond.range_1_label_asym_id 
_pdbx_struct_sheet_hbond.range_1_label_seq_id 
_pdbx_struct_sheet_hbond.range_1_PDB_ins_code 
_pdbx_struct_sheet_hbond.range_1_auth_atom_id 
_pdbx_struct_sheet_hbond.range_1_auth_comp_id 
_pdbx_struct_sheet_hbond.range_1_auth_asym_id 
_pdbx_struct_sheet_hbond.range_1_auth_seq_id 
_pdbx_struct_sheet_hbond.range_2_label_atom_id 
_pdbx_struct_sheet_hbond.range_2_label_comp_id 
_pdbx_struct_sheet_hbond.range_2_label_asym_id 
_pdbx_struct_sheet_hbond.range_2_label_seq_id 
_pdbx_struct_sheet_hbond.range_2_PDB_ins_code 
_pdbx_struct_sheet_hbond.range_2_auth_atom_id 
_pdbx_struct_sheet_hbond.range_2_auth_comp_id 
_pdbx_struct_sheet_hbond.range_2_auth_asym_id 
_pdbx_struct_sheet_hbond.range_2_auth_seq_id 
AA1 1 2 N THR A 8   ? N THR A 6   O VAL A 70  ? O VAL A 68  
AA1 2 3 O VAL A 69  ? O VAL A 67  N SER A 19  ? N SER A 17  
AA1 3 4 N CYS A 18  ? N CYS A 16  O VAL A 58  ? O VAL A 56  
AA1 4 5 O VAL A 55  ? O VAL A 53  N GLY A 38  ? N GLY A 36  
AA1 5 6 N ARG A 41  ? N ARG A 39  O TYR A 88  ? O TYR A 86  
AA1 6 7 O PHE A 89  ? O PHE A 87  N MET A 3   ? N MET A 1   
AA2 1 2 O THR A 148 ? O THR A 146 N CYS A 152 ? N CYS A 150 
AA2 2 3 O LEU A 155 ? O LEU A 153 N THR A 104 ? N THR A 102 
AA2 3 4 N PHE A 105 ? N PHE A 103 O ILE A 173 ? O ILE A 171 
AA3 1 2 N VAL A 141 ? N VAL A 139 O GLY A 163 ? O GLY A 161 
# 
loop_
_pdbx_validate_close_contact.id 
_pdbx_validate_close_contact.PDB_model_num 
_pdbx_validate_close_contact.auth_atom_id_1 
_pdbx_validate_close_contact.auth_asym_id_1 
_pdbx_validate_close_contact.auth_comp_id_1 
_pdbx_validate_close_contact.auth_seq_id_1 
_pdbx_validate_close_contact.PDB_ins_code_1 
_pdbx_validate_close_contact.label_alt_id_1 
_pdbx_validate_close_contact.auth_atom_id_2 
_pdbx_validate_close_contact.auth_asym_id_2 
_pdbx_validate_close_contact.auth_comp_id_2 
_pdbx_validate_close_contact.auth_seq_id_2 
_pdbx_validate_close_contact.PDB_ins_code_2 
_pdbx_validate_close_contact.label_alt_id_2 
_pdbx_validate_close_contact.dist 
1 1 O A HOH 254 ? ? O A HOH 262 ? ? 1.70 
2 1 O A HOH 271 ? ? O A HOH 285 ? ? 2.05 
# 
loop_
_pdbx_validate_torsion.id 
_pdbx_validate_torsion.PDB_model_num 
_pdbx_validate_torsion.auth_comp_id 
_pdbx_validate_torsion.auth_asym_id 
_pdbx_validate_torsion.auth_seq_id 
_pdbx_validate_torsion.PDB_ins_code 
_pdbx_validate_torsion.label_alt_id 
_pdbx_validate_torsion.phi 
_pdbx_validate_torsion.psi 
1 1 TYR A 43  ? ? -59.01  104.34 
2 1 THR A 81  ? ? -145.40 -91.29 
3 1 GLU A 136 ? ? -153.77 -59.60 
4 1 ARG A 142 ? ? 76.91   -1.35  
# 
_pdbx_struct_special_symmetry.id              1 
_pdbx_struct_special_symmetry.PDB_model_num   1 
_pdbx_struct_special_symmetry.auth_asym_id    A 
_pdbx_struct_special_symmetry.auth_comp_id    HOH 
_pdbx_struct_special_symmetry.auth_seq_id     206 
_pdbx_struct_special_symmetry.PDB_ins_code    ? 
_pdbx_struct_special_symmetry.label_asym_id   B 
_pdbx_struct_special_symmetry.label_comp_id   HOH 
_pdbx_struct_special_symmetry.label_seq_id    . 
# 
loop_
_space_group_symop.id 
_space_group_symop.operation_xyz 
1 x,y,z      
2 -y,x-y,z   
3 -x+y,-x,z  
4 x-y,-y,-z  
5 -x,-x+y,-z 
6 y,x,-z     
# 
loop_
_pdbx_unobs_or_zero_occ_residues.id 
_pdbx_unobs_or_zero_occ_residues.PDB_model_num 
_pdbx_unobs_or_zero_occ_residues.polymer_flag 
_pdbx_unobs_or_zero_occ_residues.occupancy_flag 
_pdbx_unobs_or_zero_occ_residues.auth_asym_id 
_pdbx_unobs_or_zero_occ_residues.auth_comp_id 
_pdbx_unobs_or_zero_occ_residues.auth_seq_id 
_pdbx_unobs_or_zero_occ_residues.PDB_ins_code 
_pdbx_unobs_or_zero_occ_residues.label_asym_id 
_pdbx_unobs_or_zero_occ_residues.label_comp_id 
_pdbx_unobs_or_zero_occ_residues.label_seq_id 
1  1 Y 1 A GLY -1  ? A GLY 1   
2  1 Y 1 A THR 176 ? A THR 178 
3  1 Y 1 A GLU 177 ? A GLU 179 
4  1 Y 1 A GLN 178 ? A GLN 180 
5  1 Y 1 A LYS 179 ? A LYS 181 
6  1 Y 1 A LEU 180 ? A LEU 182 
7  1 Y 1 A SER 181 ? A SER 183 
8  1 Y 1 A ALA 182 ? A ALA 184 
9  1 Y 1 A LEU 183 ? A LEU 185 
10 1 Y 1 A LYS 184 ? A LYS 186 
# 
loop_
_chem_comp_atom.comp_id 
_chem_comp_atom.atom_id 
_chem_comp_atom.type_symbol 
_chem_comp_atom.pdbx_aromatic_flag 
_chem_comp_atom.pdbx_stereo_config 
_chem_comp_atom.pdbx_ordinal 
ALA N    N N N 1   
ALA CA   C N S 2   
ALA C    C N N 3   
ALA O    O N N 4   
ALA CB   C N N 5   
ALA OXT  O N N 6   
ALA H    H N N 7   
ALA H2   H N N 8   
ALA HA   H N N 9   
ALA HB1  H N N 10  
ALA HB2  H N N 11  
ALA HB3  H N N 12  
ALA HXT  H N N 13  
ARG N    N N N 14  
ARG CA   C N S 15  
ARG C    C N N 16  
ARG O    O N N 17  
ARG CB   C N N 18  
ARG CG   C N N 19  
ARG CD   C N N 20  
ARG NE   N N N 21  
ARG CZ   C N N 22  
ARG NH1  N N N 23  
ARG NH2  N N N 24  
ARG OXT  O N N 25  
ARG H    H N N 26  
ARG H2   H N N 27  
ARG HA   H N N 28  
ARG HB2  H N N 29  
ARG HB3  H N N 30  
ARG HG2  H N N 31  
ARG HG3  H N N 32  
ARG HD2  H N N 33  
ARG HD3  H N N 34  
ARG HE   H N N 35  
ARG HH11 H N N 36  
ARG HH12 H N N 37  
ARG HH21 H N N 38  
ARG HH22 H N N 39  
ARG HXT  H N N 40  
ASN N    N N N 41  
ASN CA   C N S 42  
ASN C    C N N 43  
ASN O    O N N 44  
ASN CB   C N N 45  
ASN CG   C N N 46  
ASN OD1  O N N 47  
ASN ND2  N N N 48  
ASN OXT  O N N 49  
ASN H    H N N 50  
ASN H2   H N N 51  
ASN HA   H N N 52  
ASN HB2  H N N 53  
ASN HB3  H N N 54  
ASN HD21 H N N 55  
ASN HD22 H N N 56  
ASN HXT  H N N 57  
ASP N    N N N 58  
ASP CA   C N S 59  
ASP C    C N N 60  
ASP O    O N N 61  
ASP CB   C N N 62  
ASP CG   C N N 63  
ASP OD1  O N N 64  
ASP OD2  O N N 65  
ASP OXT  O N N 66  
ASP H    H N N 67  
ASP H2   H N N 68  
ASP HA   H N N 69  
ASP HB2  H N N 70  
ASP HB3  H N N 71  
ASP HD2  H N N 72  
ASP HXT  H N N 73  
CYS N    N N N 74  
CYS CA   C N R 75  
CYS C    C N N 76  
CYS O    O N N 77  
CYS CB   C N N 78  
CYS SG   S N N 79  
CYS OXT  O N N 80  
CYS H    H N N 81  
CYS H2   H N N 82  
CYS HA   H N N 83  
CYS HB2  H N N 84  
CYS HB3  H N N 85  
CYS HG   H N N 86  
CYS HXT  H N N 87  
GLN N    N N N 88  
GLN CA   C N S 89  
GLN C    C N N 90  
GLN O    O N N 91  
GLN CB   C N N 92  
GLN CG   C N N 93  
GLN CD   C N N 94  
GLN OE1  O N N 95  
GLN NE2  N N N 96  
GLN OXT  O N N 97  
GLN H    H N N 98  
GLN H2   H N N 99  
GLN HA   H N N 100 
GLN HB2  H N N 101 
GLN HB3  H N N 102 
GLN HG2  H N N 103 
GLN HG3  H N N 104 
GLN HE21 H N N 105 
GLN HE22 H N N 106 
GLN HXT  H N N 107 
GLU N    N N N 108 
GLU CA   C N S 109 
GLU C    C N N 110 
GLU O    O N N 111 
GLU CB   C N N 112 
GLU CG   C N N 113 
GLU CD   C N N 114 
GLU OE1  O N N 115 
GLU OE2  O N N 116 
GLU OXT  O N N 117 
GLU H    H N N 118 
GLU H2   H N N 119 
GLU HA   H N N 120 
GLU HB2  H N N 121 
GLU HB3  H N N 122 
GLU HG2  H N N 123 
GLU HG3  H N N 124 
GLU HE2  H N N 125 
GLU HXT  H N N 126 
GLY N    N N N 127 
GLY CA   C N N 128 
GLY C    C N N 129 
GLY O    O N N 130 
GLY OXT  O N N 131 
GLY H    H N N 132 
GLY H2   H N N 133 
GLY HA2  H N N 134 
GLY HA3  H N N 135 
GLY HXT  H N N 136 
HIS N    N N N 137 
HIS CA   C N S 138 
HIS C    C N N 139 
HIS O    O N N 140 
HIS CB   C N N 141 
HIS CG   C Y N 142 
HIS ND1  N Y N 143 
HIS CD2  C Y N 144 
HIS CE1  C Y N 145 
HIS NE2  N Y N 146 
HIS OXT  O N N 147 
HIS H    H N N 148 
HIS H2   H N N 149 
HIS HA   H N N 150 
HIS HB2  H N N 151 
HIS HB3  H N N 152 
HIS HD1  H N N 153 
HIS HD2  H N N 154 
HIS HE1  H N N 155 
HIS HE2  H N N 156 
HIS HXT  H N N 157 
HOH O    O N N 158 
HOH H1   H N N 159 
HOH H2   H N N 160 
ILE N    N N N 161 
ILE CA   C N S 162 
ILE C    C N N 163 
ILE O    O N N 164 
ILE CB   C N S 165 
ILE CG1  C N N 166 
ILE CG2  C N N 167 
ILE CD1  C N N 168 
ILE OXT  O N N 169 
ILE H    H N N 170 
ILE H2   H N N 171 
ILE HA   H N N 172 
ILE HB   H N N 173 
ILE HG12 H N N 174 
ILE HG13 H N N 175 
ILE HG21 H N N 176 
ILE HG22 H N N 177 
ILE HG23 H N N 178 
ILE HD11 H N N 179 
ILE HD12 H N N 180 
ILE HD13 H N N 181 
ILE HXT  H N N 182 
LEU N    N N N 183 
LEU CA   C N S 184 
LEU C    C N N 185 
LEU O    O N N 186 
LEU CB   C N N 187 
LEU CG   C N N 188 
LEU CD1  C N N 189 
LEU CD2  C N N 190 
LEU OXT  O N N 191 
LEU H    H N N 192 
LEU H2   H N N 193 
LEU HA   H N N 194 
LEU HB2  H N N 195 
LEU HB3  H N N 196 
LEU HG   H N N 197 
LEU HD11 H N N 198 
LEU HD12 H N N 199 
LEU HD13 H N N 200 
LEU HD21 H N N 201 
LEU HD22 H N N 202 
LEU HD23 H N N 203 
LEU HXT  H N N 204 
LYS N    N N N 205 
LYS CA   C N S 206 
LYS C    C N N 207 
LYS O    O N N 208 
LYS CB   C N N 209 
LYS CG   C N N 210 
LYS CD   C N N 211 
LYS CE   C N N 212 
LYS NZ   N N N 213 
LYS OXT  O N N 214 
LYS H    H N N 215 
LYS H2   H N N 216 
LYS HA   H N N 217 
LYS HB2  H N N 218 
LYS HB3  H N N 219 
LYS HG2  H N N 220 
LYS HG3  H N N 221 
LYS HD2  H N N 222 
LYS HD3  H N N 223 
LYS HE2  H N N 224 
LYS HE3  H N N 225 
LYS HZ1  H N N 226 
LYS HZ2  H N N 227 
LYS HZ3  H N N 228 
LYS HXT  H N N 229 
MET N    N N N 230 
MET CA   C N S 231 
MET C    C N N 232 
MET O    O N N 233 
MET CB   C N N 234 
MET CG   C N N 235 
MET SD   S N N 236 
MET CE   C N N 237 
MET OXT  O N N 238 
MET H    H N N 239 
MET H2   H N N 240 
MET HA   H N N 241 
MET HB2  H N N 242 
MET HB3  H N N 243 
MET HG2  H N N 244 
MET HG3  H N N 245 
MET HE1  H N N 246 
MET HE2  H N N 247 
MET HE3  H N N 248 
MET HXT  H N N 249 
PHE N    N N N 250 
PHE CA   C N S 251 
PHE C    C N N 252 
PHE O    O N N 253 
PHE CB   C N N 254 
PHE CG   C Y N 255 
PHE CD1  C Y N 256 
PHE CD2  C Y N 257 
PHE CE1  C Y N 258 
PHE CE2  C Y N 259 
PHE CZ   C Y N 260 
PHE OXT  O N N 261 
PHE H    H N N 262 
PHE H2   H N N 263 
PHE HA   H N N 264 
PHE HB2  H N N 265 
PHE HB3  H N N 266 
PHE HD1  H N N 267 
PHE HD2  H N N 268 
PHE HE1  H N N 269 
PHE HE2  H N N 270 
PHE HZ   H N N 271 
PHE HXT  H N N 272 
PRO N    N N N 273 
PRO CA   C N S 274 
PRO C    C N N 275 
PRO O    O N N 276 
PRO CB   C N N 277 
PRO CG   C N N 278 
PRO CD   C N N 279 
PRO OXT  O N N 280 
PRO H    H N N 281 
PRO HA   H N N 282 
PRO HB2  H N N 283 
PRO HB3  H N N 284 
PRO HG2  H N N 285 
PRO HG3  H N N 286 
PRO HD2  H N N 287 
PRO HD3  H N N 288 
PRO HXT  H N N 289 
SER N    N N N 290 
SER CA   C N S 291 
SER C    C N N 292 
SER O    O N N 293 
SER CB   C N N 294 
SER OG   O N N 295 
SER OXT  O N N 296 
SER H    H N N 297 
SER H2   H N N 298 
SER HA   H N N 299 
SER HB2  H N N 300 
SER HB3  H N N 301 
SER HG   H N N 302 
SER HXT  H N N 303 
THR N    N N N 304 
THR CA   C N S 305 
THR C    C N N 306 
THR O    O N N 307 
THR CB   C N R 308 
THR OG1  O N N 309 
THR CG2  C N N 310 
THR OXT  O N N 311 
THR H    H N N 312 
THR H2   H N N 313 
THR HA   H N N 314 
THR HB   H N N 315 
THR HG1  H N N 316 
THR HG21 H N N 317 
THR HG22 H N N 318 
THR HG23 H N N 319 
THR HXT  H N N 320 
TYR N    N N N 321 
TYR CA   C N S 322 
TYR C    C N N 323 
TYR O    O N N 324 
TYR CB   C N N 325 
TYR CG   C Y N 326 
TYR CD1  C Y N 327 
TYR CD2  C Y N 328 
TYR CE1  C Y N 329 
TYR CE2  C Y N 330 
TYR CZ   C Y N 331 
TYR OH   O N N 332 
TYR OXT  O N N 333 
TYR H    H N N 334 
TYR H2   H N N 335 
TYR HA   H N N 336 
TYR HB2  H N N 337 
TYR HB3  H N N 338 
TYR HD1  H N N 339 
TYR HD2  H N N 340 
TYR HE1  H N N 341 
TYR HE2  H N N 342 
TYR HH   H N N 343 
TYR HXT  H N N 344 
VAL N    N N N 345 
VAL CA   C N S 346 
VAL C    C N N 347 
VAL O    O N N 348 
VAL CB   C N N 349 
VAL CG1  C N N 350 
VAL CG2  C N N 351 
VAL OXT  O N N 352 
VAL H    H N N 353 
VAL H2   H N N 354 
VAL HA   H N N 355 
VAL HB   H N N 356 
VAL HG11 H N N 357 
VAL HG12 H N N 358 
VAL HG13 H N N 359 
VAL HG21 H N N 360 
VAL HG22 H N N 361 
VAL HG23 H N N 362 
VAL HXT  H N N 363 
# 
loop_
_chem_comp_bond.comp_id 
_chem_comp_bond.atom_id_1 
_chem_comp_bond.atom_id_2 
_chem_comp_bond.value_order 
_chem_comp_bond.pdbx_aromatic_flag 
_chem_comp_bond.pdbx_stereo_config 
_chem_comp_bond.pdbx_ordinal 
ALA N   CA   sing N N 1   
ALA N   H    sing N N 2   
ALA N   H2   sing N N 3   
ALA CA  C    sing N N 4   
ALA CA  CB   sing N N 5   
ALA CA  HA   sing N N 6   
ALA C   O    doub N N 7   
ALA C   OXT  sing N N 8   
ALA CB  HB1  sing N N 9   
ALA CB  HB2  sing N N 10  
ALA CB  HB3  sing N N 11  
ALA OXT HXT  sing N N 12  
ARG N   CA   sing N N 13  
ARG N   H    sing N N 14  
ARG N   H2   sing N N 15  
ARG CA  C    sing N N 16  
ARG CA  CB   sing N N 17  
ARG CA  HA   sing N N 18  
ARG C   O    doub N N 19  
ARG C   OXT  sing N N 20  
ARG CB  CG   sing N N 21  
ARG CB  HB2  sing N N 22  
ARG CB  HB3  sing N N 23  
ARG CG  CD   sing N N 24  
ARG CG  HG2  sing N N 25  
ARG CG  HG3  sing N N 26  
ARG CD  NE   sing N N 27  
ARG CD  HD2  sing N N 28  
ARG CD  HD3  sing N N 29  
ARG NE  CZ   sing N N 30  
ARG NE  HE   sing N N 31  
ARG CZ  NH1  sing N N 32  
ARG CZ  NH2  doub N N 33  
ARG NH1 HH11 sing N N 34  
ARG NH1 HH12 sing N N 35  
ARG NH2 HH21 sing N N 36  
ARG NH2 HH22 sing N N 37  
ARG OXT HXT  sing N N 38  
ASN N   CA   sing N N 39  
ASN N   H    sing N N 40  
ASN N   H2   sing N N 41  
ASN CA  C    sing N N 42  
ASN CA  CB   sing N N 43  
ASN CA  HA   sing N N 44  
ASN C   O    doub N N 45  
ASN C   OXT  sing N N 46  
ASN CB  CG   sing N N 47  
ASN CB  HB2  sing N N 48  
ASN CB  HB3  sing N N 49  
ASN CG  OD1  doub N N 50  
ASN CG  ND2  sing N N 51  
ASN ND2 HD21 sing N N 52  
ASN ND2 HD22 sing N N 53  
ASN OXT HXT  sing N N 54  
ASP N   CA   sing N N 55  
ASP N   H    sing N N 56  
ASP N   H2   sing N N 57  
ASP CA  C    sing N N 58  
ASP CA  CB   sing N N 59  
ASP CA  HA   sing N N 60  
ASP C   O    doub N N 61  
ASP C   OXT  sing N N 62  
ASP CB  CG   sing N N 63  
ASP CB  HB2  sing N N 64  
ASP CB  HB3  sing N N 65  
ASP CG  OD1  doub N N 66  
ASP CG  OD2  sing N N 67  
ASP OD2 HD2  sing N N 68  
ASP OXT HXT  sing N N 69  
CYS N   CA   sing N N 70  
CYS N   H    sing N N 71  
CYS N   H2   sing N N 72  
CYS CA  C    sing N N 73  
CYS CA  CB   sing N N 74  
CYS CA  HA   sing N N 75  
CYS C   O    doub N N 76  
CYS C   OXT  sing N N 77  
CYS CB  SG   sing N N 78  
CYS CB  HB2  sing N N 79  
CYS CB  HB3  sing N N 80  
CYS SG  HG   sing N N 81  
CYS OXT HXT  sing N N 82  
GLN N   CA   sing N N 83  
GLN N   H    sing N N 84  
GLN N   H2   sing N N 85  
GLN CA  C    sing N N 86  
GLN CA  CB   sing N N 87  
GLN CA  HA   sing N N 88  
GLN C   O    doub N N 89  
GLN C   OXT  sing N N 90  
GLN CB  CG   sing N N 91  
GLN CB  HB2  sing N N 92  
GLN CB  HB3  sing N N 93  
GLN CG  CD   sing N N 94  
GLN CG  HG2  sing N N 95  
GLN CG  HG3  sing N N 96  
GLN CD  OE1  doub N N 97  
GLN CD  NE2  sing N N 98  
GLN NE2 HE21 sing N N 99  
GLN NE2 HE22 sing N N 100 
GLN OXT HXT  sing N N 101 
GLU N   CA   sing N N 102 
GLU N   H    sing N N 103 
GLU N   H2   sing N N 104 
GLU CA  C    sing N N 105 
GLU CA  CB   sing N N 106 
GLU CA  HA   sing N N 107 
GLU C   O    doub N N 108 
GLU C   OXT  sing N N 109 
GLU CB  CG   sing N N 110 
GLU CB  HB2  sing N N 111 
GLU CB  HB3  sing N N 112 
GLU CG  CD   sing N N 113 
GLU CG  HG2  sing N N 114 
GLU CG  HG3  sing N N 115 
GLU CD  OE1  doub N N 116 
GLU CD  OE2  sing N N 117 
GLU OE2 HE2  sing N N 118 
GLU OXT HXT  sing N N 119 
GLY N   CA   sing N N 120 
GLY N   H    sing N N 121 
GLY N   H2   sing N N 122 
GLY CA  C    sing N N 123 
GLY CA  HA2  sing N N 124 
GLY CA  HA3  sing N N 125 
GLY C   O    doub N N 126 
GLY C   OXT  sing N N 127 
GLY OXT HXT  sing N N 128 
HIS N   CA   sing N N 129 
HIS N   H    sing N N 130 
HIS N   H2   sing N N 131 
HIS CA  C    sing N N 132 
HIS CA  CB   sing N N 133 
HIS CA  HA   sing N N 134 
HIS C   O    doub N N 135 
HIS C   OXT  sing N N 136 
HIS CB  CG   sing N N 137 
HIS CB  HB2  sing N N 138 
HIS CB  HB3  sing N N 139 
HIS CG  ND1  sing Y N 140 
HIS CG  CD2  doub Y N 141 
HIS ND1 CE1  doub Y N 142 
HIS ND1 HD1  sing N N 143 
HIS CD2 NE2  sing Y N 144 
HIS CD2 HD2  sing N N 145 
HIS CE1 NE2  sing Y N 146 
HIS CE1 HE1  sing N N 147 
HIS NE2 HE2  sing N N 148 
HIS OXT HXT  sing N N 149 
HOH O   H1   sing N N 150 
HOH O   H2   sing N N 151 
ILE N   CA   sing N N 152 
ILE N   H    sing N N 153 
ILE N   H2   sing N N 154 
ILE CA  C    sing N N 155 
ILE CA  CB   sing N N 156 
ILE CA  HA   sing N N 157 
ILE C   O    doub N N 158 
ILE C   OXT  sing N N 159 
ILE CB  CG1  sing N N 160 
ILE CB  CG2  sing N N 161 
ILE CB  HB   sing N N 162 
ILE CG1 CD1  sing N N 163 
ILE CG1 HG12 sing N N 164 
ILE CG1 HG13 sing N N 165 
ILE CG2 HG21 sing N N 166 
ILE CG2 HG22 sing N N 167 
ILE CG2 HG23 sing N N 168 
ILE CD1 HD11 sing N N 169 
ILE CD1 HD12 sing N N 170 
ILE CD1 HD13 sing N N 171 
ILE OXT HXT  sing N N 172 
LEU N   CA   sing N N 173 
LEU N   H    sing N N 174 
LEU N   H2   sing N N 175 
LEU CA  C    sing N N 176 
LEU CA  CB   sing N N 177 
LEU CA  HA   sing N N 178 
LEU C   O    doub N N 179 
LEU C   OXT  sing N N 180 
LEU CB  CG   sing N N 181 
LEU CB  HB2  sing N N 182 
LEU CB  HB3  sing N N 183 
LEU CG  CD1  sing N N 184 
LEU CG  CD2  sing N N 185 
LEU CG  HG   sing N N 186 
LEU CD1 HD11 sing N N 187 
LEU CD1 HD12 sing N N 188 
LEU CD1 HD13 sing N N 189 
LEU CD2 HD21 sing N N 190 
LEU CD2 HD22 sing N N 191 
LEU CD2 HD23 sing N N 192 
LEU OXT HXT  sing N N 193 
LYS N   CA   sing N N 194 
LYS N   H    sing N N 195 
LYS N   H2   sing N N 196 
LYS CA  C    sing N N 197 
LYS CA  CB   sing N N 198 
LYS CA  HA   sing N N 199 
LYS C   O    doub N N 200 
LYS C   OXT  sing N N 201 
LYS CB  CG   sing N N 202 
LYS CB  HB2  sing N N 203 
LYS CB  HB3  sing N N 204 
LYS CG  CD   sing N N 205 
LYS CG  HG2  sing N N 206 
LYS CG  HG3  sing N N 207 
LYS CD  CE   sing N N 208 
LYS CD  HD2  sing N N 209 
LYS CD  HD3  sing N N 210 
LYS CE  NZ   sing N N 211 
LYS CE  HE2  sing N N 212 
LYS CE  HE3  sing N N 213 
LYS NZ  HZ1  sing N N 214 
LYS NZ  HZ2  sing N N 215 
LYS NZ  HZ3  sing N N 216 
LYS OXT HXT  sing N N 217 
MET N   CA   sing N N 218 
MET N   H    sing N N 219 
MET N   H2   sing N N 220 
MET CA  C    sing N N 221 
MET CA  CB   sing N N 222 
MET CA  HA   sing N N 223 
MET C   O    doub N N 224 
MET C   OXT  sing N N 225 
MET CB  CG   sing N N 226 
MET CB  HB2  sing N N 227 
MET CB  HB3  sing N N 228 
MET CG  SD   sing N N 229 
MET CG  HG2  sing N N 230 
MET CG  HG3  sing N N 231 
MET SD  CE   sing N N 232 
MET CE  HE1  sing N N 233 
MET CE  HE2  sing N N 234 
MET CE  HE3  sing N N 235 
MET OXT HXT  sing N N 236 
PHE N   CA   sing N N 237 
PHE N   H    sing N N 238 
PHE N   H2   sing N N 239 
PHE CA  C    sing N N 240 
PHE CA  CB   sing N N 241 
PHE CA  HA   sing N N 242 
PHE C   O    doub N N 243 
PHE C   OXT  sing N N 244 
PHE CB  CG   sing N N 245 
PHE CB  HB2  sing N N 246 
PHE CB  HB3  sing N N 247 
PHE CG  CD1  doub Y N 248 
PHE CG  CD2  sing Y N 249 
PHE CD1 CE1  sing Y N 250 
PHE CD1 HD1  sing N N 251 
PHE CD2 CE2  doub Y N 252 
PHE CD2 HD2  sing N N 253 
PHE CE1 CZ   doub Y N 254 
PHE CE1 HE1  sing N N 255 
PHE CE2 CZ   sing Y N 256 
PHE CE2 HE2  sing N N 257 
PHE CZ  HZ   sing N N 258 
PHE OXT HXT  sing N N 259 
PRO N   CA   sing N N 260 
PRO N   CD   sing N N 261 
PRO N   H    sing N N 262 
PRO CA  C    sing N N 263 
PRO CA  CB   sing N N 264 
PRO CA  HA   sing N N 265 
PRO C   O    doub N N 266 
PRO C   OXT  sing N N 267 
PRO CB  CG   sing N N 268 
PRO CB  HB2  sing N N 269 
PRO CB  HB3  sing N N 270 
PRO CG  CD   sing N N 271 
PRO CG  HG2  sing N N 272 
PRO CG  HG3  sing N N 273 
PRO CD  HD2  sing N N 274 
PRO CD  HD3  sing N N 275 
PRO OXT HXT  sing N N 276 
SER N   CA   sing N N 277 
SER N   H    sing N N 278 
SER N   H2   sing N N 279 
SER CA  C    sing N N 280 
SER CA  CB   sing N N 281 
SER CA  HA   sing N N 282 
SER C   O    doub N N 283 
SER C   OXT  sing N N 284 
SER CB  OG   sing N N 285 
SER CB  HB2  sing N N 286 
SER CB  HB3  sing N N 287 
SER OG  HG   sing N N 288 
SER OXT HXT  sing N N 289 
THR N   CA   sing N N 290 
THR N   H    sing N N 291 
THR N   H2   sing N N 292 
THR CA  C    sing N N 293 
THR CA  CB   sing N N 294 
THR CA  HA   sing N N 295 
THR C   O    doub N N 296 
THR C   OXT  sing N N 297 
THR CB  OG1  sing N N 298 
THR CB  CG2  sing N N 299 
THR CB  HB   sing N N 300 
THR OG1 HG1  sing N N 301 
THR CG2 HG21 sing N N 302 
THR CG2 HG22 sing N N 303 
THR CG2 HG23 sing N N 304 
THR OXT HXT  sing N N 305 
TYR N   CA   sing N N 306 
TYR N   H    sing N N 307 
TYR N   H2   sing N N 308 
TYR CA  C    sing N N 309 
TYR CA  CB   sing N N 310 
TYR CA  HA   sing N N 311 
TYR C   O    doub N N 312 
TYR C   OXT  sing N N 313 
TYR CB  CG   sing N N 314 
TYR CB  HB2  sing N N 315 
TYR CB  HB3  sing N N 316 
TYR CG  CD1  doub Y N 317 
TYR CG  CD2  sing Y N 318 
TYR CD1 CE1  sing Y N 319 
TYR CD1 HD1  sing N N 320 
TYR CD2 CE2  doub Y N 321 
TYR CD2 HD2  sing N N 322 
TYR CE1 CZ   doub Y N 323 
TYR CE1 HE1  sing N N 324 
TYR CE2 CZ   sing Y N 325 
TYR CE2 HE2  sing N N 326 
TYR CZ  OH   sing N N 327 
TYR OH  HH   sing N N 328 
TYR OXT HXT  sing N N 329 
VAL N   CA   sing N N 330 
VAL N   H    sing N N 331 
VAL N   H2   sing N N 332 
VAL CA  C    sing N N 333 
VAL CA  CB   sing N N 334 
VAL CA  HA   sing N N 335 
VAL C   O    doub N N 336 
VAL C   OXT  sing N N 337 
VAL CB  CG1  sing N N 338 
VAL CB  CG2  sing N N 339 
VAL CB  HB   sing N N 340 
VAL CG1 HG11 sing N N 341 
VAL CG1 HG12 sing N N 342 
VAL CG1 HG13 sing N N 343 
VAL CG2 HG21 sing N N 344 
VAL CG2 HG22 sing N N 345 
VAL CG2 HG23 sing N N 346 
VAL OXT HXT  sing N N 347 
# 
loop_
_pdbx_audit_support.funding_organization 
_pdbx_audit_support.country 
_pdbx_audit_support.grant_number 
_pdbx_audit_support.ordinal 
'National Institutes of Health/National Institute of General Medical Sciences (NIH/NIGMS)' 'United States' R00GM121880 1 
'National Institutes of Health/National Institute of General Medical Sciences (NIH/NIGMS)' 'United States' R01GM094497 2 
# 
_pdbx_initial_refinement_model.id               1 
_pdbx_initial_refinement_model.entity_id_list   ? 
_pdbx_initial_refinement_model.type             'in silico model' 
_pdbx_initial_refinement_model.source_name      AlphaFold 
_pdbx_initial_refinement_model.accession_code   ? 
_pdbx_initial_refinement_model.details          ? 
# 
_space_group.name_H-M_alt     'P 3 2 1' 
_space_group.name_Hall        
;P 3 2"
;
_space_group.IT_number        150 
_space_group.crystal_system   trigonal 
_space_group.id               1 
# 
_atom_sites.entry_id                    8U0X 
_atom_sites.Cartn_transf_matrix[1][1]   ? 
_atom_sites.Cartn_transf_matrix[1][2]   ? 
_atom_sites.Cartn_transf_matrix[1][3]   ? 
_atom_sites.Cartn_transf_matrix[2][1]   ? 
_atom_sites.Cartn_transf_matrix[2][2]   ? 
_atom_sites.Cartn_transf_matrix[2][3]   ? 
_atom_sites.Cartn_transf_matrix[3][1]   ? 
_atom_sites.Cartn_transf_matrix[3][2]   ? 
_atom_sites.Cartn_transf_matrix[3][3]   ? 
_atom_sites.Cartn_transf_vector[1]      ? 
_atom_sites.Cartn_transf_vector[2]      ? 
_atom_sites.Cartn_transf_vector[3]      ? 
_atom_sites.Cartn_transform_axes        ? 
_atom_sites.fract_transf_matrix[1][1]   0.01219663 
_atom_sites.fract_transf_matrix[1][2]   -0.00469515 
_atom_sites.fract_transf_matrix[1][3]   0.00351737 
_atom_sites.fract_transf_matrix[2][1]   0.00658675 
_atom_sites.fract_transf_matrix[2][2]   0.00546029 
_atom_sites.fract_transf_matrix[2][3]   0.01048661 
_atom_sites.fract_transf_matrix[3][1]   -0.00842798 
_atom_sites.fract_transf_matrix[3][2]   -0.01289689 
_atom_sites.fract_transf_matrix[3][3]   0.01200901 
_atom_sites.fract_transf_vector[1]      -0.373582 
_atom_sites.fract_transf_vector[2]      -0.005299 
_atom_sites.fract_transf_vector[3]      0.232272 
_atom_sites.solution_primary            ? 
_atom_sites.solution_secondary          ? 
_atom_sites.solution_hydrogens          ? 
_atom_sites.special_details             ? 
# 
loop_
_atom_type.symbol 
_atom_type.scat_dispersion_real 
_atom_type.scat_dispersion_imag 
_atom_type.scat_Cromer_Mann_a1 
_atom_type.scat_Cromer_Mann_a2 
_atom_type.scat_Cromer_Mann_a3 
_atom_type.scat_Cromer_Mann_a4 
_atom_type.scat_Cromer_Mann_b1 
_atom_type.scat_Cromer_Mann_b2 
_atom_type.scat_Cromer_Mann_b3 
_atom_type.scat_Cromer_Mann_b4 
_atom_type.scat_Cromer_Mann_c 
_atom_type.scat_source 
_atom_type.scat_dispersion_source 
C ? ? 3.54356 2.42580 ? ? 25.62398 1.50364  ? ? 0.0 
;2-Gaussian fit: Grosse-Kunstleve RW, Sauter NK, Adams PD: Newsletter of the IUCr Commission on Crystallographic Computing 2004, 3, 22-31.
;
? 
N ? ? 4.01032 2.96436 ? ? 19.97189 1.75589  ? ? 0.0 
;2-Gaussian fit: Grosse-Kunstleve RW, Sauter NK, Adams PD: Newsletter of the IUCr Commission on Crystallographic Computing 2004, 3, 22-31.
;
? 
O ? ? 4.49882 3.47563 ? ? 15.80542 1.70748  ? ? 0.0 
;2-Gaussian fit: Grosse-Kunstleve RW, Sauter NK, Adams PD: Newsletter of the IUCr Commission on Crystallographic Computing 2004, 3, 22-31.
;
? 
S ? ? 9.55732 6.39887 ? ? 1.23737  29.19336 ? ? 0.0 
;2-Gaussian fit: Grosse-Kunstleve RW, Sauter NK, Adams PD: Newsletter of the IUCr Commission on Crystallographic Computing 2004, 3, 22-31.
;
? 
# 
loop_
_atom_site.group_PDB 
_atom_site.id 
_atom_site.type_symbol 
_atom_site.label_atom_id 
_atom_site.label_alt_id 
_atom_site.label_comp_id 
_atom_site.label_asym_id 
_atom_site.label_entity_id 
_atom_site.label_seq_id 
_atom_site.pdbx_PDB_ins_code 
_atom_site.Cartn_x 
_atom_site.Cartn_y 
_atom_site.Cartn_z 
_atom_site.occupancy 
_atom_site.B_iso_or_equiv 
_atom_site.pdbx_formal_charge 
_atom_site.auth_seq_id 
_atom_site.auth_comp_id 
_atom_site.auth_asym_id 
_atom_site.auth_atom_id 
_atom_site.pdbx_PDB_model_num 
ATOM   1    N N   . PRO A 1 2   ? -15.95193 -10.42597 -4.83099  1.000 37.79365  ? 0   PRO A N   1 
ATOM   2    C CA  . PRO A 1 2   ? -14.76479 -10.06692 -5.62709  1.000 33.88513  ? 0   PRO A CA  1 
ATOM   3    C C   . PRO A 1 2   ? -15.06814 -9.96683  -7.11742  1.000 32.68664  ? 0   PRO A C   1 
ATOM   4    O O   . PRO A 1 2   ? -15.65285 -10.89022 -7.66988  1.000 31.25352  ? 0   PRO A O   1 
ATOM   5    C CB  . PRO A 1 2   ? -13.79390 -11.23072 -5.37522  1.000 38.80856  ? 0   PRO A CB  1 
ATOM   6    C CG  . PRO A 1 2   ? -14.36126 -11.98572 -4.22685  1.000 42.58823  ? 0   PRO A CG  1 
ATOM   7    C CD  . PRO A 1 2   ? -15.83928 -11.77266 -4.26038  1.000 47.64752  ? 0   PRO A CD  1 
ATOM   8    N N   . MET A 1 3   ? -14.66070 -8.88910  -7.77417  1.000 27.13431  ? 1   MET A N   1 
ATOM   9    C CA  . MET A 1 3   ? -14.84522 -8.77276  -9.20955  1.000 32.86370  ? 1   MET A CA  1 
ATOM   10   C C   . MET A 1 3   ? -13.49523 -8.86514  -9.90183  1.000 32.50811  ? 1   MET A C   1 
ATOM   11   O O   . MET A 1 3   ? -12.44759 -8.67095  -9.28322  1.000 30.43972  ? 1   MET A O   1 
ATOM   12   C CB  . MET A 1 3   ? -15.56752 -7.46608  -9.55612  1.000 32.91783  ? 1   MET A CB  1 
ATOM   13   C CG  . MET A 1 3   ? -14.92894 -6.22264  -8.98507  1.000 42.15934  ? 1   MET A CG  1 
ATOM   14   S SD  . MET A 1 3   ? -14.12080 -5.20363  -10.22067 1.000 55.19717  ? 1   MET A SD  1 
ATOM   15   C CE  . MET A 1 3   ? -15.49475 -4.91367  -11.33721 1.000 51.40185  ? 1   MET A CE  1 
ATOM   16   N N   . LYS A 1 4   ? -13.52160 -9.22095  -11.18320 1.000 23.06671  ? 2   LYS A N   1 
ATOM   17   C CA  . LYS A 1 4   ? -12.31149 -9.28010  -11.97768 1.000 23.83607  ? 2   LYS A CA  1 
ATOM   18   C C   . LYS A 1 4   ? -12.17476 -7.95113  -12.69834 1.000 28.83832  ? 2   LYS A C   1 
ATOM   19   O O   . LYS A 1 4   ? -13.14338 -7.45397  -13.29411 1.000 25.42140  ? 2   LYS A O   1 
ATOM   20   C CB  . LYS A 1 4   ? -12.33831 -10.44040 -12.97335 1.000 28.77718  ? 2   LYS A CB  1 
ATOM   21   C CG  . LYS A 1 4   ? -12.11431 -11.80937 -12.31484 1.000 32.77380  ? 2   LYS A CG  1 
ATOM   22   C CD  . LYS A 1 4   ? -12.31196 -12.96780 -13.29993 1.000 31.11094  ? 2   LYS A CD  1 
ATOM   23   C CE  . LYS A 1 4   ? -13.79332 -13.25017 -13.56034 1.000 36.00927  ? 2   LYS A CE  1 
ATOM   24   N NZ  . LYS A 1 4   ? -14.51454 -13.74116 -12.35240 1.000 37.66449  ? 2   LYS A NZ  1 
ATOM   25   N N   . ALA A 1 5   ? -10.99129 -7.36189  -12.61519 1.000 24.27518  ? 3   ALA A N   1 
ATOM   26   C CA  . ALA A 1 5   ? -10.74868 -6.06708  -13.23251 1.000 23.07446  ? 3   ALA A CA  1 
ATOM   27   C C   . ALA A 1 5   ? -9.45899  -6.12320  -14.03646 1.000 23.08696  ? 3   ALA A C   1 
ATOM   28   O O   . ALA A 1 5   ? -8.48277  -6.74488  -13.60881 1.000 22.70122  ? 3   ALA A O   1 
ATOM   29   C CB  . ALA A 1 5   ? -10.67944 -4.95493  -12.16286 1.000 24.64532  ? 3   ALA A CB  1 
ATOM   30   N N   . SER A 1 6   ? -9.45830  -5.47529  -15.20514 1.000 18.00607  ? 4   SER A N   1 
ATOM   31   C CA  . SER A 1 6   ? -8.24107  -5.37372  -15.98730 1.000 19.37464  ? 4   SER A CA  1 
ATOM   32   C C   . SER A 1 6   ? -7.20682  -4.57898  -15.19943 1.000 21.80392  ? 4   SER A C   1 
ATOM   33   O O   . SER A 1 6   ? -7.53434  -3.61000  -14.50968 1.000 26.86737  ? 4   SER A O   1 
ATOM   34   C CB  . SER A 1 6   ? -8.50573  -4.68220  -17.33161 1.000 21.02823  ? 4   SER A CB  1 
ATOM   35   O OG  . SER A 1 6   ? -9.37700  -5.45497  -18.15728 1.000 21.34288  ? 4   SER A OG  1 
ATOM   36   N N   . LEU A 1 7   ? -5.94435  -4.96855  -15.34613 1.000 25.80837  ? 5   LEU A N   1 
ATOM   37   C CA  . LEU A 1 7   ? -4.87921  -4.57549  -14.43076 1.000 22.21611  ? 5   LEU A CA  1 
ATOM   38   C C   . LEU A 1 7   ? -3.75884  -3.86564  -15.18244 1.000 28.23225  ? 5   LEU A C   1 
ATOM   39   O O   . LEU A 1 7   ? -3.24046  -4.38888  -16.17529 1.000 26.22102  ? 5   LEU A O   1 
ATOM   40   C CB  . LEU A 1 7   ? -4.33636  -5.82383  -13.72944 1.000 27.03955  ? 5   LEU A CB  1 
ATOM   41   C CG  . LEU A 1 7   ? -3.05330  -5.76339  -12.91894 1.000 31.65691  ? 5   LEU A CG  1 
ATOM   42   C CD1 . LEU A 1 7   ? -3.25531  -4.90023  -11.71067 1.000 25.32078  ? 5   LEU A CD1 1 
ATOM   43   C CD2 . LEU A 1 7   ? -2.64982  -7.19982  -12.51753 1.000 30.57523  ? 5   LEU A CD2 1 
ATOM   44   N N   . THR A 1 8   ? -3.38855  -2.68263  -14.70192 1.000 21.03597  ? 6   THR A N   1 
ATOM   45   C CA  . THR A 1 8   ? -2.20315  -1.95178  -15.14745 1.000 22.54482  ? 6   THR A CA  1 
ATOM   46   C C   . THR A 1 8   ? -1.33237  -1.69106  -13.92282 1.000 21.89455  ? 6   THR A C   1 
ATOM   47   O O   . THR A 1 8   ? -1.84219  -1.31675  -12.86307 1.000 21.02878  ? 6   THR A O   1 
ATOM   48   C CB  . THR A 1 8   ? -2.57511  -0.62841  -15.83473 1.000 27.87184  ? 6   THR A CB  1 
ATOM   49   O OG1 . THR A 1 8   ? -3.32795  -0.88096  -17.03294 1.000 28.80057  ? 6   THR A OG1 1 
ATOM   50   C CG2 . THR A 1 8   ? -1.32731  0.17284   -16.20194 1.000 24.24337  ? 6   THR A CG2 1 
ATOM   51   N N   . PHE A 1 9   ? -0.02505  -1.91153  -14.04924 1.000 19.89037  ? 7   PHE A N   1 
ATOM   52   C CA  . PHE A 1 9   ? 0.89706   -1.70482  -12.93433 1.000 17.64219  ? 7   PHE A CA  1 
ATOM   53   C C   . PHE A 1 9   ? 1.54291   -0.32798  -13.05021 1.000 25.28993  ? 7   PHE A C   1 
ATOM   54   O O   . PHE A 1 9   ? 2.11169   0.00664   -14.09139 1.000 24.68502  ? 7   PHE A O   1 
ATOM   55   C CB  . PHE A 1 9   ? 1.97145   -2.78988  -12.91554 1.000 24.04677  ? 7   PHE A CB  1 
ATOM   56   C CG  . PHE A 1 9   ? 1.47949   -4.10940  -12.39911 1.000 21.22983  ? 7   PHE A CG  1 
ATOM   57   C CD1 . PHE A 1 9   ? 1.10428   -4.24974  -11.07511 1.000 24.48867  ? 7   PHE A CD1 1 
ATOM   58   C CD2 . PHE A 1 9   ? 1.38462   -5.20667  -13.24533 1.000 34.63500  ? 7   PHE A CD2 1 
ATOM   59   C CE1 . PHE A 1 9   ? 0.64938   -5.46122  -10.59779 1.000 26.66443  ? 7   PHE A CE1 1 
ATOM   60   C CE2 . PHE A 1 9   ? 0.93999   -6.42384  -12.77353 1.000 32.74440  ? 7   PHE A CE2 1 
ATOM   61   C CZ  . PHE A 1 9   ? 0.57291   -6.55361  -11.45026 1.000 32.24283  ? 7   PHE A CZ  1 
ATOM   62   N N   . SER A 1 10  ? 1.45890   0.46129   -11.98555 1.000 21.48491  ? 8   SER A N   1 
ATOM   63   C CA  . SER A 1 10  ? 2.14335   1.74226   -11.94850 1.000 20.80260  ? 8   SER A CA  1 
ATOM   64   C C   . SER A 1 10  ? 3.57870   1.57076   -11.44858 1.000 26.26419  ? 8   SER A C   1 
ATOM   65   O O   . SER A 1 10  ? 3.91450   0.61768   -10.73056 1.000 21.43989  ? 8   SER A O   1 
ATOM   66   C CB  . SER A 1 10  ? 1.37089   2.74978   -11.08596 1.000 23.85458  ? 8   SER A CB  1 
ATOM   67   O OG  . SER A 1 10  ? 1.26953   2.34252   -9.73101  1.000 19.16017  ? 8   SER A OG  1 
ATOM   68   N N   . LEU A 1 11  ? 4.44188   2.48662   -11.87659 1.000 18.99447  ? 9   LEU A N   1 
ATOM   69   C CA  . LEU A 1 11  ? 5.85996   2.43681   -11.55915 1.000 21.24224  ? 9   LEU A CA  1 
ATOM   70   C C   . LEU A 1 11  ? 6.29489   3.76360   -10.96570 1.000 28.47204  ? 9   LEU A C   1 
ATOM   71   O O   . LEU A 1 11  ? 7.28672   4.36488   -11.37734 1.000 28.67106  ? 9   LEU A O   1 
ATOM   72   C CB  . LEU A 1 11  ? 6.65397   2.08571   -12.80979 1.000 22.28681  ? 9   LEU A CB  1 
ATOM   73   C CG  . LEU A 1 11  ? 6.29810   0.73619   -13.43048 1.000 30.20606  ? 9   LEU A CG  1 
ATOM   74   C CD1 . LEU A 1 11  ? 6.86274   0.61748   -14.81990 1.000 35.66467  ? 9   LEU A CD1 1 
ATOM   75   C CD2 . LEU A 1 11  ? 6.81512   -0.38735  -12.55721 1.000 30.88068  ? 9   LEU A CD2 1 
ATOM   76   N N   . SER A 1 12  ? 5.51991   4.24928   -9.99657  1.000 18.86090  ? 10  SER A N   1 
ATOM   77   C CA  . SER A 1 12  ? 5.72392   5.55986   -9.39270  1.000 26.69705  ? 10  SER A CA  1 
ATOM   78   C C   . SER A 1 12  ? 5.62502   5.46042   -7.87646  1.000 26.85386  ? 10  SER A C   1 
ATOM   79   O O   . SER A 1 12  ? 4.99613   6.29603   -7.21918  1.000 31.61704  ? 10  SER A O   1 
ATOM   80   C CB  . SER A 1 12  ? 4.72630   6.58711   -9.94014  1.000 29.39145  ? 10  SER A CB  1 
ATOM   81   O OG  . SER A 1 12  ? 3.38671   6.15746   -9.76812  1.000 46.15520  ? 10  SER A OG  1 
ATOM   82   N N   . GLY A 1 13  ? 6.23240   4.43338   -7.30612  1.000 23.53812  ? 11  GLY A N   1 
ATOM   83   C CA  . GLY A 1 13  ? 6.31862   4.28801   -5.86332  1.000 21.17103  ? 11  GLY A CA  1 
ATOM   84   C C   . GLY A 1 13  ? 5.35086   3.23873   -5.33576  1.000 24.93284  ? 11  GLY A C   1 
ATOM   85   O O   . GLY A 1 13  ? 4.22059   3.08344   -5.82421  1.000 21.17863  ? 11  GLY A O   1 
ATOM   86   N N   . ILE A 1 14  ? 5.79306   2.51848   -4.30084  1.000 20.19189  ? 12  ILE A N   1 
ATOM   87   C CA  . ILE A 1 14  ? 4.98526   1.43082   -3.75096  1.000 23.32399  ? 12  ILE A CA  1 
ATOM   88   C C   . ILE A 1 14  ? 3.65894   1.93724   -3.19759  1.000 19.96049  ? 12  ILE A C   1 
ATOM   89   O O   . ILE A 1 14  ? 2.65485   1.21094   -3.22158  1.000 23.65361  ? 12  ILE A O   1 
ATOM   90   C CB  . ILE A 1 14  ? 5.78831   0.67792   -2.67692  1.000 26.25312  ? 12  ILE A CB  1 
ATOM   91   C CG1 . ILE A 1 14  ? 4.98865   -0.52609  -2.17160  1.000 24.74583  ? 12  ILE A CG1 1 
ATOM   92   C CG2 . ILE A 1 14  ? 6.19394   1.66501   -1.54385  1.000 21.79801  ? 12  ILE A CG2 1 
ATOM   93   C CD1 . ILE A 1 14  ? 5.78238   -1.45333  -1.26539  1.000 29.20864  ? 12  ILE A CD1 1 
ATOM   94   N N   . TYR A 1 15  ? 3.61163   3.17226   -2.68441  1.000 17.32664  ? 13  TYR A N   1 
ATOM   95   C CA  . TYR A 1 15  ? 2.40714   3.62654   -1.98636  1.000 19.89306  ? 13  TYR A CA  1 
ATOM   96   C C   . TYR A 1 15  ? 1.61416   4.64077   -2.79553  1.000 22.88036  ? 13  TYR A C   1 
ATOM   97   O O   . TYR A 1 15  ? 0.79000   5.37103   -2.23501  1.000 24.96918  ? 13  TYR A O   1 
ATOM   98   C CB  . TYR A 1 15  ? 2.74382   4.19900   -0.60336  1.000 21.00598  ? 13  TYR A CB  1 
ATOM   99   C CG  . TYR A 1 15  ? 3.22372   3.11572   0.34075   1.000 23.86865  ? 13  TYR A CG  1 
ATOM   100  C CD1 . TYR A 1 15  ? 2.55706   1.89890   0.41491   1.000 23.68484  ? 13  TYR A CD1 1 
ATOM   101  C CD2 . TYR A 1 15  ? 4.37618   3.28099   1.09916   1.000 21.28758  ? 13  TYR A CD2 1 
ATOM   102  C CE1 . TYR A 1 15  ? 3.00430   0.88531   1.23190   1.000 22.60350  ? 13  TYR A CE1 1 
ATOM   103  C CE2 . TYR A 1 15  ? 4.83534   2.26396   1.92493   1.000 19.96867  ? 13  TYR A CE2 1 
ATOM   104  C CZ  . TYR A 1 15  ? 4.13582   1.07231   1.99043   1.000 26.05716  ? 13  TYR A CZ  1 
ATOM   105  O OH  . TYR A 1 15  ? 4.56558   0.05691   2.81683   1.000 26.71206  ? 13  TYR A OH  1 
ATOM   106  N N   . ALA A 1 16  ? 1.84073   4.70958   -4.09397  1.000 25.26959  ? 14  ALA A N   1 
ATOM   107  C CA  . ALA A 1 16  ? 0.88503   5.41344   -4.92596  1.000 21.83985  ? 14  ALA A CA  1 
ATOM   108  C C   . ALA A 1 16  ? -0.47647  4.76239   -4.69797  1.000 29.54003  ? 14  ALA A C   1 
ATOM   109  O O   . ALA A 1 16  ? -0.54389  3.54021   -4.48510  1.000 27.65740  ? 14  ALA A O   1 
ATOM   110  C CB  . ALA A 1 16  ? 1.29473   5.32907   -6.39701  1.000 28.23627  ? 14  ALA A CB  1 
ATOM   111  N N   . PRO A 1 17  ? -1.55590  5.53491   -4.60572  1.000 25.62681  ? 15  PRO A N   1 
ATOM   112  C CA  . PRO A 1 17  ? -2.87326  4.91739   -4.40915  1.000 30.03847  ? 15  PRO A CA  1 
ATOM   113  C C   . PRO A 1 17  ? -3.29011  4.14697   -5.64932  1.000 24.46892  ? 15  PRO A C   1 
ATOM   114  O O   . PRO A 1 17  ? -2.84717  4.42846   -6.76155  1.000 22.62230  ? 15  PRO A O   1 
ATOM   115  C CB  . PRO A 1 17  ? -3.80460  6.11015   -4.15820  1.000 30.13062  ? 15  PRO A CB  1 
ATOM   116  C CG  . PRO A 1 17  ? -3.08995  7.28211   -4.68256  1.000 37.38774  ? 15  PRO A CG  1 
ATOM   117  C CD  . PRO A 1 17  ? -1.61645  7.00426   -4.56406  1.000 30.94391  ? 15  PRO A CD  1 
ATOM   118  N N   . CYS A 1 18  ? -4.15349  3.15543   -5.45714  1.000 23.62268  ? 16  CYS A N   1 
ATOM   119  C CA  . CYS A 1 18  ? -4.71592  2.46256   -6.61155  1.000 22.04273  ? 16  CYS A CA  1 
ATOM   120  C C   . CYS A 1 18  ? -5.79593  3.30811   -7.25631  1.000 21.79076  ? 16  CYS A C   1 
ATOM   121  O O   . CYS A 1 18  ? -6.64011  3.88538   -6.56756  1.000 26.49902  ? 16  CYS A O   1 
ATOM   122  C CB  . CYS A 1 18  ? -5.25161  1.08314   -6.23311  1.000 27.68542  ? 16  CYS A CB  1 
ATOM   123  S SG  . CYS A 1 18  ? -3.94344  0.07333   -5.53033  1.000 45.10426  ? 16  CYS A SG  1 
ATOM   124  N N   . SER A 1 19  ? -5.76319  3.40182   -8.58281  1.000 20.93918  ? 17  SER A N   1 
ATOM   125  C CA  . SER A 1 19  ? -6.81052  4.10702   -9.30788  1.000 14.64399  ? 17  SER A CA  1 
ATOM   126  C C   . SER A 1 19  ? -7.84625  3.10202   -9.79334  1.000 19.08593  ? 17  SER A C   1 
ATOM   127  O O   . SER A 1 19  ? -7.49142  2.06169   -10.35598 1.000 19.11086  ? 17  SER A O   1 
ATOM   128  C CB  . SER A 1 19  ? -6.23315  4.85486   -10.51586 1.000 21.47017  ? 17  SER A CB  1 
ATOM   129  O OG  . SER A 1 19  ? -5.27210  5.80200   -10.09695 1.000 23.80358  ? 17  SER A OG  1 
ATOM   130  N N   . ILE A 1 20  ? -9.12232  3.42425   -9.60210  1.000 18.00804  ? 18  ILE A N   1 
ATOM   131  C CA  . ILE A 1 20  ? -10.20027 2.52723   -10.00861 1.000 16.05148  ? 18  ILE A CA  1 
ATOM   132  C C   . ILE A 1 20  ? -11.11460 3.24274   -10.98673 1.000 15.75621  ? 18  ILE A C   1 
ATOM   133  O O   . ILE A 1 20  ? -11.35199 4.44922   -10.87416 1.000 18.74068  ? 18  ILE A O   1 
ATOM   134  C CB  . ILE A 1 20  ? -11.01148 2.04446   -8.79145  1.000 15.36047  ? 18  ILE A CB  1 
ATOM   135  C CG1 . ILE A 1 20  ? -11.58352 3.25126   -8.02184  1.000 15.15246  ? 18  ILE A CG1 1 
ATOM   136  C CG2 . ILE A 1 20  ? -10.13833 1.22919   -7.87396  1.000 22.45403  ? 18  ILE A CG2 1 
ATOM   137  C CD1 . ILE A 1 20  ? -12.50245 2.80642   -6.81115  1.000 16.12676  ? 18  ILE A CD1 1 
ATOM   138  N N   . SER A 1 21  ? -11.69030 2.47855   -11.90963 1.000 14.55497  ? 19  SER A N   1 
ATOM   139  C CA  . SER A 1 21  ? -12.60334 3.05443   -12.88180 1.000 15.42579  ? 19  SER A CA  1 
ATOM   140  C C   . SER A 1 21  ? -13.94421 3.39116   -12.23741 1.000 22.45015  ? 19  SER A C   1 
ATOM   141  O O   . SER A 1 21  ? -14.27350 2.92148   -11.14417 1.000 16.79990  ? 19  SER A O   1 
ATOM   142  C CB  . SER A 1 21  ? -12.80073 2.09563   -14.05607 1.000 16.43046  ? 19  SER A CB  1 
ATOM   143  O OG  . SER A 1 21  ? -13.01985 0.77335   -13.61101 1.000 20.01336  ? 19  SER A OG  1 
ATOM   144  N N   . ARG A 1 22  ? -14.72496 4.22264   -12.93812 1.000 20.69984  ? 20  ARG A N   1 
ATOM   145  C CA  . ARG A 1 22  ? -15.98588 4.71690   -12.38086 1.000 20.39084  ? 20  ARG A CA  1 
ATOM   146  C C   . ARG A 1 22  ? -16.97431 3.59295   -12.06329 1.000 19.89672  ? 20  ARG A C   1 
ATOM   147  O O   . ARG A 1 22  ? -17.74457 3.70798   -11.10305 1.000 22.24538  ? 20  ARG A O   1 
ATOM   148  C CB  . ARG A 1 22  ? -16.60721 5.72646   -13.34806 1.000 21.41508  ? 20  ARG A CB  1 
ATOM   149  C CG  . ARG A 1 22  ? -17.88195 6.43257   -12.87249 1.000 24.55819  ? 20  ARG A CG  1 
ATOM   150  C CD  . ARG A 1 22  ? -18.18510 7.62699   -13.78211 1.000 22.38235  ? 20  ARG A CD  1 
ATOM   151  N NE  . ARG A 1 22  ? -18.19179 7.21631   -15.18242 1.000 21.05271  ? 20  ARG A NE  1 
ATOM   152  C CZ  . ARG A 1 22  ? -19.17195 6.51769   -15.74753 1.000 27.18865  ? 20  ARG A CZ  1 
ATOM   153  N NH1 . ARG A 1 22  ? -20.25568 6.15635   -15.06597 1.000 22.25713  ? 20  ARG A NH1 1 
ATOM   154  N NH2 . ARG A 1 22  ? -19.06535 6.17061   -17.02548 1.000 22.13196  ? 20  ARG A NH2 1 
ATOM   155  N N   . ASP A 1 23  ? -16.99708 2.50910   -12.84818 1.000 20.47244  ? 21  ASP A N   1 
ATOM   156  C CA  . ASP A 1 23  ? -17.94023 1.43567   -12.51435 1.000 19.15541  ? 21  ASP A CA  1 
ATOM   157  C C   . ASP A 1 23  ? -17.58543 0.76519   -11.19891 1.000 23.43100  ? 21  ASP A C   1 
ATOM   158  O O   . ASP A 1 23  ? -18.48268 0.33121   -10.46589 1.000 21.16039  ? 21  ASP A O   1 
ATOM   159  C CB  . ASP A 1 23  ? -18.03100 0.38941   -13.63258 1.000 20.85715  ? 21  ASP A CB  1 
ATOM   160  C CG  . ASP A 1 23  ? -16.66904 -0.07092  -14.13507 1.000 27.26820  ? 21  ASP A CG  1 
ATOM   161  O OD1 . ASP A 1 23  ? -15.70798 0.72823   -14.11009 1.000 25.39727  ? 21  ASP A OD1 1 
ATOM   162  O OD2 . ASP A 1 23  ? -16.56172 -1.24236  -14.55003 1.000 32.27090  ? 21  ASP A OD2 1 
ATOM   163  N N   . ILE A 1 24  ? -16.29602 0.67588   -10.87475 1.000 18.69426  ? 22  ILE A N   1 
ATOM   164  C CA  . ILE A 1 24  ? -15.89836 0.14695   -9.56919  1.000 19.32001  ? 22  ILE A CA  1 
ATOM   165  C C   . ILE A 1 24  ? -16.22141 1.14502   -8.47085  1.000 18.61235  ? 22  ILE A C   1 
ATOM   166  O O   . ILE A 1 24  ? -16.69702 0.78218   -7.38425  1.000 20.56150  ? 22  ILE A O   1 
ATOM   167  C CB  . ILE A 1 24  ? -14.39772 -0.18384  -9.58017  1.000 17.57299  ? 22  ILE A CB  1 
ATOM   168  C CG1 . ILE A 1 24  ? -14.10963 -1.28400  -10.60337 1.000 19.33890  ? 22  ILE A CG1 1 
ATOM   169  C CG2 . ILE A 1 24  ? -13.95471 -0.62021  -8.19592  1.000 21.39650  ? 22  ILE A CG2 1 
ATOM   170  C CD1 . ILE A 1 24  ? -12.64887 -1.65756  -10.65763 1.000 19.75362  ? 22  ILE A CD1 1 
ATOM   171  N N   . TYR A 1 25  ? -15.91378 2.41121   -8.71917  1.000 16.34415  ? 23  TYR A N   1 
ATOM   172  C CA  . TYR A 1 25  ? -16.23195 3.46274   -7.76470  1.000 20.14166  ? 23  TYR A CA  1 
ATOM   173  C C   . TYR A 1 25  ? -17.71488 3.48454   -7.42999  1.000 22.75947  ? 23  TYR A C   1 
ATOM   174  O O   . TYR A 1 25  ? -18.09465 3.80147   -6.29686  1.000 22.37728  ? 23  TYR A O   1 
ATOM   175  C CB  . TYR A 1 25  ? -15.79661 4.78787   -8.36012  1.000 19.80522  ? 23  TYR A CB  1 
ATOM   176  C CG  . TYR A 1 25  ? -16.29631 6.02697   -7.66839  1.000 21.26918  ? 23  TYR A CG  1 
ATOM   177  C CD1 . TYR A 1 25  ? -15.64672 6.53425   -6.55510  1.000 27.46634  ? 23  TYR A CD1 1 
ATOM   178  C CD2 . TYR A 1 25  ? -17.38088 6.72302   -8.17252  1.000 27.71872  ? 23  TYR A CD2 1 
ATOM   179  C CE1 . TYR A 1 25  ? -16.08744 7.70507   -5.95199  1.000 27.00114  ? 23  TYR A CE1 1 
ATOM   180  C CE2 . TYR A 1 25  ? -17.81908 7.87384   -7.59030  1.000 26.16499  ? 23  TYR A CE2 1 
ATOM   181  C CZ  . TYR A 1 25  ? -17.18092 8.35837   -6.47815  1.000 33.02357  ? 23  TYR A CZ  1 
ATOM   182  O OH  . TYR A 1 25  ? -17.65321 9.51472   -5.90826  1.000 41.93342  ? 23  TYR A OH  1 
ATOM   183  N N   . LEU A 1 26  ? -18.56524 3.15155   -8.40202  1.000 18.22872  ? 24  LEU A N   1 
ATOM   184  C CA  . LEU A 1 26  ? -20.00666 3.17312   -8.16181  1.000 17.04616  ? 24  LEU A CA  1 
ATOM   185  C C   . LEU A 1 26  ? -20.42331 2.13191   -7.13153  1.000 23.14669  ? 24  LEU A C   1 
ATOM   186  O O   . LEU A 1 26  ? -21.45965 2.29250   -6.47768  1.000 25.93939  ? 24  LEU A O   1 
ATOM   187  C CB  . LEU A 1 26  ? -20.74997 2.94595   -9.47451  1.000 20.62683  ? 24  LEU A CB  1 
ATOM   188  C CG  . LEU A 1 26  ? -20.94097 4.18713   -10.35925 1.000 20.48680  ? 24  LEU A CG  1 
ATOM   189  C CD1 . LEU A 1 26  ? -21.51517 3.75602   -11.68998 1.000 25.60980  ? 24  LEU A CD1 1 
ATOM   190  C CD2 . LEU A 1 26  ? -21.87129 5.21320   -9.68301  1.000 24.34496  ? 24  LEU A CD2 1 
ATOM   191  N N   . GLU A 1 27  ? -19.64202 1.06037   -6.97117  1.000 20.78862  ? 25  GLU A N   1 
ATOM   192  C CA  . GLU A 1 27  ? -19.99922 0.02585   -5.99643  1.000 24.37273  ? 25  GLU A CA  1 
ATOM   193  C C   . GLU A 1 27  ? -19.97674 0.53027   -4.55859  1.000 31.16196  ? 25  GLU A C   1 
ATOM   194  O O   . GLU A 1 27  ? -20.63241 -0.06424  -3.69433  1.000 34.01224  ? 25  GLU A O   1 
ATOM   195  C CB  . GLU A 1 27  ? -19.07013 -1.18003  -6.13513  1.000 22.26536  ? 25  GLU A CB  1 
ATOM   196  C CG  . GLU A 1 27  ? -19.04217 -1.77092  -7.52513  1.000 28.54596  ? 25  GLU A CG  1 
ATOM   197  C CD  . GLU A 1 27  ? -18.52271 -3.18483  -7.57847  1.000 48.13192  ? 25  GLU A CD  1 
ATOM   198  O OE1 . GLU A 1 27  ? -17.67316 -3.45974  -8.45675  1.000 55.24427  ? 25  GLU A OE1 1 
ATOM   199  O OE2 . GLU A 1 27  ? -18.96195 -4.02909  -6.76494  1.000 68.00898  ? 25  GLU A OE2 1 
ATOM   200  N N   . TYR A 1 28  ? -19.26167 1.60927   -4.27571  1.000 23.85778  ? 26  TYR A N   1 
ATOM   201  C CA  . TYR A 1 28  ? -19.20232 2.12786   -2.91096  1.000 32.46052  ? 26  TYR A CA  1 
ATOM   202  C C   . TYR A 1 28  ? -20.39615 3.00373   -2.52821  1.000 37.92625  ? 26  TYR A C   1 
ATOM   203  O O   . TYR A 1 28  ? -20.54082 3.33199   -1.34518  1.000 38.39966  ? 26  TYR A O   1 
ATOM   204  C CB  . TYR A 1 28  ? -17.94288 2.95915   -2.71092  1.000 27.31290  ? 26  TYR A CB  1 
ATOM   205  C CG  . TYR A 1 28  ? -16.62786 2.22124   -2.79203  1.000 23.01289  ? 26  TYR A CG  1 
ATOM   206  C CD1 . TYR A 1 28  ? -15.98205 2.05388   -4.01397  1.000 22.37177  ? 26  TYR A CD1 1 
ATOM   207  C CD2 . TYR A 1 28  ? -16.00153 1.74037   -1.64839  1.000 21.51518  ? 26  TYR A CD2 1 
ATOM   208  C CE1 . TYR A 1 28  ? -14.75455 1.41493   -4.09648  1.000 23.23659  ? 26  TYR A CE1 1 
ATOM   209  C CE2 . TYR A 1 28  ? -14.76990 1.10435   -1.71937  1.000 21.89744  ? 26  TYR A CE2 1 
ATOM   210  C CZ  . TYR A 1 28  ? -14.14882 0.94461   -2.95317  1.000 21.58340  ? 26  TYR A CZ  1 
ATOM   211  O OH  . TYR A 1 28  ? -12.91786 0.30794   -3.05180  1.000 22.89108  ? 26  TYR A OH  1 
ATOM   212  N N   . GLY A 1 29  ? -21.21461 3.43424   -3.48479  1.000 36.27770  ? 27  GLY A N   1 
ATOM   213  C CA  . GLY A 1 29  ? -22.36687 4.25738   -3.14200  1.000 36.45498  ? 27  GLY A CA  1 
ATOM   214  C C   . GLY A 1 29  ? -21.98417 5.54055   -2.42391  1.000 41.46130  ? 27  GLY A C   1 
ATOM   215  O O   . GLY A 1 29  ? -21.06990 6.26378   -2.83241  1.000 39.06801  ? 27  GLY A O   1 
ATOM   216  N N   . ASP A 1 30  ? -22.67827 5.82891   -1.32422  1.000 36.41307  ? 28  ASP A N   1 
ATOM   217  C CA  . ASP A 1 30  ? -22.55807 7.11416   -0.63582  1.000 45.98679  ? 28  ASP A CA  1 
ATOM   218  C C   . ASP A 1 30  ? -21.24709 7.31426   0.13653   1.000 47.35573  ? 28  ASP A C   1 
ATOM   219  O O   . ASP A 1 30  ? -21.09119 8.38036   0.74816   1.000 58.28510  ? 28  ASP A O   1 
ATOM   220  C CB  . ASP A 1 30  ? -23.75163 7.29661   0.30889   1.000 56.02641  ? 28  ASP A CB  1 
ATOM   221  C CG  . ASP A 1 30  ? -23.91591 6.13711   1.28264   1.000 67.66948  ? 28  ASP A CG  1 
ATOM   222  O OD1 . ASP A 1 30  ? -22.94168 5.77938   1.98144   1.000 60.96932  ? 28  ASP A OD1 1 
ATOM   223  O OD2 . ASP A 1 30  ? -25.03469 5.58273   1.35181   1.000 69.08836  ? 28  ASP A OD2 1 
ATOM   224  N N   . LYS A 1 31  ? -20.30836 6.36624   0.12426   1.000 49.18862  ? 29  LYS A N   1 
ATOM   225  C CA  . LYS A 1 31  ? -19.09710 6.50136   0.93296   1.000 42.68793  ? 29  LYS A CA  1 
ATOM   226  C C   . LYS A 1 31  ? -18.29874 7.73455   0.51334   1.000 50.63140  ? 29  LYS A C   1 
ATOM   227  O O   . LYS A 1 31  ? -18.33260 8.15821   -0.64603  1.000 46.37439  ? 29  LYS A O   1 
ATOM   228  C CB  . LYS A 1 31  ? -18.21620 5.25556   0.80341   1.000 40.78072  ? 29  LYS A CB  1 
ATOM   229  C CG  . LYS A 1 31  ? -18.61563 4.03092   1.63989   1.000 51.77401  ? 29  LYS A CG  1 
ATOM   230  C CD  . LYS A 1 31  ? -20.11753 3.82544   1.72717   1.000 56.92651  ? 29  LYS A CD  1 
ATOM   231  C CE  . LYS A 1 31  ? -20.46587 2.41756   2.17177   1.000 57.58610  ? 29  LYS A CE  1 
ATOM   232  N NZ  . LYS A 1 31  ? -21.74236 1.97648   1.52971   1.000 56.98673  ? 29  LYS A NZ  1 
ATOM   233  N N   . LYS A 1 32  ? -17.56394 8.30269   1.47479   1.000 49.61147  ? 30  LYS A N   1 
ATOM   234  C CA  . LYS A 1 32  ? -16.78353 9.52009   1.24886   1.000 48.33802  ? 30  LYS A CA  1 
ATOM   235  C C   . LYS A 1 32  ? -15.65837 9.26014   0.24824   1.000 52.33549  ? 30  LYS A C   1 
ATOM   236  O O   . LYS A 1 32  ? -14.81683 8.38296   0.46660   1.000 41.37265  ? 30  LYS A O   1 
ATOM   237  C CB  . LYS A 1 32  ? -16.20000 10.01834  2.57364   1.000 57.92686  ? 30  LYS A CB  1 
ATOM   238  C CG  . LYS A 1 32  ? -17.09070 10.95868  3.38549   1.000 57.97148  ? 30  LYS A CG  1 
ATOM   239  C CD  . LYS A 1 32  ? -18.34449 10.25790  3.90880   1.000 75.24778  ? 30  LYS A CD  1 
ATOM   240  C CE  . LYS A 1 32  ? -19.03265 11.06912  5.00423   1.000 72.33914  ? 30  LYS A CE  1 
ATOM   241  N NZ  . LYS A 1 32  ? -18.17103 11.22562  6.21420   1.000 72.85835  ? 30  LYS A NZ  1 
ATOM   242  N N   . ALA A 1 33  ? -15.61586 10.05747  -0.82740  1.000 44.92345  ? 31  ALA A N   1 
ATOM   243  C CA  . ALA A 1 33  ? -14.77841 9.73206   -1.98369  1.000 42.90854  ? 31  ALA A CA  1 
ATOM   244  C C   . ALA A 1 33  ? -13.28054 9.73234   -1.68190  1.000 38.27270  ? 31  ALA A C   1 
ATOM   245  O O   . ALA A 1 33  ? -12.50920 9.13199   -2.44220  1.000 36.95760  ? 31  ALA A O   1 
ATOM   246  C CB  . ALA A 1 33  ? -15.06726 10.70592  -3.12664  1.000 55.40230  ? 31  ALA A CB  1 
ATOM   247  N N   . GLU A 1 34  ? -12.83837 10.38670  -0.60993  1.000 39.82836  ? 32  GLU A N   1 
ATOM   248  C CA  . GLU A 1 34  ? -11.41616 10.39151  -0.27088  1.000 44.55379  ? 32  GLU A CA  1 
ATOM   249  C C   . GLU A 1 34  ? -11.01005 9.26206   0.67116   1.000 51.02650  ? 32  GLU A C   1 
ATOM   250  O O   . GLU A 1 34  ? -9.81499  9.11061   0.94969   1.000 44.78109  ? 32  GLU A O   1 
ATOM   251  C CB  . GLU A 1 34  ? -11.00054 11.73424  0.35050   1.000 49.80254  ? 32  GLU A CB  1 
ATOM   252  C CG  . GLU A 1 34  ? -11.48278 12.99342  -0.38209  1.000 62.78582  ? 32  GLU A CG  1 
ATOM   253  C CD  . GLU A 1 34  ? -12.97436 13.29259  -0.20869  1.000 71.70698  ? 32  GLU A CD  1 
ATOM   254  O OE1 . GLU A 1 34  ? -13.46346 14.25297  -0.85093  1.000 66.56254  ? 32  GLU A OE1 1 
ATOM   255  O OE2 . GLU A 1 34  ? -13.64883 12.57868  0.56769   1.000 65.83778  ? 32  GLU A OE2 1 
ATOM   256  N N   . CYS A 1 35  ? -11.95380 8.46454   1.16296   1.000 41.90418  ? 33  CYS A N   1 
ATOM   257  C CA  . CYS A 1 35  ? -11.65878 7.43896   2.15428   1.000 33.22472  ? 33  CYS A CA  1 
ATOM   258  C C   . CYS A 1 35  ? -11.98127 6.03739   1.64405   1.000 34.25534  ? 33  CYS A C   1 
ATOM   259  O O   . CYS A 1 35  ? -12.52927 5.21747   2.38092   1.000 29.71725  ? 33  CYS A O   1 
ATOM   260  C CB  . CYS A 1 35  ? -12.43420 7.69367   3.44719   1.000 55.51225  ? 33  CYS A CB  1 
ATOM   261  S SG  . CYS A 1 35  ? -12.48601 9.39625   4.02250   1.000 64.06180  ? 33  CYS A SG  1 
ATOM   262  N N   . LEU A 1 36  ? -11.64494 5.71660   0.39373   1.000 26.24713  ? 34  LEU A N   1 
ATOM   263  C CA  . LEU A 1 36  ? -12.04960 4.43656   -0.18299  1.000 29.61322  ? 34  LEU A CA  1 
ATOM   264  C C   . LEU A 1 36  ? -10.91653 3.41612   -0.12320  1.000 27.84722  ? 34  LEU A C   1 
ATOM   265  O O   . LEU A 1 36  ? -9.76916  3.72738   -0.45901  1.000 27.21090  ? 34  LEU A O   1 
ATOM   266  C CB  . LEU A 1 36  ? -12.50178 4.60517   -1.63404  1.000 25.11767  ? 34  LEU A CB  1 
ATOM   267  C CG  . LEU A 1 36  ? -13.58371 5.62743   -1.97212  1.000 30.54670  ? 34  LEU A CG  1 
ATOM   268  C CD1 . LEU A 1 36  ? -13.84506 5.58894   -3.49239  1.000 32.65051  ? 34  LEU A CD1 1 
ATOM   269  C CD2 . LEU A 1 36  ? -14.84825 5.37965   -1.20076  1.000 32.62613  ? 34  LEU A CD2 1 
ATOM   270  N N   . TYR A 1 37  ? -11.25968 2.17611   0.25160   1.000 19.02387  ? 35  TYR A N   1 
ATOM   271  C CA  . TYR A 1 37  ? -10.30746 1.08078   0.33325   1.000 18.89939  ? 35  TYR A CA  1 
ATOM   272  C C   . TYR A 1 37  ? -10.88769 -0.15947  -0.34942  1.000 18.77830  ? 35  TYR A C   1 
ATOM   273  O O   . TYR A 1 37  ? -12.10462 -0.32666  -0.45837  1.000 21.29574  ? 35  TYR A O   1 
ATOM   274  C CB  . TYR A 1 37  ? -9.92940  0.76587   1.80194   1.000 23.30387  ? 35  TYR A CB  1 
ATOM   275  C CG  . TYR A 1 37  ? -9.19492  1.92163   2.45550   1.000 23.37076  ? 35  TYR A CG  1 
ATOM   276  C CD1 . TYR A 1 37  ? -9.89522  2.99007   2.98222   1.000 26.97972  ? 35  TYR A CD1 1 
ATOM   277  C CD2 . TYR A 1 37  ? -7.79835  1.96100   2.49609   1.000 25.75768  ? 35  TYR A CD2 1 
ATOM   278  C CE1 . TYR A 1 37  ? -9.22911  4.08089   3.55569   1.000 31.72711  ? 35  TYR A CE1 1 
ATOM   279  C CE2 . TYR A 1 37  ? -7.12510  3.03706   3.08256   1.000 20.69783  ? 35  TYR A CE2 1 
ATOM   280  C CZ  . TYR A 1 37  ? -7.84837  4.08714   3.60454   1.000 29.47116  ? 35  TYR A CZ  1 
ATOM   281  O OH  . TYR A 1 37  ? -7.19556  5.15944   4.16892   1.000 27.28887  ? 35  TYR A OH  1 
ATOM   282  N N   . GLY A 1 38  ? -9.98912  -1.02800  -0.80537  1.000 18.40514  ? 36  GLY A N   1 
ATOM   283  C CA  . GLY A 1 38  ? -10.37167 -2.30436  -1.38290  1.000 19.42574  ? 36  GLY A CA  1 
ATOM   284  C C   . GLY A 1 38  ? -9.29351  -3.32711  -1.09929  1.000 20.77233  ? 36  GLY A C   1 
ATOM   285  O O   . GLY A 1 38  ? -8.18867  -2.99233  -0.66215  1.000 23.37698  ? 36  GLY A O   1 
ATOM   286  N N   . THR A 1 39  ? -9.62624  -4.59584  -1.33795  1.000 18.26343  ? 37  THR A N   1 
ATOM   287  C CA  . THR A 1 39  ? -8.66731  -5.67764  -1.24435  1.000 16.83628  ? 37  THR A CA  1 
ATOM   288  C C   . THR A 1 39  ? -8.36959  -6.20510  -2.63506  1.000 21.97066  ? 37  THR A C   1 
ATOM   289  O O   . THR A 1 39  ? -9.29152  -6.39933  -3.43935  1.000 22.39907  ? 37  THR A O   1 
ATOM   290  C CB  . THR A 1 39  ? -9.23621  -6.79413  -0.36022  1.000 27.02176  ? 37  THR A CB  1 
ATOM   291  O OG1 . THR A 1 39  ? -9.70469  -6.19920  0.85984   1.000 32.98550  ? 37  THR A OG1 1 
ATOM   292  C CG2 . THR A 1 39  ? -8.16712  -7.78729  -0.03907  1.000 37.06863  ? 37  THR A CG2 1 
ATOM   293  N N   . ILE A 1 40  ? -7.09148  -6.45916  -2.91136  1.000 20.48712  ? 38  ILE A N   1 
ATOM   294  C CA  . ILE A 1 40  ? -6.64262  -6.95265  -4.20766  1.000 24.48054  ? 38  ILE A CA  1 
ATOM   295  C C   . ILE A 1 40  ? -5.93069  -8.28458  -4.02407  1.000 28.94018  ? 38  ILE A C   1 
ATOM   296  O O   . ILE A 1 40  ? -5.11415  -8.44553  -3.11024  1.000 28.71518  ? 38  ILE A O   1 
ATOM   297  C CB  . ILE A 1 40  ? -5.69023  -5.95253  -4.90541  1.000 26.63947  ? 38  ILE A CB  1 
ATOM   298  C CG1 . ILE A 1 40  ? -6.44447  -4.72603  -5.38427  1.000 33.17727  ? 38  ILE A CG1 1 
ATOM   299  C CG2 . ILE A 1 40  ? -4.97169  -6.60483  -6.07773  1.000 33.02055  ? 38  ILE A CG2 1 
ATOM   300  C CD1 . ILE A 1 40  ? -5.54794  -3.52040  -5.55857  1.000 38.85502  ? 38  ILE A CD1 1 
ATOM   301  N N   . ARG A 1 41  ? -6.22518  -9.22701  -4.91020  1.000 22.47880  ? 39  ARG A N   1 
ATOM   302  C CA  . ARG A 1 41  ? -5.49728  -10.48262 -5.02102  1.000 27.92879  ? 39  ARG A CA  1 
ATOM   303  C C   . ARG A 1 41  ? -5.15914  -10.70335 -6.48623  1.000 29.44585  ? 39  ARG A C   1 
ATOM   304  O O   . ARG A 1 41  ? -5.99745  -10.45944 -7.35693  1.000 29.63794  ? 39  ARG A O   1 
ATOM   305  C CB  . ARG A 1 41  ? -6.33226  -11.66641 -4.51543  1.000 29.24122  ? 39  ARG A CB  1 
ATOM   306  C CG  . ARG A 1 41  ? -6.60663  -11.65323 -3.01544  1.000 37.41408  ? 39  ARG A CG  1 
ATOM   307  C CD  . ARG A 1 41  ? -7.31859  -12.93765 -2.55999  1.000 43.44772  ? 39  ARG A CD  1 
ATOM   308  N NE  . ARG A 1 41  ? -8.52367  -13.23098 -3.33181  1.000 53.76066  ? 39  ARG A NE  1 
ATOM   309  C CZ  . ARG A 1 41  ? -9.65066  -12.52925 -3.28084  1.000 50.63515  ? 39  ARG A CZ  1 
ATOM   310  N NH1 . ARG A 1 41  ? -9.77528  -11.47082 -2.49806  1.000 54.32172  ? 39  ARG A NH1 1 
ATOM   311  N NH2 . ARG A 1 41  ? -10.68140 -12.90040 -4.03564  1.000 54.05059  ? 39  ARG A NH2 1 
ATOM   312  N N   . LEU A 1 42  ? -3.94165  -11.17934 -6.75966  1.000 26.76833  ? 40  LEU A N   1 
ATOM   313  C CA  . LEU A 1 42  ? -3.55223  -11.48913 -8.12999  1.000 27.12502  ? 40  LEU A CA  1 
ATOM   314  C C   . LEU A 1 42  ? -3.71069  -12.97461 -8.42821  1.000 33.30827  ? 40  LEU A C   1 
ATOM   315  O O   . LEU A 1 42  ? -3.52868  -13.80874 -7.54076  1.000 35.12257  ? 40  LEU A O   1 
ATOM   316  C CB  . LEU A 1 42  ? -2.09837  -11.08211 -8.39154  1.000 29.73571  ? 40  LEU A CB  1 
ATOM   317  C CG  . LEU A 1 42  ? -1.77444  -9.63193  -8.07196  1.000 35.15735  ? 40  LEU A CG  1 
ATOM   318  C CD1 . LEU A 1 42  ? -0.39027  -9.27149  -8.57614  1.000 40.60965  ? 40  LEU A CD1 1 
ATOM   319  C CD2 . LEU A 1 42  ? -2.81733  -8.78082  -8.74805  1.000 29.79644  ? 40  LEU A CD2 1 
ATOM   320  N N   . PRO A 1 43  ? -4.03848  -13.33753 -9.67097  1.000 36.38119  ? 41  PRO A N   1 
ATOM   321  C CA  . PRO A 1 43  ? -4.06922  -14.75917 -10.03472 1.000 37.24228  ? 41  PRO A CA  1 
ATOM   322  C C   . PRO A 1 43  ? -2.65784  -15.32425 -10.07700 1.000 38.36562  ? 41  PRO A C   1 
ATOM   323  O O   . PRO A 1 43  ? -1.70145  -14.63457 -10.43504 1.000 41.99281  ? 41  PRO A O   1 
ATOM   324  C CB  . PRO A 1 43  ? -4.71560  -14.76581 -11.42736 1.000 39.90683  ? 41  PRO A CB  1 
ATOM   325  C CG  . PRO A 1 43  ? -4.80048  -13.30193 -11.87162 1.000 36.28376  ? 41  PRO A CG  1 
ATOM   326  C CD  . PRO A 1 43  ? -4.13884  -12.45127 -10.84484 1.000 39.00197  ? 41  PRO A CD  1 
ATOM   327  N N   . GLN A 1 44  ? -2.52892  -16.59655 -9.71227  1.000 50.30500  ? 42  GLN A N   1 
ATOM   328  C CA  . GLN A 1 44  ? -1.21868  -17.21676 -9.58253  1.000 58.36365  ? 42  GLN A CA  1 
ATOM   329  C C   . GLN A 1 44  ? -1.05294  -18.37801 -10.55670 1.000 75.05814  ? 42  GLN A C   1 
ATOM   330  O O   . GLN A 1 44  ? -2.01678  -18.88793 -11.13692 1.000 65.55807  ? 42  GLN A O   1 
ATOM   331  C CB  . GLN A 1 44  ? -0.97957  -17.70110 -8.14719  1.000 61.00725  ? 42  GLN A CB  1 
ATOM   332  C CG  . GLN A 1 44  ? -0.05451  -16.80015 -7.35120  1.000 55.59643  ? 42  GLN A CG  1 
ATOM   333  C CD  . GLN A 1 44  ? 0.10971   -17.26132 -5.91940  1.000 63.62656  ? 42  GLN A CD  1 
ATOM   334  O OE1 . GLN A 1 44  ? -0.81595  -17.81195 -5.32245  1.000 66.60398  ? 42  GLN A OE1 1 
ATOM   335  N NE2 . GLN A 1 44  ? 1.29009   -17.03652 -5.35806  1.000 64.14730  ? 42  GLN A NE2 1 
ATOM   336  N N   . TYR A 1 45  ? 0.21203   -18.77880 -10.72461 1.000 89.27349  ? 43  TYR A N   1 
ATOM   337  C CA  . TYR A 1 45  ? 0.61654   -19.93144 -11.52421 1.000 91.13051  ? 43  TYR A CA  1 
ATOM   338  C C   . TYR A 1 45  ? -0.03766  -21.19987 -10.99290 1.000 84.27262  ? 43  TYR A C   1 
ATOM   339  O O   . TYR A 1 45  ? 0.36948   -21.72736 -9.95250  1.000 87.46894  ? 43  TYR A O   1 
ATOM   340  C CB  . TYR A 1 45  ? 2.14740   -20.05207 -11.51485 1.000 98.19255  ? 43  TYR A CB  1 
ATOM   341  C CG  . TYR A 1 45  ? 2.73564   -21.24271 -12.25517 1.000 106.89267 ? 43  TYR A CG  1 
ATOM   342  C CD1 . TYR A 1 45  ? 2.72497   -21.30587 -13.64515 1.000 110.45785 ? 43  TYR A CD1 1 
ATOM   343  C CD2 . TYR A 1 45  ? 3.33280   -22.28885 -11.55985 1.000 103.89735 ? 43  TYR A CD2 1 
ATOM   344  C CE1 . TYR A 1 45  ? 3.27617   -22.39084 -14.31925 1.000 107.60077 ? 43  TYR A CE1 1 
ATOM   345  C CE2 . TYR A 1 45  ? 3.88404   -23.37362 -12.22314 1.000 105.57434 ? 43  TYR A CE2 1 
ATOM   346  C CZ  . TYR A 1 45  ? 3.85308   -23.42044 -13.60107 1.000 108.52210 ? 43  TYR A CZ  1 
ATOM   347  O OH  . TYR A 1 45  ? 4.40249   -24.50049 -14.25665 1.000 102.54100 ? 43  TYR A OH  1 
ATOM   348  N N   . GLY A 1 46  ? -1.05915  -21.68660 -11.69225 1.000 82.91664  ? 44  GLY A N   1 
ATOM   349  C CA  . GLY A 1 46  ? -1.80868  -22.83396 -11.24222 1.000 86.57524  ? 44  GLY A CA  1 
ATOM   350  C C   . GLY A 1 46  ? -2.91713  -22.44233 -10.28640 1.000 85.37506  ? 44  GLY A C   1 
ATOM   351  O O   . GLY A 1 46  ? -3.50214  -21.35827 -10.38557 1.000 86.52872  ? 44  GLY A O   1 
ATOM   352  N N   . PRO A 1 47  ? -3.22448  -23.31729 -9.33349  1.000 83.73164  ? 45  PRO A N   1 
ATOM   353  C CA  . PRO A 1 47  ? -4.28670  -23.00697 -8.37335  1.000 84.86206  ? 45  PRO A CA  1 
ATOM   354  C C   . PRO A 1 47  ? -3.89336  -21.86047 -7.45779  1.000 80.23146  ? 45  PRO A C   1 
ATOM   355  O O   . PRO A 1 47  ? -2.71253  -21.59710 -7.21454  1.000 79.98223  ? 45  PRO A O   1 
ATOM   356  C CB  . PRO A 1 47  ? -4.44647  -24.31314 -7.58703  1.000 87.27850  ? 45  PRO A CB  1 
ATOM   357  C CG  . PRO A 1 47  ? -3.10512  -24.96179 -7.68109  1.000 83.26142  ? 45  PRO A CG  1 
ATOM   358  C CD  . PRO A 1 47  ? -2.57981  -24.61156 -9.04979  1.000 81.94179  ? 45  PRO A CD  1 
ATOM   359  N N   . GLY A 1 48  ? -4.90650  -21.16546 -6.95847  1.000 74.74983  ? 46  GLY A N   1 
ATOM   360  C CA  . GLY A 1 48  ? -4.70576  -20.17810 -5.92375  1.000 73.38364  ? 46  GLY A CA  1 
ATOM   361  C C   . GLY A 1 48  ? -4.27191  -18.82276 -6.44956  1.000 67.32585  ? 46  GLY A C   1 
ATOM   362  O O   . GLY A 1 48  ? -3.87685  -18.64429 -7.60492  1.000 56.44251  ? 46  GLY A O   1 
ATOM   363  N N   . CYS A 1 49  ? -4.33945  -17.84604 -5.54900  1.000 65.47083  ? 47  CYS A N   1 
ATOM   364  C CA  . CYS A 1 49  ? -4.07092  -16.45671 -5.87125  1.000 58.22380  ? 47  CYS A CA  1 
ATOM   365  C C   . CYS A 1 49  ? -3.28012  -15.81746 -4.73333  1.000 52.61779  ? 47  CYS A C   1 
ATOM   366  O O   . CYS A 1 49  ? -3.18590  -16.35809 -3.62906  1.000 51.21706  ? 47  CYS A O   1 
ATOM   367  C CB  . CYS A 1 49  ? -5.38202  -15.69818 -6.14007  1.000 47.33139  ? 47  CYS A CB  1 
ATOM   368  S SG  . CYS A 1 49  ? -6.52981  -15.62264 -4.75452  1.000 87.09830  ? 47  CYS A SG  1 
ATOM   369  N N   . THR A 1 50  ? -2.67538  -14.67404 -5.03376  1.000 43.53303  ? 48  THR A N   1 
ATOM   370  C CA  . THR A 1 50  ? -1.98321  -13.81239 -4.08294  1.000 36.67672  ? 48  THR A CA  1 
ATOM   371  C C   . THR A 1 50  ? -2.83042  -13.61105 -2.82049  1.000 40.24122  ? 48  THR A C   1 
ATOM   372  O O   . THR A 1 50  ? -4.06641  -13.62916 -2.89618  1.000 42.44766  ? 48  THR A O   1 
ATOM   373  C CB  . THR A 1 50  ? -1.66572  -12.48780 -4.79813  1.000 39.76449  ? 48  THR A CB  1 
ATOM   374  O OG1 . THR A 1 50  ? -0.48014  -12.64071 -5.58703  1.000 46.80358  ? 48  THR A OG1 1 
ATOM   375  C CG2 . THR A 1 50  ? -1.49384  -11.33509 -3.83929  1.000 50.27645  ? 48  THR A CG2 1 
ATOM   376  N N   . PRO A 1 51  ? -2.22486  -13.46544 -1.64050  1.000 46.73471  ? 49  PRO A N   1 
ATOM   377  C CA  . PRO A 1 51  ? -3.02190  -13.15319 -0.44668  1.000 45.74762  ? 49  PRO A CA  1 
ATOM   378  C C   . PRO A 1 51  ? -3.58927  -11.74447 -0.53367  1.000 35.70910  ? 49  PRO A C   1 
ATOM   379  O O   . PRO A 1 51  ? -2.98127  -10.84496 -1.11421  1.000 34.79173  ? 49  PRO A O   1 
ATOM   380  C CB  . PRO A 1 51  ? -2.01069  -13.26633 0.70277   1.000 48.10220  ? 49  PRO A CB  1 
ATOM   381  C CG  . PRO A 1 51  ? -0.85814  -14.04104 0.13845   1.000 52.98290  ? 49  PRO A CG  1 
ATOM   382  C CD  . PRO A 1 51  ? -0.80425  -13.64519 -1.31065  1.000 40.53663  ? 49  PRO A CD  1 
ATOM   383  N N   . GLY A 1 52  ? -4.77017  -11.55977 0.05276   1.000 33.91268  ? 50  GLY A N   1 
ATOM   384  C CA  . GLY A 1 52  ? -5.43922  -10.26869 0.03607   1.000 31.08188  ? 50  GLY A CA  1 
ATOM   385  C C   . GLY A 1 52  ? -4.62522  -9.10821  0.57379   1.000 33.66973  ? 50  GLY A C   1 
ATOM   386  O O   . GLY A 1 52  ? -4.10180  -9.17378  1.68944   1.000 31.12538  ? 50  GLY A O   1 
ATOM   387  N N   . LYS A 1 53  ? -4.48648  -8.04905  -0.22427  1.000 27.80177  ? 51  LYS A N   1 
ATOM   388  C CA  . LYS A 1 53  ? -3.79120  -6.83226  0.16934   1.000 22.52796  ? 51  LYS A CA  1 
ATOM   389  C C   . LYS A 1 53  ? -4.75280  -5.65163  0.15196   1.000 25.75113  ? 51  LYS A C   1 
ATOM   390  O O   . LYS A 1 53  ? -5.37964  -5.36766  -0.87627  1.000 22.15268  ? 51  LYS A O   1 
ATOM   391  C CB  . LYS A 1 53  ? -2.60496  -6.56256  -0.76457  1.000 26.87493  ? 51  LYS A CB  1 
ATOM   392  C CG  . LYS A 1 53  ? -1.31874  -7.26121  -0.33834  1.000 36.68034  ? 51  LYS A CG  1 
ATOM   393  C CD  . LYS A 1 53  ? -0.11831  -6.57911  -0.96302  1.000 40.34619  ? 51  LYS A CD  1 
ATOM   394  C CE  . LYS A 1 53  ? 1.21055   -7.17316  -0.50481  1.000 49.08804  ? 51  LYS A CE  1 
ATOM   395  N NZ  . LYS A 1 53  ? 2.19207   -6.04278  -0.26615  1.000 43.23625  ? 51  LYS A NZ  1 
ATOM   396  N N   . ILE A 1 54  ? -4.84602  -4.94410  1.27505   1.000 19.43132  ? 52  ILE A N   1 
ATOM   397  C CA  . ILE A 1 54  ? -5.72075  -3.78003  1.36754   1.000 19.21425  ? 52  ILE A CA  1 
ATOM   398  C C   . ILE A 1 54  ? -4.99548  -2.56990  0.78912   1.000 25.68660  ? 52  ILE A C   1 
ATOM   399  O O   . ILE A 1 54  ? -3.82837  -2.32694  1.11173   1.000 25.11165  ? 52  ILE A O   1 
ATOM   400  C CB  . ILE A 1 54  ? -6.11614  -3.52470  2.82751   1.000 20.44653  ? 52  ILE A CB  1 
ATOM   401  C CG1 . ILE A 1 54  ? -6.94692  -4.69956  3.37064   1.000 23.01913  ? 52  ILE A CG1 1 
ATOM   402  C CG2 . ILE A 1 54  ? -6.92774  -2.26434  2.96154   1.000 18.58959  ? 52  ILE A CG2 1 
ATOM   403  C CD1 . ILE A 1 54  ? -7.13537  -4.63941  4.86305   1.000 25.73660  ? 52  ILE A CD1 1 
ATOM   404  N N   . VAL A 1 55  ? -5.68119  -1.80151  -0.05027  1.000 19.41709  ? 53  VAL A N   1 
ATOM   405  C CA  . VAL A 1 55  ? -5.10045  -0.58999  -0.62769  1.000 23.17868  ? 53  VAL A CA  1 
ATOM   406  C C   . VAL A 1 55  ? -6.09804  0.54869   -0.54393  1.000 24.91207  ? 53  VAL A C   1 
ATOM   407  O O   . VAL A 1 55  ? -7.31352  0.34562   -0.60096  1.000 26.57552  ? 53  VAL A O   1 
ATOM   408  C CB  . VAL A 1 55  ? -4.66689  -0.78447  -2.09479  1.000 25.87742  ? 53  VAL A CB  1 
ATOM   409  C CG1 . VAL A 1 55  ? -3.51118  -1.76328  -2.17766  1.000 25.40588  ? 53  VAL A CG1 1 
ATOM   410  C CG2 . VAL A 1 55  ? -5.83898  -1.26410  -2.92894  1.000 28.90686  ? 53  VAL A CG2 1 
ATOM   411  N N   . HIS A 1 56  ? -5.57291  1.76163   -0.41562  1.000 19.78132  ? 54  HIS A N   1 
ATOM   412  C CA  . HIS A 1 56  ? -6.36541  2.96031   -0.62317  1.000 20.67695  ? 54  HIS A CA  1 
ATOM   413  C C   . HIS A 1 56  ? -6.61813  3.14235   -2.11807  1.000 24.59256  ? 54  HIS A C   1 
ATOM   414  O O   . HIS A 1 56  ? -5.67579  3.11353   -2.91802  1.000 30.13895  ? 54  HIS A O   1 
ATOM   415  C CB  . HIS A 1 56  ? -5.60364  4.17652   -0.07675  1.000 25.96979  ? 54  HIS A CB  1 
ATOM   416  C CG  . HIS A 1 56  ? -6.33267  5.47649   -0.22022  1.000 17.70355  ? 54  HIS A CG  1 
ATOM   417  N ND1 . HIS A 1 56  ? -5.69710  6.64884   -0.57667  1.000 26.84082  ? 54  HIS A ND1 1 
ATOM   418  C CD2 . HIS A 1 56  ? -7.63398  5.79563   -0.02533  1.000 25.94499  ? 54  HIS A CD2 1 
ATOM   419  C CE1 . HIS A 1 56  ? -6.58055  7.63137   -0.60749  1.000 28.79343  ? 54  HIS A CE1 1 
ATOM   420  N NE2 . HIS A 1 56  ? -7.76062  7.14246   -0.27039  1.000 32.58806  ? 54  HIS A NE2 1 
ATOM   421  N N   . CYS A 1 57  ? -7.87664  3.32687   -2.50964  1.000 21.59699  ? 55  CYS A N   1 
ATOM   422  C CA  . CYS A 1 57  ? -8.18737  3.59179   -3.91098  1.000 23.92218  ? 55  CYS A CA  1 
ATOM   423  C C   . CYS A 1 57  ? -8.83375  4.94808   -4.13039  1.000 29.05837  ? 55  CYS A C   1 
ATOM   424  O O   . CYS A 1 57  ? -9.51432  5.49729   -3.25825  1.000 25.36176  ? 55  CYS A O   1 
ATOM   425  C CB  . CYS A 1 57  ? -9.07259  2.51008   -4.54900  1.000 32.87596  ? 55  CYS A CB  1 
ATOM   426  S SG  . CYS A 1 57  ? -8.85032  0.83941   -3.95781  1.000 30.17163  ? 55  CYS A SG  1 
ATOM   427  N N   . VAL A 1 58  ? -8.59487  5.48763   -5.32374  1.000 20.81935  ? 56  VAL A N   1 
ATOM   428  C CA  . VAL A 1 58  ? -9.12272  6.77662   -5.73049  1.000 19.11125  ? 56  VAL A CA  1 
ATOM   429  C C   . VAL A 1 58  ? -9.73221  6.63859   -7.12003  1.000 20.01061  ? 56  VAL A C   1 
ATOM   430  O O   . VAL A 1 58  ? -9.19044  5.94081   -7.98346  1.000 19.91880  ? 56  VAL A O   1 
ATOM   431  C CB  . VAL A 1 58  ? -8.02150  7.85851   -5.72631  1.000 24.44428  ? 56  VAL A CB  1 
ATOM   432  C CG1 . VAL A 1 58  ? -7.39235  7.94848   -4.35191  1.000 24.08059  ? 56  VAL A CG1 1 
ATOM   433  C CG2 . VAL A 1 58  ? -6.96154  7.52729   -6.74024  1.000 28.20941  ? 56  VAL A CG2 1 
ATOM   434  N N   . LEU A 1 59  ? -10.85107 7.30652   -7.33359  1.000 19.49171  ? 57  LEU A N   1 
ATOM   435  C CA  . LEU A 1 59  ? -11.49458 7.31381   -8.64017  1.000 18.46648  ? 57  LEU A CA  1 
ATOM   436  C C   . LEU A 1 59  ? -10.59964 7.94952   -9.68745  1.000 23.21084  ? 57  LEU A C   1 
ATOM   437  O O   . LEU A 1 59  ? -10.05257 9.03095   -9.47149  1.000 17.32254  ? 57  LEU A O   1 
ATOM   438  C CB  . LEU A 1 59  ? -12.80008 8.10324   -8.56440  1.000 22.11092  ? 57  LEU A CB  1 
ATOM   439  C CG  . LEU A 1 59  ? -13.45643 8.40386   -9.91396  1.000 21.10686  ? 57  LEU A CG  1 
ATOM   440  C CD1 . LEU A 1 59  ? -13.97102 7.13865   -10.58760 1.000 22.36610  ? 57  LEU A CD1 1 
ATOM   441  C CD2 . LEU A 1 59  ? -14.55779 9.41990   -9.75482  1.000 22.53901  ? 57  LEU A CD2 1 
ATOM   442  N N   . ASP A 1 60  ? -10.46770 7.29859   -10.83726 1.000 20.84697  ? 58  ASP A N   1 
ATOM   443  C CA  . ASP A 1 60  ? -9.93013  7.97899   -12.01651 1.000 22.02475  ? 58  ASP A CA  1 
ATOM   444  C C   . ASP A 1 60  ? -10.98547 7.85874   -13.11002 1.000 22.53920  ? 58  ASP A C   1 
ATOM   445  O O   . ASP A 1 60  ? -11.12727 6.80740   -13.73446 1.000 22.15969  ? 58  ASP A O   1 
ATOM   446  C CB  . ASP A 1 60  ? -8.58349  7.41421   -12.46215 1.000 16.44521  ? 58  ASP A CB  1 
ATOM   447  C CG  . ASP A 1 60  ? -7.97436  8.22898   -13.61944 1.000 26.77912  ? 58  ASP A CG  1 
ATOM   448  O OD1 . ASP A 1 60  ? -8.75888  8.81006   -14.39002 1.000 24.86090  ? 58  ASP A OD1 1 
ATOM   449  O OD2 . ASP A 1 60  ? -6.73212  8.26074   -13.77778 1.000 22.15194  ? 58  ASP A OD2 1 
ATOM   450  N N   . ASP A 1 61  ? -11.69924 8.96352   -13.33591 1.000 22.45789  ? 59  ASP A N   1 
ATOM   451  C CA  . ASP A 1 61  ? -12.76136 9.07733   -14.33065 1.000 28.65250  ? 59  ASP A CA  1 
ATOM   452  C C   . ASP A 1 61  ? -12.30142 8.76476   -15.75177 1.000 27.08803  ? 59  ASP A C   1 
ATOM   453  O O   . ASP A 1 61  ? -13.14549 8.47714   -16.61209 1.000 24.23980  ? 59  ASP A O   1 
ATOM   454  C CB  . ASP A 1 61  ? -13.28963 10.51772  -14.29909 1.000 38.98033  ? 59  ASP A CB  1 
ATOM   455  C CG  . ASP A 1 61  ? -14.65204 10.62913  -13.68784 1.000 42.18310  ? 59  ASP A CG  1 
ATOM   456  O OD1 . ASP A 1 61  ? -15.22641 9.57667   -13.35710 1.000 57.04205  ? 59  ASP A OD1 1 
ATOM   457  O OD2 . ASP A 1 61  ? -15.14314 11.77238  -13.51476 1.000 51.89641  ? 59  ASP A OD2 1 
ATOM   458  N N   . SER A 1 62  ? -10.99696 8.87174   -16.03581 1.000 20.48007  ? 60  SER A N   1 
ATOM   459  C CA  . SER A 1 62  ? -10.47546 8.64709   -17.38099 1.000 18.72666  ? 60  SER A CA  1 
ATOM   460  C C   . SER A 1 62  ? -10.24813 7.17036   -17.70365 1.000 26.49015  ? 60  SER A C   1 
ATOM   461  O O   . SER A 1 62  ? -10.07422 6.82753   -18.87546 1.000 21.23586  ? 60  SER A O   1 
ATOM   462  C CB  . SER A 1 62  ? -9.16100  9.41911   -17.57121 1.000 32.09790  ? 60  SER A CB  1 
ATOM   463  O OG  . SER A 1 62  ? -8.09102  8.81283   -16.84884 1.000 26.08126  ? 60  SER A OG  1 
ATOM   464  N N   . LEU A 1 63  ? -10.25009 6.28554   -16.71236 1.000 20.39140  ? 61  LEU A N   1 
ATOM   465  C CA  . LEU A 1 63  ? -10.02448 4.87992   -16.99147 1.000 19.95058  ? 61  LEU A CA  1 
ATOM   466  C C   . LEU A 1 63  ? -11.21782 4.27781   -17.73805 1.000 18.06867  ? 61  LEU A C   1 
ATOM   467  O O   . LEU A 1 63  ? -12.36739 4.65814   -17.49708 1.000 21.35800  ? 61  LEU A O   1 
ATOM   468  C CB  . LEU A 1 63  ? -9.78898  4.11042   -15.69107 1.000 15.12070  ? 61  LEU A CB  1 
ATOM   469  C CG  . LEU A 1 63  ? -8.40602  4.23702   -15.02932 1.000 17.37891  ? 61  LEU A CG  1 
ATOM   470  C CD1 . LEU A 1 63  ? -8.44768  3.74756   -13.58840 1.000 20.28877  ? 61  LEU A CD1 1 
ATOM   471  C CD2 . LEU A 1 63  ? -7.34556  3.44246   -15.80500 1.000 21.24168  ? 61  LEU A CD2 1 
ATOM   472  N N   . PRO A 1 64  ? -10.96769 3.31886   -18.62792 1.000 19.21825  ? 62  PRO A N   1 
ATOM   473  C CA  . PRO A 1 64  ? -12.06831 2.56554   -19.23795 1.000 21.68306  ? 62  PRO A CA  1 
ATOM   474  C C   . PRO A 1 64  ? -12.70907 1.64465   -18.20546 1.000 22.85835  ? 62  PRO A C   1 
ATOM   475  O O   . PRO A 1 64  ? -12.18981 1.44341   -17.10674 1.000 19.68620  ? 62  PRO A O   1 
ATOM   476  C CB  . PRO A 1 64  ? -11.38788 1.76212   -20.34781 1.000 25.24866  ? 62  PRO A CB  1 
ATOM   477  C CG  . PRO A 1 64  ? -9.98290  1.63502   -19.91957 1.000 25.97413  ? 62  PRO A CG  1 
ATOM   478  C CD  . PRO A 1 64  ? -9.64310  2.85422   -19.08187 1.000 24.10587  ? 62  PRO A CD  1 
ATOM   479  N N   . PHE A 1 65  ? -13.83944 1.05588   -18.58691 1.000 22.48301  ? 63  PHE A N   1 
ATOM   480  C CA  . PHE A 1 65  ? -14.60839 0.22192   -17.65460 1.000 18.34474  ? 63  PHE A CA  1 
ATOM   481  C C   . PHE A 1 65  ? -13.76917 -0.92259  -17.09747 1.000 22.60870  ? 63  PHE A C   1 
ATOM   482  O O   . PHE A 1 65  ? -12.80097 -1.36696  -17.72155 1.000 22.12376  ? 63  PHE A O   1 
ATOM   483  C CB  . PHE A 1 65  ? -15.83973 -0.34197  -18.35332 1.000 21.37923  ? 63  PHE A CB  1 
ATOM   484  C CG  . PHE A 1 65  ? -15.53421 -1.06624  -19.63815 1.000 21.14069  ? 63  PHE A CG  1 
ATOM   485  C CD1 . PHE A 1 65  ? -15.25983 -2.42133  -19.64151 1.000 24.73506  ? 63  PHE A CD1 1 
ATOM   486  C CD2 . PHE A 1 65  ? -15.53444 -0.38712  -20.85021 1.000 21.40870  ? 63  PHE A CD2 1 
ATOM   487  C CE1 . PHE A 1 65  ? -14.99024 -3.08394  -20.82903 1.000 21.55262  ? 63  PHE A CE1 1 
ATOM   488  C CE2 . PHE A 1 65  ? -15.26180 -1.04086  -22.03291 1.000 26.40373  ? 63  PHE A CE2 1 
ATOM   489  C CZ  . PHE A 1 65  ? -14.99782 -2.40323  -22.02357 1.000 29.66859  ? 63  PHE A CZ  1 
ATOM   490  N N   . CYS A 1 66  ? -14.15046 -1.39833  -15.90127 1.000 22.26959  ? 64  CYS A N   1 
ATOM   491  C CA  . CYS A 1 66  ? -13.50467 -2.54254  -15.21998 1.000 24.00771  ? 64  CYS A CA  1 
ATOM   492  C C   . CYS A 1 66  ? -11.97332 -2.48471  -15.26459 1.000 21.46708  ? 64  CYS A C   1 
ATOM   493  O O   . CYS A 1 66  ? -11.31048 -3.41633  -15.72068 1.000 20.69929  ? 64  CYS A O   1 
ATOM   494  C CB  . CYS A 1 66  ? -13.96676 -3.87551  -15.81114 1.000 37.39565  ? 64  CYS A CB  1 
ATOM   495  S SG  . CYS A 1 66  ? -15.73668 -4.08385  -15.97729 1.000 37.64802  ? 64  CYS A SG  1 
ATOM   496  N N   . SER A 1 67  ? -11.40562 -1.39552  -14.73463 1.000 17.53288  ? 65  SER A N   1 
ATOM   497  C CA  . SER A 1 67  ? -9.95829  -1.20604  -14.79193 1.000 14.64120  ? 65  SER A CA  1 
ATOM   498  C C   . SER A 1 67  ? -9.42844  -0.65296  -13.48194 1.000 15.91156  ? 65  SER A C   1 
ATOM   499  O O   . SER A 1 67  ? -10.06488 0.19435   -12.84995 1.000 17.78904  ? 65  SER A O   1 
ATOM   500  C CB  . SER A 1 67  ? -9.54302  -0.24225  -15.92206 1.000 16.62249  ? 65  SER A CB  1 
ATOM   501  O OG  . SER A 1 67  ? -10.02865 -0.67558  -17.16651 1.000 26.38069  ? 65  SER A OG  1 
ATOM   502  N N   . ILE A 1 68  ? -8.24776  -1.13224  -13.09210 1.000 16.39297  ? 66  ILE A N   1 
ATOM   503  C CA  . ILE A 1 68  ? -7.54789  -0.63695  -11.91770 1.000 18.70214  ? 66  ILE A CA  1 
ATOM   504  C C   . ILE A 1 68  ? -6.06741  -0.46059  -12.25297 1.000 20.59998  ? 66  ILE A C   1 
ATOM   505  O O   . ILE A 1 68  ? -5.49901  -1.19068  -13.07350 1.000 22.13241  ? 66  ILE A O   1 
ATOM   506  C CB  . ILE A 1 68  ? -7.73581  -1.58577  -10.71053 1.000 20.02908  ? 66  ILE A CB  1 
ATOM   507  C CG1 . ILE A 1 68  ? -7.34560  -2.99108  -11.11361 1.000 31.32443  ? 66  ILE A CG1 1 
ATOM   508  C CG2 . ILE A 1 68  ? -9.17590  -1.62622  -10.27354 1.000 24.69168  ? 66  ILE A CG2 1 
ATOM   509  C CD1 . ILE A 1 68  ? -6.06619  -3.38700  -10.58387 1.000 41.17665  ? 66  ILE A CD1 1 
ATOM   510  N N   . VAL A 1 69  ? -5.44624  0.52887   -11.62440 1.000 14.16367  ? 67  VAL A N   1 
ATOM   511  C CA  . VAL A 1 69  ? -4.00651  0.75384   -11.72411 1.000 17.58959  ? 67  VAL A CA  1 
ATOM   512  C C   . VAL A 1 69  ? -3.41456  0.55189   -10.33208 1.000 15.28123  ? 67  VAL A C   1 
ATOM   513  O O   . VAL A 1 69  ? -3.82595  1.23741   -9.39073  1.000 20.48822  ? 67  VAL A O   1 
ATOM   514  C CB  . VAL A 1 69  ? -3.70026  2.16475   -12.25086 1.000 18.03998  ? 67  VAL A CB  1 
ATOM   515  C CG1 . VAL A 1 69  ? -2.21386  2.33796   -12.45221 1.000 19.69462  ? 67  VAL A CG1 1 
ATOM   516  C CG2 . VAL A 1 69  ? -4.47717  2.43969   -13.55402 1.000 18.65672  ? 67  VAL A CG2 1 
ATOM   517  N N   . VAL A 1 70  ? -2.46108  -0.37563  -10.20171 1.000 16.41311  ? 68  VAL A N   1 
ATOM   518  C CA  . VAL A 1 70  ? -1.87415  -0.77965  -8.91004  1.000 19.35327  ? 68  VAL A CA  1 
ATOM   519  C C   . VAL A 1 70  ? -0.35146  -0.72953  -8.95242  1.000 18.49922  ? 68  VAL A C   1 
ATOM   520  O O   . VAL A 1 70  ? 0.23488   -1.13448  -9.96129  1.000 19.84568  ? 68  VAL A O   1 
ATOM   521  C CB  . VAL A 1 70  ? -2.30908  -2.21046  -8.52690  1.000 24.17235  ? 68  VAL A CB  1 
ATOM   522  C CG1 . VAL A 1 70  ? -1.80839  -2.59277  -7.14191  1.000 32.85533  ? 68  VAL A CG1 1 
ATOM   523  C CG2 . VAL A 1 70  ? -3.77866  -2.29517  -8.49912  1.000 35.19650  ? 68  VAL A CG2 1 
ATOM   524  N N   . PRO A 1 71  ? 0.33057   -0.31224  -7.88217  1.000 16.95713  ? 69  PRO A N   1 
ATOM   525  C CA  . PRO A 1 71  ? 1.79842   -0.29118  -7.91942  1.000 19.94675  ? 69  PRO A CA  1 
ATOM   526  C C   . PRO A 1 71  ? 2.37874   -1.69020  -8.05939  1.000 22.05347  ? 69  PRO A C   1 
ATOM   527  O O   . PRO A 1 71  ? 2.00099   -2.62262  -7.34618  1.000 21.11222  ? 69  PRO A O   1 
ATOM   528  C CB  . PRO A 1 71  ? 2.17658   0.35403   -6.57872  1.000 19.72696  ? 69  PRO A CB  1 
ATOM   529  C CG  . PRO A 1 71  ? 0.98893   1.24301   -6.24900  1.000 22.49317  ? 69  PRO A CG  1 
ATOM   530  C CD  . PRO A 1 71  ? -0.20904  0.47315   -6.75113  1.000 22.18855  ? 69  PRO A CD  1 
ATOM   531  N N   . SER A 1 72  ? 3.31092   -1.83734  -8.99775  1.000 23.20470  ? 70  SER A N   1 
ATOM   532  C CA  . SER A 1 72  ? 3.94685   -3.13887  -9.15205  1.000 28.48016  ? 70  SER A CA  1 
ATOM   533  C C   . SER A 1 72  ? 4.75845   -3.50458  -7.92288  1.000 21.82425  ? 70  SER A C   1 
ATOM   534  O O   . SER A 1 72  ? 4.94911   -4.68944  -7.65175  1.000 27.19663  ? 70  SER A O   1 
ATOM   535  C CB  . SER A 1 72  ? 4.84900   -3.16114  -10.38128 1.000 33.01378  ? 70  SER A CB  1 
ATOM   536  O OG  . SER A 1 72  ? 5.79917   -2.14067  -10.27474 1.000 45.14414  ? 70  SER A OG  1 
ATOM   537  N N   . LYS A 1 73  ? 5.24041   -2.50351  -7.17252  1.000 24.96274  ? 71  LYS A N   1 
ATOM   538  C CA  . LYS A 1 73  ? 6.08736   -2.78386  -6.01875  1.000 21.69251  ? 71  LYS A CA  1 
ATOM   539  C C   . LYS A 1 73  ? 5.30756   -3.41164  -4.87139  1.000 24.82519  ? 71  LYS A C   1 
ATOM   540  O O   . LYS A 1 73  ? 5.92654   -3.93047  -3.93616  1.000 28.69975  ? 71  LYS A O   1 
ATOM   541  C CB  . LYS A 1 73  ? 6.76303   -1.49851  -5.53731  1.000 29.95994  ? 71  LYS A CB  1 
ATOM   542  C CG  . LYS A 1 73  ? 8.10122   -1.18262  -6.20820  1.000 28.99013  ? 71  LYS A CG  1 
ATOM   543  C CD  . LYS A 1 73  ? 8.70615   0.09128   -5.62442  1.000 27.29539  ? 71  LYS A CD  1 
ATOM   544  C CE  . LYS A 1 73  ? 10.03184  0.43307   -6.26271  1.000 42.89082  ? 71  LYS A CE  1 
ATOM   545  N NZ  . LYS A 1 73  ? 10.70759  1.55633   -5.54408  1.000 33.28164  ? 71  LYS A NZ  1 
ATOM   546  N N   . LEU A 1 74  ? 3.96772   -3.34001  -4.89421  1.000 23.92654  ? 72  LEU A N   1 
ATOM   547  C CA  . LEU A 1 74  ? 3.17035   -4.00067  -3.86372  1.000 26.32269  ? 72  LEU A CA  1 
ATOM   548  C C   . LEU A 1 74  ? 3.30859   -5.51483  -3.90541  1.000 30.44665  ? 72  LEU A C   1 
ATOM   549  O O   . LEU A 1 74  ? 3.01237   -6.17640  -2.90702  1.000 34.22260  ? 72  LEU A O   1 
ATOM   550  C CB  . LEU A 1 74  ? 1.68887   -3.65112  -4.00763  1.000 24.49196  ? 72  LEU A CB  1 
ATOM   551  C CG  . LEU A 1 74  ? 1.20563   -2.34305  -3.39045  1.000 32.37755  ? 72  LEU A CG  1 
ATOM   552  C CD1 . LEU A 1 74  ? -0.29801  -2.21726  -3.59912  1.000 36.69582  ? 72  LEU A CD1 1 
ATOM   553  C CD2 . LEU A 1 74  ? 1.55448   -2.28783  -1.90446  1.000 37.77480  ? 72  LEU A CD2 1 
ATOM   554  N N   . PHE A 1 75  ? 3.74768   -6.07555  -5.02690  1.000 28.41469  ? 73  PHE A N   1 
ATOM   555  C CA  . PHE A 1 75  ? 3.74170   -7.52002  -5.23296  1.000 40.16270  ? 73  PHE A CA  1 
ATOM   556  C C   . PHE A 1 75  ? 5.13862   -8.04154  -5.53455  1.000 46.72905  ? 73  PHE A C   1 
ATOM   557  O O   . PHE A 1 75  ? 5.89823   -7.41244  -6.27792  1.000 57.61541  ? 73  PHE A O   1 
ATOM   558  C CB  . PHE A 1 75  ? 2.78380   -7.89340  -6.36583  1.000 33.68385  ? 73  PHE A CB  1 
ATOM   559  C CG  . PHE A 1 75  ? 1.39919   -7.37253  -6.16121  1.000 35.05099  ? 73  PHE A CG  1 
ATOM   560  C CD1 . PHE A 1 75  ? 0.48598   -8.08960  -5.39326  1.000 30.77647  ? 73  PHE A CD1 1 
ATOM   561  C CD2 . PHE A 1 75  ? 1.01575   -6.15029  -6.69546  1.000 38.29625  ? 73  PHE A CD2 1 
ATOM   562  C CE1 . PHE A 1 75  ? -0.78833  -7.61306  -5.18433  1.000 36.27990  ? 73  PHE A CE1 1 
ATOM   563  C CE2 . PHE A 1 75  ? -0.26217  -5.66598  -6.48076  1.000 39.45674  ? 73  PHE A CE2 1 
ATOM   564  C CZ  . PHE A 1 75  ? -1.16180  -6.40000  -5.72310  1.000 39.72706  ? 73  PHE A CZ  1 
ATOM   565  N N   . GLY A 1 76  ? 5.45139   -9.19864  -4.94252  1.000 60.93319  ? 74  GLY A N   1 
ATOM   566  C CA  . GLY A 1 76  ? 6.70252   -9.93111  -5.07443  1.000 75.13741  ? 74  GLY A CA  1 
ATOM   567  C C   . GLY A 1 76  ? 7.77740   -9.35998  -5.97606  1.000 86.55318  ? 74  GLY A C   1 
ATOM   568  O O   . GLY A 1 76  ? 8.84083   -8.95363  -5.49757  1.000 93.96811  ? 74  GLY A O   1 
ATOM   569  N N   . PHE A 1 77  ? 7.51511   -9.32267  -7.28137  1.000 88.06793  ? 75  PHE A N   1 
ATOM   570  C CA  . PHE A 1 77  ? 8.47044   -8.81271  -8.25176  1.000 92.26863  ? 75  PHE A CA  1 
ATOM   571  C C   . PHE A 1 77  ? 7.81091   -7.76104  -9.13378  1.000 92.75227  ? 75  PHE A C   1 
ATOM   572  O O   . PHE A 1 77  ? 6.59113   -7.76273  -9.33370  1.000 86.58235  ? 75  PHE A O   1 
ATOM   573  C CB  . PHE A 1 77  ? 9.06513   -9.95510  -9.10889  1.000 93.59569  ? 75  PHE A CB  1 
ATOM   574  C CG  . PHE A 1 77  ? 8.09308   -10.56599 -10.08617 1.000 102.04211 ? 75  PHE A CG  1 
ATOM   575  C CD1 . PHE A 1 77  ? 7.18884   -11.53222 -9.66987  1.000 99.19847  ? 75  PHE A CD1 1 
ATOM   576  C CD2 . PHE A 1 77  ? 8.09764   -10.19045 -11.42421 1.000 101.87267 ? 75  PHE A CD2 1 
ATOM   577  C CE1 . PHE A 1 77  ? 6.29742   -12.10211 -10.56479 1.000 105.67400 ? 75  PHE A CE1 1 
ATOM   578  C CE2 . PHE A 1 77  ? 7.20840   -10.75649 -12.32386 1.000 100.01784 ? 75  PHE A CE2 1 
ATOM   579  C CZ  . PHE A 1 77  ? 6.30848   -11.71410 -11.89202 1.000 105.75403 ? 75  PHE A CZ  1 
ATOM   580  N N   . MET A 1 78  ? 8.63812   -6.84717  -9.64461  1.000 92.16343  ? 76  MET A N   1 
ATOM   581  C CA  . MET A 1 78  ? 8.34740   -5.76376  -10.57608 1.000 97.37594  ? 76  MET A CA  1 
ATOM   582  C C   . MET A 1 78  ? 8.43165   -6.29197  -12.01070 1.000 105.56675 ? 76  MET A C   1 
ATOM   583  O O   . MET A 1 78  ? 9.30528   -7.11314  -12.31637 1.000 97.42297  ? 76  MET A O   1 
ATOM   584  C CB  . MET A 1 78  ? 9.32376   -4.59598  -10.35086 1.000 97.63451  ? 76  MET A CB  1 
ATOM   585  C CG  . MET A 1 78  ? 9.59385   -3.62997  -11.52008 1.000 92.68993  ? 76  MET A CG  1 
ATOM   586  S SD  . MET A 1 78  ? 10.66806  -4.21020  -12.85667 1.000 108.43079 ? 76  MET A SD  1 
ATOM   587  C CE  . MET A 1 78  ? 10.54067  -2.85180  -14.01155 1.000 75.76100  ? 76  MET A CE  1 
ATOM   588  N N   . PRO A 1 79  ? 7.52972   -5.87248  -12.93117 1.000 107.79184 ? 77  PRO A N   1 
ATOM   589  C CA  . PRO A 1 79  ? 7.48420   -6.52558  -14.24569 1.000 105.25773 ? 77  PRO A CA  1 
ATOM   590  C C   . PRO A 1 79  ? 8.57194   -6.04646  -15.19537 1.000 103.22238 ? 77  PRO A C   1 
ATOM   591  O O   . PRO A 1 79  ? 8.48064   -4.95404  -15.76748 1.000 94.03705  ? 77  PRO A O   1 
ATOM   592  C CB  . PRO A 1 79  ? 6.08188   -6.17191  -14.76850 1.000 96.18049  ? 77  PRO A CB  1 
ATOM   593  C CG  . PRO A 1 79  ? 5.62398   -4.97522  -13.96091 1.000 78.48775  ? 77  PRO A CG  1 
ATOM   594  C CD  . PRO A 1 79  ? 6.65373   -4.68746  -12.89484 1.000 94.87159  ? 77  PRO A CD  1 
ATOM   595  N N   . THR A 1 80  ? 9.61978   -6.85964  -15.34841 1.000 103.37498 ? 78  THR A N   1 
ATOM   596  C CA  . THR A 1 80  ? 10.56192  -6.70358  -16.44858 1.000 102.11886 ? 78  THR A CA  1 
ATOM   597  C C   . THR A 1 80  ? 10.12281  -7.47301  -17.68833 1.000 107.06150 ? 78  THR A C   1 
ATOM   598  O O   . THR A 1 80  ? 10.63124  -7.20496  -18.78496 1.000 100.71905 ? 78  THR A O   1 
ATOM   599  C CB  . THR A 1 80  ? 11.96515  -7.15591  -16.02388 1.000 99.58947  ? 78  THR A CB  1 
ATOM   600  O OG1 . THR A 1 80  ? 11.86946  -8.34170  -15.22329 1.000 104.38400 ? 78  THR A OG1 1 
ATOM   601  C CG2 . THR A 1 80  ? 12.66543  -6.06197  -15.22906 1.000 93.66428  ? 78  THR A CG2 1 
ATOM   602  N N   . GLN A 1 81  ? 9.18321   -8.40411  -17.53170 1.000 108.04088 ? 79  GLN A N   1 
ATOM   603  C CA  . GLN A 1 81  ? 8.46713   -9.08905  -18.59852 1.000 103.62166 ? 79  GLN A CA  1 
ATOM   604  C C   . GLN A 1 81  ? 7.03969   -9.32314  -18.12436 1.000 110.32689 ? 79  GLN A C   1 
ATOM   605  O O   . GLN A 1 81  ? 6.79460   -9.40576  -16.91209 1.000 114.59713 ? 79  GLN A O   1 
ATOM   606  C CB  . GLN A 1 81  ? 9.14452   -10.41847 -18.97711 1.000 97.91291  ? 79  GLN A CB  1 
ATOM   607  C CG  . GLN A 1 81  ? 9.05708   -11.50220 -17.91887 1.000 108.23431 ? 79  GLN A CG  1 
ATOM   608  C CD  . GLN A 1 81  ? 9.50866   -12.85222 -18.43629 1.000 108.81905 ? 79  GLN A CD  1 
ATOM   609  O OE1 . GLN A 1 81  ? 9.83769   -13.00011 -19.61525 1.000 109.80381 ? 79  GLN A OE1 1 
ATOM   610  N NE2 . GLN A 1 81  ? 9.52250   -13.84862 -17.55675 1.000 102.30769 ? 79  GLN A NE2 1 
ATOM   611  N N   . PRO A 1 82  ? 6.06148   -9.41356  -19.05309 1.000 109.33318 ? 80  PRO A N   1 
ATOM   612  C CA  . PRO A 1 82  ? 4.64644   -9.42846  -18.63807 1.000 107.61522 ? 80  PRO A CA  1 
ATOM   613  C C   . PRO A 1 82  ? 4.24672   -10.65758 -17.82528 1.000 110.76460 ? 80  PRO A C   1 
ATOM   614  O O   . PRO A 1 82  ? 5.05208   -11.57643 -17.63482 1.000 109.09374 ? 80  PRO A O   1 
ATOM   615  C CB  . PRO A 1 82  ? 3.89369   -9.37398  -19.97519 1.000 103.96170 ? 80  PRO A CB  1 
ATOM   616  C CG  . PRO A 1 82  ? 4.85473   -9.95445  -20.96667 1.000 104.23694 ? 80  PRO A CG  1 
ATOM   617  C CD  . PRO A 1 82  ? 6.20087   -9.46071  -20.52123 1.000 100.94007 ? 80  PRO A CD  1 
ATOM   618  N N   . THR A 1 83  ? 2.99935   -10.68377 -17.34117 1.000 103.61595 ? 81  THR A N   1 
ATOM   619  C CA  . THR A 1 83  ? 2.52497   -11.77045 -16.48649 1.000 96.31124  ? 81  THR A CA  1 
ATOM   620  C C   . THR A 1 83  ? 1.04844   -12.10648 -16.71371 1.000 86.30094  ? 81  THR A C   1 
ATOM   621  O O   . THR A 1 83  ? 0.72661   -12.94486 -17.56274 1.000 86.07999  ? 81  THR A O   1 
ATOM   622  C CB  . THR A 1 83  ? 2.77404   -11.42604 -15.01153 1.000 93.43441  ? 81  THR A CB  1 
ATOM   623  O OG1 . THR A 1 83  ? 2.52478   -10.03069 -14.78771 1.000 84.21229  ? 81  THR A OG1 1 
ATOM   624  C CG2 . THR A 1 83  ? 4.20677   -11.75737 -14.61104 1.000 88.45013  ? 81  THR A CG2 1 
ATOM   625  N N   . MET A 1 84  ? 0.14768   -11.47205 -15.95437 1.000 79.56064  ? 82  MET A N   1 
ATOM   626  C CA  . MET A 1 84  ? -1.28748  -11.75447 -15.97214 1.000 63.56742  ? 82  MET A CA  1 
ATOM   627  C C   . MET A 1 84  ? -2.05429  -10.44258 -16.08721 1.000 46.36102  ? 82  MET A C   1 
ATOM   628  O O   . MET A 1 84  ? -1.64507  -9.43935  -15.49624 1.000 43.26895  ? 82  MET A O   1 
ATOM   629  C CB  . MET A 1 84  ? -1.71584  -12.48312 -14.69456 1.000 59.82293  ? 82  MET A CB  1 
ATOM   630  C CG  . MET A 1 84  ? -2.87750  -13.45414 -14.83972 1.000 59.96113  ? 82  MET A CG  1 
ATOM   631  S SD  . MET A 1 84  ? -2.39014  -15.11252 -15.34013 1.000 79.71961  ? 82  MET A SD  1 
ATOM   632  C CE  . MET A 1 84  ? -3.71184  -16.06384 -14.62315 1.000 43.18242  ? 82  MET A CE  1 
ATOM   633  N N   . ASP A 1 85  ? -3.17600  -10.44351 -16.82135 1.000 32.58696  ? 83  ASP A N   1 
ATOM   634  C CA  . ASP A 1 85  ? -3.79293  -9.18070  -17.22924 1.000 32.91528  ? 83  ASP A CA  1 
ATOM   635  C C   . ASP A 1 85  ? -5.04181  -8.79700  -16.42943 1.000 29.89579  ? 83  ASP A C   1 
ATOM   636  O O   . ASP A 1 85  ? -5.75851  -7.87423  -16.83129 1.000 25.80246  ? 83  ASP A O   1 
ATOM   637  C CB  . ASP A 1 85  ? -4.10966  -9.18545  -18.73263 1.000 28.91848  ? 83  ASP A CB  1 
ATOM   638  C CG  . ASP A 1 85  ? -5.09086  -10.28137 -19.15969 1.000 36.91333  ? 83  ASP A CG  1 
ATOM   639  O OD1 . ASP A 1 85  ? -5.69226  -10.96372 -18.30389 1.000 32.00979  ? 83  ASP A OD1 1 
ATOM   640  O OD2 . ASP A 1 85  ? -5.26560  -10.44603 -20.39408 1.000 38.71354  ? 83  ASP A OD2 1 
ATOM   641  N N   . PHE A 1 86  ? -5.29969  -9.43908  -15.29336 1.000 28.96987  ? 84  PHE A N   1 
ATOM   642  C CA  . PHE A 1 86  ? -6.43094  -9.04318  -14.47009 1.000 24.18319  ? 84  PHE A CA  1 
ATOM   643  C C   . PHE A 1 86  ? -6.09587  -9.29305  -13.01253 1.000 22.00104  ? 84  PHE A C   1 
ATOM   644  O O   . PHE A 1 86  ? -5.13033  -9.98570  -12.68462 1.000 22.71146  ? 84  PHE A O   1 
ATOM   645  C CB  . PHE A 1 86  ? -7.71853  -9.78756  -14.86122 1.000 22.81874  ? 84  PHE A CB  1 
ATOM   646  C CG  . PHE A 1 86  ? -7.75447  -11.23632 -14.43586 1.000 24.47658  ? 84  PHE A CG  1 
ATOM   647  C CD1 . PHE A 1 86  ? -7.06066  -12.20408 -15.14811 1.000 32.65565  ? 84  PHE A CD1 1 
ATOM   648  C CD2 . PHE A 1 86  ? -8.49866  -11.63047 -13.32784 1.000 26.14244  ? 84  PHE A CD2 1 
ATOM   649  C CE1 . PHE A 1 86  ? -7.10631  -13.53555 -14.76262 1.000 31.13931  ? 84  PHE A CE1 1 
ATOM   650  C CE2 . PHE A 1 86  ? -8.53425  -12.95087 -12.93799 1.000 30.06930  ? 84  PHE A CE2 1 
ATOM   651  C CZ  . PHE A 1 86  ? -7.83588  -13.90368 -13.65396 1.000 31.97441  ? 84  PHE A CZ  1 
ATOM   652  N N   . CYS A 1 87  ? -6.89208  -8.70017  -12.13722 1.000 22.94293  ? 85  CYS A N   1 
ATOM   653  C CA  . CYS A 1 87  ? -6.79750  -9.00329  -10.71255 1.000 25.48562  ? 85  CYS A CA  1 
ATOM   654  C C   . CYS A 1 87  ? -8.19125  -9.21699  -10.14953 1.000 25.14497  ? 85  CYS A C   1 
ATOM   655  O O   . CYS A 1 87  ? -9.20060  -8.93476  -10.79821 1.000 23.73340  ? 85  CYS A O   1 
ATOM   656  C CB  . CYS A 1 87  ? -6.08677  -7.88174  -9.95640  1.000 28.67726  ? 85  CYS A CB  1 
ATOM   657  S SG  . CYS A 1 87  ? -7.05406  -6.37617  -9.96095  1.000 28.31854  ? 85  CYS A SG  1 
ATOM   658  N N   . TYR A 1 88  ? -8.25720  -9.74812  -8.93289  1.000 21.56037  ? 86  TYR A N   1 
ATOM   659  C CA  . TYR A 1 88  ? -9.52100  -9.84688  -8.21455  1.000 21.20428  ? 86  TYR A CA  1 
ATOM   660  C C   . TYR A 1 88  ? -9.61271  -8.67914  -7.24755  1.000 24.82438  ? 86  TYR A C   1 
ATOM   661  O O   . TYR A 1 88  ? -8.76957  -8.54364  -6.35689  1.000 24.16364  ? 86  TYR A O   1 
ATOM   662  C CB  . TYR A 1 88  ? -9.62451  -11.17131 -7.45882  1.000 22.35751  ? 86  TYR A CB  1 
ATOM   663  C CG  . TYR A 1 88  ? -9.64515  -12.37976 -8.35787  1.000 23.21998  ? 86  TYR A CG  1 
ATOM   664  C CD1 . TYR A 1 88  ? -10.83497 -12.80855 -8.93345  1.000 24.93572  ? 86  TYR A CD1 1 
ATOM   665  C CD2 . TYR A 1 88  ? -8.49037  -13.10637 -8.60812  1.000 31.02629  ? 86  TYR A CD2 1 
ATOM   666  C CE1 . TYR A 1 88  ? -10.87331 -13.92826 -9.73530  1.000 33.68708  ? 86  TYR A CE1 1 
ATOM   667  C CE2 . TYR A 1 88  ? -8.52090  -14.22209 -9.41210  1.000 29.89179  ? 86  TYR A CE2 1 
ATOM   668  C CZ  . TYR A 1 88  ? -9.71717  -14.62950 -9.96881  1.000 30.56360  ? 86  TYR A CZ  1 
ATOM   669  O OH  . TYR A 1 88  ? -9.76072  -15.74633 -10.78239 1.000 44.37921  ? 86  TYR A OH  1 
ATOM   670  N N   . PHE A 1 89  ? -10.62516 -7.83974  -7.41313  1.000 20.64156  ? 87  PHE A N   1 
ATOM   671  C CA  . PHE A 1 89  ? -10.74354 -6.63340  -6.60522  1.000 19.22027  ? 87  PHE A CA  1 
ATOM   672  C C   . PHE A 1 89  ? -12.06171 -6.67273  -5.84977  1.000 25.90000  ? 87  PHE A C   1 
ATOM   673  O O   . PHE A 1 89  ? -13.09499 -7.03552  -6.41998  1.000 26.05784  ? 87  PHE A O   1 
ATOM   674  C CB  . PHE A 1 89  ? -10.63886 -5.35759  -7.47965  1.000 24.68518  ? 87  PHE A CB  1 
ATOM   675  C CG  . PHE A 1 89  ? -10.76618 -4.07882  -6.68770  1.000 17.64967  ? 87  PHE A CG  1 
ATOM   676  C CD1 . PHE A 1 89  ? -9.66407  -3.53526  -6.03648  1.000 24.44160  ? 87  PHE A CD1 1 
ATOM   677  C CD2 . PHE A 1 89  ? -11.99637 -3.45582  -6.55195  1.000 21.71201  ? 87  PHE A CD2 1 
ATOM   678  C CE1 . PHE A 1 89  ? -9.78638  -2.39046  -5.27174  1.000 21.25322  ? 87  PHE A CE1 1 
ATOM   679  C CE2 . PHE A 1 89  ? -12.12423 -2.28306  -5.79594  1.000 22.92985  ? 87  PHE A CE2 1 
ATOM   680  C CZ  . PHE A 1 89  ? -11.02238 -1.76783  -5.15271  1.000 20.77597  ? 87  PHE A CZ  1 
ATOM   681  N N   . GLU A 1 90  ? -12.02045 -6.33707  -4.55602  1.000 19.76879  ? 88  GLU A N   1 
ATOM   682  C CA  . GLU A 1 90  ? -13.22893 -6.28480  -3.73898  1.000 15.79941  ? 88  GLU A CA  1 
ATOM   683  C C   . GLU A 1 90  ? -13.28292 -4.98990  -2.95357  1.000 19.77701  ? 88  GLU A C   1 
ATOM   684  O O   . GLU A 1 90  ? -12.40924 -4.75314  -2.08731  1.000 21.06284  ? 88  GLU A O   1 
ATOM   685  C CB  . GLU A 1 90  ? -13.28844 -7.47130  -2.77741  1.000 23.50829  ? 88  GLU A CB  1 
ATOM   686  C CG  . GLU A 1 90  ? -14.65499 -7.62716  -2.19614  1.000 30.77474  ? 88  GLU A CG  1 
ATOM   687  C CD  . GLU A 1 90  ? -14.78962 -8.92791  -1.45306  1.000 39.05162  ? 88  GLU A CD  1 
ATOM   688  O OE1 . GLU A 1 90  ? -13.88165 -9.77553  -1.61709  1.000 38.16753  ? 88  GLU A OE1 1 
ATOM   689  O OE2 . GLU A 1 90  ? -15.77968 -9.08583  -0.71028  1.000 42.16932  ? 88  GLU A OE2 1 
ATOM   690  N N   . PRO A 1 91  ? -14.26100 -4.12167  -3.19811  1.000 21.27573  ? 89  PRO A N   1 
ATOM   691  C CA  . PRO A 1 91  ? -14.36482 -2.89753  -2.40416  1.000 19.09203  ? 89  PRO A CA  1 
ATOM   692  C C   . PRO A 1 91  ? -14.64985 -3.22276  -0.94838  1.000 24.26557  ? 89  PRO A C   1 
ATOM   693  O O   . PRO A 1 91  ? -15.31765 -4.20458  -0.63430  1.000 22.76835  ? 89  PRO A O   1 
ATOM   694  C CB  . PRO A 1 91  ? -15.54551 -2.14647  -3.03829  1.000 23.99351  ? 89  PRO A CB  1 
ATOM   695  C CG  . PRO A 1 91  ? -16.26379 -3.16031  -3.85712  1.000 40.59457  ? 89  PRO A CG  1 
ATOM   696  C CD  . PRO A 1 91  ? -15.22268 -4.14311  -4.31036  1.000 27.95806  ? 89  PRO A CD  1 
ATOM   697  N N   . ILE A 1 92  ? -14.15172 -2.37038  -0.06198  1.000 24.40250  ? 90  ILE A N   1 
ATOM   698  C CA  . ILE A 1 92  ? -14.43059 -2.44363  1.37287   1.000 24.92302  ? 90  ILE A CA  1 
ATOM   699  C C   . ILE A 1 92  ? -15.56996 -1.46680  1.68163   1.000 27.97646  ? 90  ILE A C   1 
ATOM   700  O O   . ILE A 1 92  ? -15.39436 -0.24903  1.56749   1.000 28.90581  ? 90  ILE A O   1 
ATOM   701  C CB  . ILE A 1 92  ? -13.14890 -2.15913  2.17098   1.000 21.28439  ? 90  ILE A CB  1 
ATOM   702  C CG1 . ILE A 1 92  ? -12.15991 -3.30845  1.99112   1.000 22.20781  ? 90  ILE A CG1 1 
ATOM   703  C CG2 . ILE A 1 92  ? -13.39357 -1.84577  3.65428   1.000 28.63145  ? 90  ILE A CG2 1 
ATOM   704  C CD1 . ILE A 1 92  ? -10.83395 -3.00875  2.61005   1.000 26.20510  ? 90  ILE A CD1 1 
ATOM   705  N N   . LEU A 1 93  ? -16.75285 -1.99683  2.08426   1.000 23.70565  ? 91  LEU A N   1 
ATOM   706  C CA  . LEU A 1 93  ? -17.99284 -1.20455  2.16604   1.000 28.61718  ? 91  LEU A CA  1 
ATOM   707  C C   . LEU A 1 93  ? -18.46729 -0.95504  3.58700   1.000 42.12247  ? 91  LEU A C   1 
ATOM   708  O O   . LEU A 1 93  ? -18.60930 0.19215   4.03017   1.000 47.71832  ? 91  LEU A O   1 
ATOM   709  C CB  . LEU A 1 93  ? -19.11963 -1.87581  1.36742   1.000 34.53425  ? 91  LEU A CB  1 
ATOM   710  C CG  . LEU A 1 93  ? -18.91071 -2.18036  -0.09956  1.000 31.03247  ? 91  LEU A CG  1 
ATOM   711  C CD1 . LEU A 1 93  ? -20.12122 -2.91658  -0.64612  1.000 38.61961  ? 91  LEU A CD1 1 
ATOM   712  C CD2 . LEU A 1 93  ? -18.72300 -0.89411  -0.82749  1.000 32.68731  ? 91  LEU A CD2 1 
ATOM   713  N N   . ASP A 1 94  ? -18.74077 -2.01536  4.33795   1.000 39.76033  ? 92  ASP A N   1 
ATOM   714  C CA  . ASP A 1 94  ? -19.25208 -1.85109  5.69459   1.000 58.57468  ? 92  ASP A CA  1 
ATOM   715  C C   . ASP A 1 94  ? -18.12980 -1.52490  6.67181   1.000 56.03299  ? 92  ASP A C   1 
ATOM   716  O O   . ASP A 1 94  ? -18.33575 -0.79975  7.65683   1.000 64.03410  ? 92  ASP A O   1 
ATOM   717  C CB  . ASP A 1 94  ? -19.97552 -3.12826  6.13833   1.000 44.27908  ? 92  ASP A CB  1 
ATOM   718  C CG  . ASP A 1 94  ? -21.24100 -3.40772  5.32847   1.000 71.65649  ? 92  ASP A CG  1 
ATOM   719  O OD1 . ASP A 1 94  ? -21.17082 -3.51731  4.07569   1.000 63.40738  ? 92  ASP A OD1 1 
ATOM   720  O OD2 . ASP A 1 94  ? -22.30563 -3.56571  5.95433   1.000 93.44529  ? 92  ASP A OD2 1 
ATOM   721  N N   . ASN A 1 95  ? -16.94338 -2.04228  6.40396   1.000 36.01224  ? 93  ASN A N   1 
ATOM   722  C CA  . ASN A 1 95  ? -15.83750 -2.03423  7.34082   1.000 47.18585  ? 93  ASN A CA  1 
ATOM   723  C C   . ASN A 1 95  ? -15.04235 -0.74636  7.20910   1.000 49.37213  ? 93  ASN A C   1 
ATOM   724  O O   . ASN A 1 95  ? -15.09703 -0.05386  6.19026   1.000 36.59435  ? 93  ASN A O   1 
ATOM   725  C CB  . ASN A 1 95  ? -14.90520 -3.21762  7.06321   1.000 49.62398  ? 93  ASN A CB  1 
ATOM   726  C CG  . ASN A 1 95  ? -15.27926 -4.46678  7.83614   1.000 45.63830  ? 93  ASN A CG  1 
ATOM   727  O OD1 . ASN A 1 95  ? -16.45900 -4.79495  7.99213   1.000 52.22745  ? 93  ASN A OD1 1 
ATOM   728  N ND2 . ASN A 1 95  ? -14.27012 -5.18550  8.30160   1.000 37.49818  ? 93  ASN A ND2 1 
ATOM   729  N N   . VAL A 1 96  ? -14.25446 -0.45329  8.23654   1.000 33.82388  ? 94  VAL A N   1 
ATOM   730  C CA  . VAL A 1 96  ? -13.19707 0.53615   8.12036   1.000 45.95990  ? 94  VAL A CA  1 
ATOM   731  C C   . VAL A 1 96  ? -11.85459 -0.18883  8.27505   1.000 47.83632  ? 94  VAL A C   1 
ATOM   732  O O   . VAL A 1 96  ? -11.79764 -1.37481  8.60765   1.000 46.27928  ? 94  VAL A O   1 
ATOM   733  C CB  . VAL A 1 96  ? -13.38105 1.69267   9.12618   1.000 46.77601  ? 94  VAL A CB  1 
ATOM   734  C CG1 . VAL A 1 96  ? -14.85546 2.13115   9.16716   1.000 50.04794  ? 94  VAL A CG1 1 
ATOM   735  C CG2 . VAL A 1 96  ? -12.98358 1.26719   10.47510  1.000 32.29415  ? 94  VAL A CG2 1 
ATOM   736  N N   . VAL A 1 97  ? -10.76863 0.51786   7.97988   1.000 41.79806  ? 95  VAL A N   1 
ATOM   737  C CA  . VAL A 1 97  ? -9.44907  -0.12019  7.99816   1.000 36.20470  ? 95  VAL A CA  1 
ATOM   738  C C   . VAL A 1 97  ? -8.76577  0.19904   9.32880   1.000 27.22449  ? 95  VAL A C   1 
ATOM   739  O O   . VAL A 1 97  ? -8.92340  1.31464   9.85198   1.000 40.93818  ? 95  VAL A O   1 
ATOM   740  C CB  . VAL A 1 97  ? -8.64547  0.30322   6.75186   1.000 32.36786  ? 95  VAL A CB  1 
ATOM   741  C CG1 . VAL A 1 97  ? -7.15185  -0.05721  6.83657   1.000 27.95467  ? 95  VAL A CG1 1 
ATOM   742  C CG2 . VAL A 1 97  ? -9.27351  -0.36240  5.51112   1.000 31.49723  ? 95  VAL A CG2 1 
ATOM   743  N N   . PRO A 1 98  ? -8.01574  -0.73864  9.90717   1.000 26.85835  ? 96  PRO A N   1 
ATOM   744  C CA  . PRO A 1 98  ? -7.47320  -0.54706  11.25458  1.000 35.41279  ? 96  PRO A CA  1 
ATOM   745  C C   . PRO A 1 98  ? -6.19104  0.26395   11.26353  1.000 41.94731  ? 96  PRO A C   1 
ATOM   746  O O   . PRO A 1 98  ? -5.45531  0.32652   10.27597  1.000 30.75208  ? 96  PRO A O   1 
ATOM   747  C CB  . PRO A 1 98  ? -7.16545  -1.97620  11.69935  1.000 33.57777  ? 96  PRO A CB  1 
ATOM   748  C CG  . PRO A 1 98  ? -6.72930  -2.61355  10.43750  1.000 36.79188  ? 96  PRO A CG  1 
ATOM   749  C CD  . PRO A 1 98  ? -7.70375  -2.09128  9.41585   1.000 24.58723  ? 96  PRO A CD  1 
ATOM   750  N N   . VAL A 1 99  ? -5.91201  0.83057   12.43899  1.000 38.09557  ? 97  VAL A N   1 
ATOM   751  C CA  . VAL A 1 99  ? -4.71826  1.63342   12.69540  1.000 28.50101  ? 97  VAL A CA  1 
ATOM   752  C C   . VAL A 1 99  ? -3.70480  0.75817   13.42346  1.000 33.19522  ? 97  VAL A C   1 
ATOM   753  O O   . VAL A 1 99  ? -4.05144  0.06134   14.39227  1.000 33.82900  ? 97  VAL A O   1 
ATOM   754  C CB  . VAL A 1 99  ? -5.07033  2.88267   13.52027  1.000 29.65027  ? 97  VAL A CB  1 
ATOM   755  C CG1 . VAL A 1 99  ? -3.84371  3.75970   13.75692  1.000 32.18701  ? 97  VAL A CG1 1 
ATOM   756  C CG2 . VAL A 1 99  ? -6.18772  3.66440   12.85959  1.000 38.21970  ? 97  VAL A CG2 1 
ATOM   757  N N   . LEU A 1 100 ? -2.46096  0.77312   12.95827  1.000 24.99383  ? 98  LEU A N   1 
ATOM   758  C CA  . LEU A 1 100 ? -1.42500  -0.05973  13.55377  1.000 26.97893  ? 98  LEU A CA  1 
ATOM   759  C C   . LEU A 1 100 ? -0.91987  0.54866   14.85823  1.000 27.05323  ? 98  LEU A C   1 
ATOM   760  O O   . LEU A 1 100 ? -0.88356  1.77205   15.02619  1.000 26.25373  ? 98  LEU A O   1 
ATOM   761  C CB  . LEU A 1 100 ? -0.26474  -0.25208  12.57851  1.000 27.39819  ? 98  LEU A CB  1 
ATOM   762  C CG  . LEU A 1 100 ? -0.65113  -0.94420  11.27862  1.000 33.48923  ? 98  LEU A CG  1 
ATOM   763  C CD1 . LEU A 1 100 ? 0.50887   -0.92240  10.29871  1.000 29.71797  ? 98  LEU A CD1 1 
ATOM   764  C CD2 . LEU A 1 100 ? -1.09326  -2.38208  11.57955  1.000 28.73456  ? 98  LEU A CD2 1 
ATOM   765  N N   . ASP A 1 101 ? -0.55614  -0.32759  15.80545  1.000 31.30814  ? 99  ASP A N   1 
ATOM   766  C CA  . ASP A 1 101 ? 0.13306   0.14789   17.00181  1.000 28.29921  ? 99  ASP A CA  1 
ATOM   767  C C   . ASP A 1 101 ? 1.60272   0.41689   16.72621  1.000 24.49360  ? 99  ASP A C   1 
ATOM   768  O O   . ASP A 1 101 ? 2.17506   1.34251   17.31053  1.000 30.44706  ? 99  ASP A O   1 
ATOM   769  C CB  . ASP A 1 101 ? 0.03090   -0.86055  18.14413  1.000 32.57521  ? 99  ASP A CB  1 
ATOM   770  C CG  . ASP A 1 101 ? -1.36281  -0.97719  18.70661  1.000 29.13347  ? 99  ASP A CG  1 
ATOM   771  O OD1 . ASP A 1 101 ? -2.06227  0.05027   18.88758  1.000 36.00545  ? 99  ASP A OD1 1 
ATOM   772  O OD2 . ASP A 1 101 ? -1.74240  -2.12345  18.99778  1.000 41.21037  ? 99  ASP A OD2 1 
ATOM   773  N N   . SER A 1 102 ? 2.23671   -0.40111  15.88306  1.000 31.15103  ? 100 SER A N   1 
ATOM   774  C CA  . SER A 1 102 ? 3.64019   -0.18980  15.54002  1.000 29.77887  ? 100 SER A CA  1 
ATOM   775  C C   . SER A 1 102 ? 3.93187   -0.65097  14.11425  1.000 26.66217  ? 100 SER A C   1 
ATOM   776  O O   . SER A 1 102 ? 3.20099   -1.45518  13.53235  1.000 30.44199  ? 100 SER A O   1 
ATOM   777  C CB  . SER A 1 102 ? 4.56521   -0.91434  16.52343  1.000 34.10446  ? 100 SER A CB  1 
ATOM   778  O OG  . SER A 1 102 ? 4.52293   -2.32153  16.32170  1.000 36.27142  ? 100 SER A OG  1 
ATOM   779  N N   . VAL A 1 103 ? 5.01723   -0.11662  13.55448  1.000 25.45747  ? 101 VAL A N   1 
ATOM   780  C CA  . VAL A 1 103 ? 5.61226   -0.58288  12.30449  1.000 24.31548  ? 101 VAL A CA  1 
ATOM   781  C C   . VAL A 1 103 ? 7.11904   -0.65596  12.48503  1.000 23.36192  ? 101 VAL A C   1 
ATOM   782  O O   . VAL A 1 103 ? 7.73433   0.27754   13.00995  1.000 27.71481  ? 101 VAL A O   1 
ATOM   783  C CB  . VAL A 1 103 ? 5.28969   0.33952   11.10449  1.000 29.98365  ? 101 VAL A CB  1 
ATOM   784  C CG1 . VAL A 1 103 ? 5.71651   -0.31984  9.79846   1.000 27.48132  ? 101 VAL A CG1 1 
ATOM   785  C CG2 . VAL A 1 103 ? 3.81418   0.64749   11.06310  1.000 37.25073  ? 101 VAL A CG2 1 
ATOM   786  N N   . THR A 1 104 ? 7.72146   -1.74316  12.01316  1.000 24.45154  ? 102 THR A N   1 
ATOM   787  C CA  . THR A 1 104 ? 9.16188   -1.95032  12.10791  1.000 25.74039  ? 102 THR A CA  1 
ATOM   788  C C   . THR A 1 104 ? 9.79195   -1.89882  10.71889  1.000 32.22524  ? 102 THR A C   1 
ATOM   789  O O   . THR A 1 104 ? 9.45033   -2.70463  9.84614   1.000 30.59411  ? 102 THR A O   1 
ATOM   790  C CB  . THR A 1 104 ? 9.46014   -3.28070  12.79617  1.000 35.49990  ? 102 THR A CB  1 
ATOM   791  O OG1 . THR A 1 104 ? 8.90023   -3.24913  14.11409  1.000 34.01168  ? 102 THR A OG1 1 
ATOM   792  C CG2 . THR A 1 104 ? 10.95158  -3.50557  12.89978  1.000 34.28577  ? 102 THR A CG2 1 
ATOM   793  N N   . PHE A 1 105 ? 10.71195  -0.95536  10.52048  1.000 28.38939  ? 103 PHE A N   1 
ATOM   794  C CA  . PHE A 1 105 ? 11.42144  -0.78216  9.26007   1.000 30.14512  ? 103 PHE A CA  1 
ATOM   795  C C   . PHE A 1 105 ? 12.83963  -1.31658  9.39067   1.000 36.06430  ? 103 PHE A C   1 
ATOM   796  O O   . PHE A 1 105 ? 13.55776  -0.94981  10.32623  1.000 39.83323  ? 103 PHE A O   1 
ATOM   797  C CB  . PHE A 1 105 ? 11.50738  0.69294   8.86009   1.000 32.54837  ? 103 PHE A CB  1 
ATOM   798  C CG  . PHE A 1 105 ? 10.22956  1.27099   8.34403   1.000 30.58691  ? 103 PHE A CG  1 
ATOM   799  C CD1 . PHE A 1 105 ? 9.32345   1.84824   9.21057   1.000 29.89870  ? 103 PHE A CD1 1 
ATOM   800  C CD2 . PHE A 1 105 ? 9.95156   1.28043   6.98718   1.000 33.67939  ? 103 PHE A CD2 1 
ATOM   801  C CE1 . PHE A 1 105 ? 8.14730   2.41625   8.73934   1.000 29.96918  ? 103 PHE A CE1 1 
ATOM   802  C CE2 . PHE A 1 105 ? 8.78165   1.83109   6.50735   1.000 30.93756  ? 103 PHE A CE2 1 
ATOM   803  C CZ  . PHE A 1 105 ? 7.87950   2.40630   7.37756   1.000 32.75304  ? 103 PHE A CZ  1 
ATOM   804  N N   . LEU A 1 106 ? 13.24277  -2.15946  8.44601   1.000 32.35721  ? 104 LEU A N   1 
ATOM   805  C CA  . LEU A 1 106 ? 14.63796  -2.55273  8.28358   1.000 34.93190  ? 104 LEU A CA  1 
ATOM   806  C C   . LEU A 1 106 ? 15.26500  -1.65035  7.23154   1.000 30.49794  ? 104 LEU A C   1 
ATOM   807  O O   . LEU A 1 106 ? 14.81322  -1.63835  6.08403   1.000 35.52423  ? 104 LEU A O   1 
ATOM   808  C CB  . LEU A 1 106 ? 14.74416  -4.01245  7.85347   1.000 33.85337  ? 104 LEU A CB  1 
ATOM   809  C CG  . LEU A 1 106 ? 16.15509  -4.54497  7.60554   1.000 37.35249  ? 104 LEU A CG  1 
ATOM   810  C CD1 . LEU A 1 106 ? 16.92448  -4.63811  8.91350   1.000 36.44967  ? 104 LEU A CD1 1 
ATOM   811  C CD2 . LEU A 1 106 ? 16.09949  -5.88656  6.91388   1.000 43.90660  ? 104 LEU A CD2 1 
ATOM   812  N N   . ILE A 1 107 ? 16.29893  -0.89743  7.61116   1.000 34.09194  ? 105 ILE A N   1 
ATOM   813  C CA  . ILE A 1 107 ? 16.84036  0.14352   6.74448   1.000 32.56678  ? 105 ILE A CA  1 
ATOM   814  C C   . ILE A 1 107 ? 18.35649  0.05731   6.65647   1.000 44.26061  ? 105 ILE A C   1 
ATOM   815  O O   . ILE A 1 107 ? 19.04170  -0.30199  7.61653   1.000 36.77987  ? 105 ILE A O   1 
ATOM   816  C CB  . ILE A 1 107 ? 16.42140  1.55282   7.21834   1.000 39.14796  ? 105 ILE A CB  1 
ATOM   817  C CG1 . ILE A 1 107 ? 16.60531  1.68458   8.72698   1.000 38.79379  ? 105 ILE A CG1 1 
ATOM   818  C CG2 . ILE A 1 107 ? 14.98902  1.86913   6.81153   1.000 41.16855  ? 105 ILE A CG2 1 
ATOM   819  C CD1 . ILE A 1 107 ? 16.47390  3.10520   9.20470   1.000 39.73367  ? 105 ILE A CD1 1 
ATOM   820  N N   . ASN A 1 108 ? 18.87340  0.42597   5.48856   1.000 39.25088  ? 106 ASN A N   1 
ATOM   821  C CA  . ASN A 1 108 ? 20.30755  0.47564   5.24575   1.000 44.05417  ? 106 ASN A CA  1 
ATOM   822  C C   . ASN A 1 108 ? 20.95258  1.60572   6.05269   1.000 43.88083  ? 106 ASN A C   1 
ATOM   823  O O   . ASN A 1 108 ? 20.29679  2.57854   6.43717   1.000 40.68152  ? 106 ASN A O   1 
ATOM   824  C CB  . ASN A 1 108 ? 20.54816  0.61843   3.73353   1.000 45.03687  ? 106 ASN A CB  1 
ATOM   825  C CG  . ASN A 1 108 ? 21.88562  1.24876   3.38128   1.000 59.60589  ? 106 ASN A CG  1 
ATOM   826  O OD1 . ASN A 1 108 ? 22.11682  2.43292   3.63106   1.000 71.00925  ? 106 ASN A OD1 1 
ATOM   827  N ND2 . ASN A 1 108 ? 22.77658  0.45339   2.79450   1.000 63.00657  ? 106 ASN A ND2 1 
ATOM   828  N N   . GLU A 1 109 ? 22.25679  1.44912   6.31518   1.000 46.16703  ? 107 GLU A N   1 
ATOM   829  C CA  . GLU A 1 109 ? 23.01124  2.36634   7.17226   1.000 51.88210  ? 107 GLU A CA  1 
ATOM   830  C C   . GLU A 1 109 ? 22.81781  3.83395   6.79474   1.000 47.47496  ? 107 GLU A C   1 
ATOM   831  O O   . GLU A 1 109 ? 22.65466  4.69078   7.67150   1.000 47.63980  ? 107 GLU A O   1 
ATOM   832  C CB  . GLU A 1 109 ? 24.49680  2.00129   7.12302   1.000 56.40857  ? 107 GLU A CB  1 
ATOM   833  C CG  . GLU A 1 109 ? 25.42384  3.06409   7.69199   1.000 62.11694  ? 107 GLU A CG  1 
ATOM   834  C CD  . GLU A 1 109 ? 25.59185  2.95260   9.19539   1.000 75.26351  ? 107 GLU A CD  1 
ATOM   835  O OE1 . GLU A 1 109 ? 26.33457  2.05793   9.65145   1.000 82.39290  ? 107 GLU A OE1 1 
ATOM   836  O OE2 . GLU A 1 109 ? 24.98620  3.76941   9.92255   1.000 71.94821  ? 107 GLU A OE2 1 
ATOM   837  N N   . GLN A 1 110 ? 22.86919  4.14859   5.49729   1.000 42.48019  ? 108 GLN A N   1 
ATOM   838  C CA  . GLN A 1 110 ? 22.72416  5.53851   5.06461   1.000 46.70488  ? 108 GLN A CA  1 
ATOM   839  C C   . GLN A 1 110 ? 21.42010  6.13357   5.57286   1.000 46.56935  ? 108 GLN A C   1 
ATOM   840  O O   . GLN A 1 110 ? 21.40590  7.20928   6.18345   1.000 40.00879  ? 108 GLN A O   1 
ATOM   841  C CB  . GLN A 1 110 ? 22.75285  5.64193   3.54064   1.000 60.02404  ? 108 GLN A CB  1 
ATOM   842  C CG  . GLN A 1 110 ? 22.04110  6.91759   3.05734   1.000 73.00707  ? 108 GLN A CG  1 
ATOM   843  C CD  . GLN A 1 110 ? 21.19395  6.71731   1.81098   1.000 77.50568  ? 108 GLN A CD  1 
ATOM   844  O OE1 . GLN A 1 110 ? 21.59936  6.03650   0.87388   1.000 78.61898  ? 108 GLN A OE1 1 
ATOM   845  N NE2 . GLN A 1 110 ? 19.99124  7.29937   1.81048   1.000 65.32628  ? 108 GLN A NE2 1 
ATOM   846  N N   . LEU A 1 111 ? 20.30691  5.44595   5.30983   1.000 38.01311  ? 109 LEU A N   1 
ATOM   847  C CA  . LEU A 1 111 ? 19.00679  5.95652   5.71719   1.000 34.29323  ? 109 LEU A CA  1 
ATOM   848  C C   . LEU A 1 111 ? 18.87355  5.96926   7.23485   1.000 39.69462  ? 109 LEU A C   1 
ATOM   849  O O   . LEU A 1 111 ? 18.26967  6.88981   7.80127   1.000 31.80403  ? 109 LEU A O   1 
ATOM   850  C CB  . LEU A 1 111 ? 17.89962  5.12797   5.05813   1.000 34.24685  ? 109 LEU A CB  1 
ATOM   851  C CG  . LEU A 1 111 ? 16.43882  5.55100   5.26488   1.000 36.76516  ? 109 LEU A CG  1 
ATOM   852  C CD1 . LEU A 1 111 ? 16.23487  7.03228   4.98049   1.000 37.94742  ? 109 LEU A CD1 1 
ATOM   853  C CD2 . LEU A 1 111 ? 15.55638  4.72884   4.35847   1.000 36.17046  ? 109 LEU A CD2 1 
ATOM   854  N N   . TYR A 1 112 ? 19.44371  4.96456   7.91135   1.000 39.29445  ? 110 TYR A N   1 
ATOM   855  C CA  . TYR A 1 112 ? 19.38564  4.92691   9.36931   1.000 40.32386  ? 110 TYR A CA  1 
ATOM   856  C C   . TYR A 1 112 ? 20.03554  6.16254   9.96608   1.000 38.72120  ? 110 TYR A C   1 
ATOM   857  O O   . TYR A 1 112 ? 19.48883  6.78778   10.88335  1.000 47.43189  ? 110 TYR A O   1 
ATOM   858  C CB  . TYR A 1 112 ? 20.08274  3.67896   9.90354   1.000 41.83086  ? 110 TYR A CB  1 
ATOM   859  C CG  . TYR A 1 112 ? 19.88973  3.48220   11.39109  1.000 43.83914  ? 110 TYR A CG  1 
ATOM   860  C CD1 . TYR A 1 112 ? 20.90177  3.78924   12.28368  1.000 50.19272  ? 110 TYR A CD1 1 
ATOM   861  C CD2 . TYR A 1 112 ? 18.72733  2.91866   11.89455  1.000 47.78859  ? 110 TYR A CD2 1 
ATOM   862  C CE1 . TYR A 1 112 ? 20.74441  3.59330   13.64143  1.000 46.20141  ? 110 TYR A CE1 1 
ATOM   863  C CE2 . TYR A 1 112 ? 18.55912  2.71599   13.25238  1.000 50.90104  ? 110 TYR A CE2 1 
ATOM   864  C CZ  . TYR A 1 112 ? 19.57516  3.05781   14.12123  1.000 53.17947  ? 110 TYR A CZ  1 
ATOM   865  O OH  . TYR A 1 112 ? 19.42663  2.86293   15.47712  1.000 57.57371  ? 110 TYR A OH  1 
ATOM   866  N N   . SER A 1 113 ? 21.22148  6.51485   9.46536   1.000 41.84425  ? 111 SER A N   1 
ATOM   867  C CA  . SER A 1 113 ? 21.91466  7.69435   9.96623   1.000 48.77486  ? 111 SER A CA  1 
ATOM   868  C C   . SER A 1 113 ? 21.07035  8.94024   9.75566   1.000 44.65124  ? 111 SER A C   1 
ATOM   869  O O   . SER A 1 113 ? 20.90452  9.75320   10.67169  1.000 45.49563  ? 111 SER A O   1 
ATOM   870  C CB  . SER A 1 113 ? 23.27773  7.83450   9.28569   1.000 48.02915  ? 111 SER A CB  1 
ATOM   871  O OG  . SER A 1 113 ? 23.21976  7.41899   7.93367   1.000 51.38686  ? 111 SER A OG  1 
ATOM   872  N N   . LYS A 1 114 ? 20.51712  9.09685   8.55144   1.000 40.22681  ? 112 LYS A N   1 
ATOM   873  C CA  . LYS A 1 114 ? 19.60718  10.20431  8.28081   1.000 35.16575  ? 112 LYS A CA  1 
ATOM   874  C C   . LYS A 1 114 ? 18.49313  10.24895  9.31526   1.000 44.24539  ? 112 LYS A C   1 
ATOM   875  O O   . LYS A 1 114 ? 18.23798  11.28812  9.93076   1.000 36.38587  ? 112 LYS A O   1 
ATOM   876  C CB  . LYS A 1 114 ? 19.02385  10.06927  6.86888   1.000 34.77883  ? 112 LYS A CB  1 
ATOM   877  C CG  . LYS A 1 114 ? 20.05746  10.18702  5.75302   1.000 43.69035  ? 112 LYS A CG  1 
ATOM   878  C CD  . LYS A 1 114 ? 19.42216  10.25189  4.36886   1.000 44.75120  ? 112 LYS A CD  1 
ATOM   879  C CE  . LYS A 1 114 ? 20.47670  10.46521  3.29238   1.000 45.70157  ? 112 LYS A CE  1 
ATOM   880  N NZ  . LYS A 1 114 ? 19.91599  10.24033  1.93308   1.000 43.39953  ? 112 LYS A NZ  1 
ATOM   881  N N   . LEU A 1 115 ? 17.82572  9.11454   9.53606   1.000 36.70009  ? 113 LEU A N   1 
ATOM   882  C CA  . LEU A 1 115 ? 16.74314  9.10135   10.51014  1.000 32.69960  ? 113 LEU A CA  1 
ATOM   883  C C   . LEU A 1 115 ? 17.26158  9.37504   11.91114  1.000 46.07537  ? 113 LEU A C   1 
ATOM   884  O O   . LEU A 1 115 ? 16.54334  9.95227   12.73581  1.000 42.96431  ? 113 LEU A O   1 
ATOM   885  C CB  . LEU A 1 115 ? 16.00719  7.76537   10.45381  1.000 38.07263  ? 113 LEU A CB  1 
ATOM   886  C CG  . LEU A 1 115 ? 15.07528  7.72147   9.24635   1.000 37.68935  ? 113 LEU A CG  1 
ATOM   887  C CD1 . LEU A 1 115 ? 14.56803  6.33352   8.99810   1.000 32.51719  ? 113 LEU A CD1 1 
ATOM   888  C CD2 . LEU A 1 115 ? 13.92598  8.68169   9.47556   1.000 34.25024  ? 113 LEU A CD2 1 
ATOM   889  N N   . MET A 1 116 ? 18.51490  9.00868   12.18119  1.000 50.52572  ? 114 MET A N   1 
ATOM   890  C CA  . MET A 1 116 ? 19.04114  9.11594   13.53116  1.000 54.78877  ? 114 MET A CA  1 
ATOM   891  C C   . MET A 1 116 ? 19.54317  10.51828  13.84535  1.000 54.45981  ? 114 MET A C   1 
ATOM   892  O O   . MET A 1 116 ? 19.60290  10.89008  15.02184  1.000 65.65088  ? 114 MET A O   1 
ATOM   893  C CB  . MET A 1 116 ? 20.15808  8.09666   13.73310  1.000 48.37169  ? 114 MET A CB  1 
ATOM   894  C CG  . MET A 1 116 ? 19.63076  6.79340   14.29292  1.000 47.44138  ? 114 MET A CG  1 
ATOM   895  S SD  . MET A 1 116 ? 18.27514  7.05752   15.43884  1.000 71.24912  ? 114 MET A SD  1 
ATOM   896  C CE  . MET A 1 116 ? 17.26520  5.63241   15.07840  1.000 50.61110  ? 114 MET A CE  1 
ATOM   897  N N   . ASP A 1 117 ? 19.89534  11.30629  12.82345  1.000 51.73434  ? 115 ASP A N   1 
ATOM   898  C CA  . ASP A 1 117 ? 20.21865  12.71808  12.99232  1.000 58.54850  ? 115 ASP A CA  1 
ATOM   899  C C   . ASP A 1 117 ? 18.97812  13.57057  13.19100  1.000 64.07027  ? 115 ASP A C   1 
ATOM   900  O O   . ASP A 1 117 ? 19.03854  14.79849  13.04618  1.000 67.24051  ? 115 ASP A O   1 
ATOM   901  C CB  . ASP A 1 117 ? 21.02882  13.23086  11.79504  1.000 48.49890  ? 115 ASP A CB  1 
ATOM   902  C CG  . ASP A 1 117 ? 22.31065  12.43550  11.56823  1.000 62.97206  ? 115 ASP A CG  1 
ATOM   903  O OD1 . ASP A 1 117 ? 22.91440  12.56200  10.47706  1.000 65.91275  ? 115 ASP A OD1 1 
ATOM   904  O OD2 . ASP A 1 117 ? 22.70639  11.66723  12.47236  1.000 66.39213  ? 115 ASP A OD2 1 
ATOM   905  N N   . LEU A 1 118 ? 17.85821  12.92846  13.49749  1.000 64.29215  ? 116 LEU A N   1 
ATOM   906  C CA  . LEU A 1 118 ? 16.61180  13.60321  13.84677  1.000 67.69895  ? 116 LEU A CA  1 
ATOM   907  C C   . LEU A 1 118 ? 16.26433  13.22814  15.27889  1.000 70.39527  ? 116 LEU A C   1 
ATOM   908  O O   . LEU A 1 118 ? 15.96166  12.04931  15.55001  1.000 60.34854  ? 116 LEU A O   1 
ATOM   909  C CB  . LEU A 1 118 ? 15.48873  13.19980  12.89230  1.000 63.34463  ? 116 LEU A CB  1 
ATOM   910  C CG  . LEU A 1 118 ? 15.71315  13.59457  11.43403  1.000 57.76591  ? 116 LEU A CG  1 
ATOM   911  C CD1 . LEU A 1 118 ? 14.74655  12.85119  10.52786  1.000 51.05678  ? 116 LEU A CD1 1 
ATOM   912  C CD2 . LEU A 1 118 ? 15.56737  15.09600  11.27694  1.000 61.34071  ? 116 LEU A CD2 1 
ATOM   913  N N   . PRO A 1 119 ? 16.30146  14.16989  16.22705  1.000 77.34836  ? 117 PRO A N   1 
ATOM   914  C CA  . PRO A 1 119 ? 16.11920  13.80260  17.64325  1.000 78.37049  ? 117 PRO A CA  1 
ATOM   915  C C   . PRO A 1 119 ? 14.70221  13.38154  18.01858  1.000 79.95699  ? 117 PRO A C   1 
ATOM   916  O O   . PRO A 1 119 ? 14.51040  12.89385  19.14092  1.000 76.59242  ? 117 PRO A O   1 
ATOM   917  C CB  . PRO A 1 119 ? 16.52609  15.08096  18.39008  1.000 79.25960  ? 117 PRO A CB  1 
ATOM   918  C CG  . PRO A 1 119 ? 16.33195  16.18599  17.38142  1.000 81.80635  ? 117 PRO A CG  1 
ATOM   919  C CD  . PRO A 1 119 ? 16.70592  15.57763  16.06388  1.000 73.81206  ? 117 PRO A CD  1 
ATOM   920  N N   . GLN A 1 120 ? 13.71399  13.53804  17.13737  1.000 79.42905  ? 118 GLN A N   1 
ATOM   921  C CA  . GLN A 1 120 ? 12.31657  13.30090  17.47947  1.000 78.06459  ? 118 GLN A CA  1 
ATOM   922  C C   . GLN A 1 120 ? 11.73318  12.17657  16.63079  1.000 74.43261  ? 118 GLN A C   1 
ATOM   923  O O   . GLN A 1 120 ? 12.05727  12.04257  15.44552  1.000 70.45750  ? 118 GLN A O   1 
ATOM   924  C CB  . GLN A 1 120 ? 11.48463  14.57649  17.29608  1.000 73.30906  ? 118 GLN A CB  1 
ATOM   925  C CG  . GLN A 1 120 ? 11.99406  15.76443  18.09849  1.000 80.24764  ? 118 GLN A CG  1 
ATOM   926  C CD  . GLN A 1 120 ? 11.59660  17.09203  17.48503  1.000 86.08810  ? 118 GLN A CD  1 
ATOM   927  O OE1 . GLN A 1 120 ? 10.65130  17.16652  16.69774  1.000 87.92632  ? 118 GLN A OE1 1 
ATOM   928  N NE2 . GLN A 1 120 ? 12.33088  18.14751  17.82726  1.000 86.18587  ? 118 GLN A NE2 1 
ATOM   929  N N   . GLU A 1 121 ? 10.86378  11.37061  17.24976  1.000 77.86901  ? 119 GLU A N   1 
ATOM   930  C CA  . GLU A 1 121 ? 10.17584  10.30693  16.52107  1.000 69.48557  ? 119 GLU A CA  1 
ATOM   931  C C   . GLU A 1 121 ? 9.12073   10.87156  15.57890  1.000 69.33765  ? 119 GLU A C   1 
ATOM   932  O O   . GLU A 1 121 ? 8.90521   10.33477  14.48395  1.000 63.73289  ? 119 GLU A O   1 
ATOM   933  C CB  . GLU A 1 121 ? 9.53154   9.32692   17.50128  1.000 65.17279  ? 119 GLU A CB  1 
ATOM   934  C CG  . GLU A 1 121 ? 8.89053   8.12344   16.83119  1.000 65.07365  ? 119 GLU A CG  1 
ATOM   935  C CD  . GLU A 1 121 ? 7.96831   7.35665   17.76830  1.000 72.18672  ? 119 GLU A CD  1 
ATOM   936  O OE1 . GLU A 1 121 ? 7.55569   7.92428   18.80614  1.000 83.07627  ? 119 GLU A OE1 1 
ATOM   937  O OE2 . GLU A 1 121 ? 7.65333   6.18688   17.46488  1.000 58.32911  ? 119 GLU A OE2 1 
ATOM   938  N N   . MET A 1 122 ? 8.44344   11.94670  15.99598  1.000 83.51586  ? 120 MET A N   1 
ATOM   939  C CA  . MET A 1 122 ? 7.42252   12.56174  15.15374  1.000 76.61405  ? 120 MET A CA  1 
ATOM   940  C C   . MET A 1 122 ? 8.00064   13.02813  13.82405  1.000 61.97075  ? 120 MET A C   1 
ATOM   941  O O   . MET A 1 122 ? 7.30446   13.00791  12.80399  1.000 55.84931  ? 120 MET A O   1 
ATOM   942  C CB  . MET A 1 122 ? 6.76608   13.73123  15.89190  1.000 87.36075  ? 120 MET A CB  1 
ATOM   943  C CG  . MET A 1 122 ? 6.64525   13.53851  17.40625  1.000 96.00129  ? 120 MET A CG  1 
ATOM   944  S SD  . MET A 1 122 ? 8.07287   14.15972  18.33368  1.000 107.23274 ? 120 MET A SD  1 
ATOM   945  C CE  . MET A 1 122 ? 7.75570   15.92564  18.32707  1.000 87.69008  ? 120 MET A CE  1 
ATOM   946  N N   . GLN A 1 123 ? 9.26442   13.44198  13.80529  1.000 55.01161  ? 121 GLN A N   1 
ATOM   947  C CA  . GLN A 1 123 ? 9.87913   13.82332  12.54795  1.000 52.37594  ? 121 GLN A CA  1 
ATOM   948  C C   . GLN A 1 123 ? 10.53413  12.65009  11.83088  1.000 42.60017  ? 121 GLN A C   1 
ATOM   949  O O   . GLN A 1 123 ? 10.88728  12.78879  10.65660  1.000 44.80833  ? 121 GLN A O   1 
ATOM   950  C CB  . GLN A 1 123 ? 10.89233  14.95964  12.76093  1.000 53.03935  ? 121 GLN A CB  1 
ATOM   951  C CG  . GLN A 1 123 ? 12.04876  14.68466  13.68927  1.000 56.39288  ? 121 GLN A CG  1 
ATOM   952  C CD  . GLN A 1 123 ? 12.57317  15.97346  14.32440  1.000 78.96282  ? 121 GLN A CD  1 
ATOM   953  O OE1 . GLN A 1 123 ? 13.69024  16.01953  14.84580  1.000 69.79766  ? 121 GLN A OE1 1 
ATOM   954  N NE2 . GLN A 1 123 ? 11.76334  17.03239  14.26891  1.000 72.85534  ? 121 GLN A NE2 1 
ATOM   955  N N   . GLN A 1 124 ? 10.69482  11.49769  12.48820  1.000 38.88937  ? 122 GLN A N   1 
ATOM   956  C CA  . GLN A 1 124 ? 11.18085  10.32767  11.76330  1.000 30.54944  ? 122 GLN A CA  1 
ATOM   957  C C   . GLN A 1 124 ? 10.11743  9.82201   10.79950  1.000 31.23326  ? 122 GLN A C   1 
ATOM   958  O O   . GLN A 1 124 ? 10.41295  9.52888   9.63371   1.000 26.77557  ? 122 GLN A O   1 
ATOM   959  C CB  . GLN A 1 124 ? 11.60195  9.23009   12.73652  1.000 35.64212  ? 122 GLN A CB  1 
ATOM   960  C CG  . GLN A 1 124 ? 13.00367  9.42193   13.31293  1.000 42.43621  ? 122 GLN A CG  1 
ATOM   961  C CD  . GLN A 1 124 ? 13.40210  8.26936   14.20740  1.000 48.49911  ? 122 GLN A CD  1 
ATOM   962  O OE1 . GLN A 1 124 ? 12.54451  7.60768   14.78800  1.000 38.76220  ? 122 GLN A OE1 1 
ATOM   963  N NE2 . GLN A 1 124 ? 14.70206  8.01761   14.31994  1.000 48.13429  ? 122 GLN A NE2 1 
ATOM   964  N N   . ILE A 1 125 ? 8.86842   9.72514   11.26556  1.000 28.83952  ? 123 ILE A N   1 
ATOM   965  C CA  . ILE A 1 125 ? 7.78669   9.31738   10.37081  1.000 28.08750  ? 123 ILE A CA  1 
ATOM   966  C C   . ILE A 1 125 ? 7.52265   10.40176  9.32647   1.000 27.25026  ? 123 ILE A C   1 
ATOM   967  O O   . ILE A 1 125 ? 7.23796   10.10441  8.16020   1.000 23.19346  ? 123 ILE A O   1 
ATOM   968  C CB  . ILE A 1 125 ? 6.51375   8.95982   11.16515  1.000 31.99165  ? 123 ILE A CB  1 
ATOM   969  C CG1 . ILE A 1 125 ? 5.44494   8.41556   10.21471  1.000 30.80800  ? 123 ILE A CG1 1 
ATOM   970  C CG2 . ILE A 1 125 ? 5.98528   10.14495  11.96918  1.000 24.16325  ? 123 ILE A CG2 1 
ATOM   971  C CD1 . ILE A 1 125 ? 5.79641   7.04686   9.66131   1.000 31.73637  ? 123 ILE A CD1 1 
ATOM   972  N N   . GLN A 1 126 ? 7.62049   11.67135  9.72043   1.000 27.52795  ? 124 GLN A N   1 
ATOM   973  C CA  . GLN A 1 126 ? 7.41660   12.74138  8.75391   1.000 28.98611  ? 124 GLN A CA  1 
ATOM   974  C C   . GLN A 1 126 ? 8.47619   12.69808  7.66524   1.000 22.50640  ? 124 GLN A C   1 
ATOM   975  O O   . GLN A 1 126 ? 8.18802   13.01661  6.50366   1.000 25.25450  ? 124 GLN A O   1 
ATOM   976  C CB  . GLN A 1 126 ? 7.40245   14.10057  9.46348   1.000 32.56432  ? 124 GLN A CB  1 
ATOM   977  C CG  . GLN A 1 126 ? 6.93087   15.26965  8.58414   1.000 33.33644  ? 124 GLN A CG  1 
ATOM   978  C CD  . GLN A 1 126 ? 5.42005   15.29955  8.35722   1.000 38.00920  ? 124 GLN A CD  1 
ATOM   979  O OE1 . GLN A 1 126 ? 4.67603   14.47664  8.89546   1.000 37.61041  ? 124 GLN A OE1 1 
ATOM   980  N NE2 . GLN A 1 126 ? 4.96112   16.26826  7.56307   1.000 34.19206  ? 124 GLN A NE2 1 
ATOM   981  N N   . PHE A 1 127 ? 9.70136   12.29211  8.01247   1.000 24.37477  ? 125 PHE A N   1 
ATOM   982  C CA  . PHE A 1 127 ? 10.75219  12.16066  7.00666   1.000 29.13743  ? 125 PHE A CA  1 
ATOM   983  C C   . PHE A 1 127 ? 10.41994  11.05321  6.01570   1.000 29.65464  ? 125 PHE A C   1 
ATOM   984  O O   . PHE A 1 127 ? 10.55702  11.22399  4.79945   1.000 22.60280  ? 125 PHE A O   1 
ATOM   985  C CB  . PHE A 1 127 ? 12.08550  11.88167  7.69215   1.000 32.49153  ? 125 PHE A CB  1 
ATOM   986  C CG  . PHE A 1 127 ? 13.24852  11.78395  6.75625   1.000 30.12940  ? 125 PHE A CG  1 
ATOM   987  C CD1 . PHE A 1 127 ? 13.71425  12.90556  6.08876   1.000 35.28202  ? 125 PHE A CD1 1 
ATOM   988  C CD2 . PHE A 1 127 ? 13.89328  10.58104  6.56080   1.000 29.54615  ? 125 PHE A CD2 1 
ATOM   989  C CE1 . PHE A 1 127 ? 14.80981  12.81942  5.23220   1.000 36.11507  ? 125 PHE A CE1 1 
ATOM   990  C CE2 . PHE A 1 127 ? 14.98417  10.48472  5.71154   1.000 35.91127  ? 125 PHE A CE2 1 
ATOM   991  C CZ  . PHE A 1 127 ? 15.43771  11.60227  5.04538   1.000 37.35540  ? 125 PHE A CZ  1 
ATOM   992  N N   . LEU A 1 128 ? 9.98353   9.89846   6.52212   1.000 21.13374  ? 126 LEU A N   1 
ATOM   993  C CA  . LEU A 1 128 ? 9.58127   8.82231   5.62827   1.000 19.37338  ? 126 LEU A CA  1 
ATOM   994  C C   . LEU A 1 128 ? 8.39939   9.25150   4.77211   1.000 24.61119  ? 126 LEU A C   1 
ATOM   995  O O   . LEU A 1 128 ? 8.28546   8.83896   3.60966   1.000 24.34411  ? 126 LEU A O   1 
ATOM   996  C CB  . LEU A 1 128 ? 9.26404   7.57320   6.46040   1.000 24.45682  ? 126 LEU A CB  1 
ATOM   997  C CG  . LEU A 1 128 ? 10.51454  7.04291   7.17825   1.000 29.70295  ? 126 LEU A CG  1 
ATOM   998  C CD1 . LEU A 1 128 ? 10.19407  5.86384   8.10622   1.000 32.72681  ? 126 LEU A CD1 1 
ATOM   999  C CD2 . LEU A 1 128 ? 11.54041  6.63757   6.15348   1.000 28.09642  ? 126 LEU A CD2 1 
ATOM   1000 N N   . HIS A 1 129 ? 7.55305   10.12850  5.31495   1.000 19.25135  ? 127 HIS A N   1 
ATOM   1001 C CA  . HIS A 1 129 ? 6.42659   10.67971  4.57517   1.000 19.16633  ? 127 HIS A CA  1 
ATOM   1002 C C   . HIS A 1 129 ? 6.89107   11.51523  3.38474   1.000 26.95191  ? 127 HIS A C   1 
ATOM   1003 O O   . HIS A 1 129 ? 6.23604   11.52315  2.34146   1.000 26.35525  ? 127 HIS A O   1 
ATOM   1004 C CB  . HIS A 1 129 ? 5.58729   11.52128  5.53061   1.000 22.01723  ? 127 HIS A CB  1 
ATOM   1005 C CG  . HIS A 1 129 ? 4.71724   12.53832  4.86876   1.000 27.60459  ? 127 HIS A CG  1 
ATOM   1006 N ND1 . HIS A 1 129 ? 3.53294   12.21206  4.24214   1.000 21.85478  ? 127 HIS A ND1 1 
ATOM   1007 C CD2 . HIS A 1 129 ? 4.83880   13.88478  4.76946   1.000 27.26366  ? 127 HIS A CD2 1 
ATOM   1008 C CE1 . HIS A 1 129 ? 2.97643   13.31181  3.75909   1.000 27.38026  ? 127 HIS A CE1 1 
ATOM   1009 N NE2 . HIS A 1 129 ? 3.74047   14.34238  4.08182   1.000 24.75963  ? 127 HIS A NE2 1 
ATOM   1010 N N   . TYR A 1 130 ? 8.00157   12.23907  3.51786   1.000 19.09891  ? 128 TYR A N   1 
ATOM   1011 C CA  . TYR A 1 130 ? 8.48699   12.99287  2.35267   1.000 20.79311  ? 128 TYR A CA  1 
ATOM   1012 C C   . TYR A 1 130 ? 9.16520   12.08006  1.34665   1.000 28.02168  ? 128 TYR A C   1 
ATOM   1013 O O   . TYR A 1 130 ? 9.07090   12.30642  0.13238   1.000 26.23603  ? 128 TYR A O   1 
ATOM   1014 C CB  . TYR A 1 130 ? 9.45616   14.09741  2.77296   1.000 21.22164  ? 128 TYR A CB  1 
ATOM   1015 C CG  . TYR A 1 130 ? 8.85300   15.15858  3.65889   1.000 19.31261  ? 128 TYR A CG  1 
ATOM   1016 C CD1 . TYR A 1 130 ? 7.68795   15.82111  3.29188   1.000 21.35409  ? 128 TYR A CD1 1 
ATOM   1017 C CD2 . TYR A 1 130 ? 9.43822   15.48585  4.87231   1.000 24.99811  ? 128 TYR A CD2 1 
ATOM   1018 C CE1 . TYR A 1 130 ? 7.12961   16.79125  4.10447   1.000 23.75300  ? 128 TYR A CE1 1 
ATOM   1019 C CE2 . TYR A 1 130 ? 8.88770   16.44294  5.69414   1.000 28.85759  ? 128 TYR A CE2 1 
ATOM   1020 C CZ  . TYR A 1 130 ? 7.72892   17.09292  5.31109   1.000 27.44951  ? 128 TYR A CZ  1 
ATOM   1021 O OH  . TYR A 1 130 ? 7.18278   18.05477  6.14174   1.000 28.93069  ? 128 TYR A OH  1 
ATOM   1022 N N   . LYS A 1 131 ? 9.84238   11.04444  1.83040   1.000 21.00664  ? 129 LYS A N   1 
ATOM   1023 C CA  . LYS A 1 131 ? 10.59245  10.17052  0.94672   1.000 18.84877  ? 129 LYS A CA  1 
ATOM   1024 C C   . LYS A 1 131 ? 9.66646   9.23784   0.17410   1.000 23.14747  ? 129 LYS A C   1 
ATOM   1025 O O   . LYS A 1 131 ? 9.90669   8.95907   -1.00544  1.000 22.25542  ? 129 LYS A O   1 
ATOM   1026 C CB  . LYS A 1 131 ? 11.59636  9.36206   1.76505   1.000 24.54639  ? 129 LYS A CB  1 
ATOM   1027 C CG  . LYS A 1 131 ? 12.85322  9.03447   1.01072   1.000 38.48189  ? 129 LYS A CG  1 
ATOM   1028 C CD  . LYS A 1 131 ? 14.02803  8.71607   1.93458   1.000 33.64740  ? 129 LYS A CD  1 
ATOM   1029 C CE  . LYS A 1 131 ? 14.98270  9.88114   1.90555   1.000 42.71339  ? 129 LYS A CE  1 
ATOM   1030 N NZ  . LYS A 1 131 ? 15.74963  9.83406   0.65949   1.000 27.51162  ? 129 LYS A NZ  1 
ATOM   1031 N N   . TYR A 1 132 ? 8.58927   8.75952   0.80936   1.000 21.99868  ? 130 TYR A N   1 
ATOM   1032 C CA  . TYR A 1 132 ? 7.85030   7.63283   0.25435   1.000 28.74472  ? 130 TYR A CA  1 
ATOM   1033 C C   . TYR A 1 132 ? 6.35354   7.79179   0.06561   1.000 26.20514  ? 130 TYR A C   1 
ATOM   1034 O O   . TYR A 1 132 ? 5.71831   6.80743   -0.33223  1.000 34.18299  ? 130 TYR A O   1 
ATOM   1035 C CB  . TYR A 1 132 ? 8.04801   6.38867   1.12033   1.000 24.89004  ? 130 TYR A CB  1 
ATOM   1036 C CG  . TYR A 1 132 ? 9.39557   5.76347   0.97097   1.000 31.63962  ? 130 TYR A CG  1 
ATOM   1037 C CD1 . TYR A 1 132 ? 9.76869   5.15460   -0.22324  1.000 22.27739  ? 130 TYR A CD1 1 
ATOM   1038 C CD2 . TYR A 1 132 ? 10.28949  5.75933   2.02623   1.000 23.64274  ? 130 TYR A CD2 1 
ATOM   1039 C CE1 . TYR A 1 132 ? 10.99663  4.57234   -0.35288  1.000 22.51962  ? 130 TYR A CE1 1 
ATOM   1040 C CE2 . TYR A 1 132 ? 11.52118  5.18279   1.90084   1.000 29.07479  ? 130 TYR A CE2 1 
ATOM   1041 C CZ  . TYR A 1 132 ? 11.86394  4.57873   0.71232   1.000 23.52732  ? 130 TYR A CZ  1 
ATOM   1042 O OH  . TYR A 1 132 ? 13.09532  3.99634   0.58803   1.000 31.75489  ? 130 TYR A OH  1 
ATOM   1043 N N   . ASN A 1 133 ? 5.75197   8.93909   0.36621   1.000 23.00892  ? 131 ASN A N   1 
ATOM   1044 C CA  . ASN A 1 133 ? 4.30603   9.09482   0.14279   1.000 33.89028  ? 131 ASN A CA  1 
ATOM   1045 C C   . ASN A 1 133 ? 3.49890   8.19758   1.07882   1.000 29.69107  ? 131 ASN A C   1 
ATOM   1046 O O   . ASN A 1 133 ? 2.43178   7.68538   0.73439   1.000 28.37728  ? 131 ASN A O   1 
ATOM   1047 C CB  . ASN A 1 133 ? 3.90145   8.81983   -1.31117  1.000 38.49483  ? 131 ASN A CB  1 
ATOM   1048 C CG  . ASN A 1 133 ? 2.47431   9.24699   -1.60830  1.000 47.70099  ? 131 ASN A CG  1 
ATOM   1049 O OD1 . ASN A 1 133 ? 1.66308   8.46900   -2.12039  1.000 50.93773  ? 131 ASN A OD1 1 
ATOM   1050 N ND2 . ASN A 1 133 ? 2.15429   10.48806  -1.26317  1.000 44.20031  ? 131 ASN A ND2 1 
ATOM   1051 N N   . ILE A 1 134 ? 4.05612   7.95015   2.24411   1.000 20.89334  ? 132 ILE A N   1 
ATOM   1052 C CA  . ILE A 1 134 ? 3.29699   7.41336   3.36409   1.000 22.11711  ? 132 ILE A CA  1 
ATOM   1053 C C   . ILE A 1 134 ? 2.55035   8.58960   3.98723   1.000 24.97253  ? 132 ILE A C   1 
ATOM   1054 O O   . ILE A 1 134 ? 3.17348   9.54103   4.47213   1.000 23.78108  ? 132 ILE A O   1 
ATOM   1055 C CB  . ILE A 1 134 ? 4.24002   6.74424   4.37177   1.000 21.14684  ? 132 ILE A CB  1 
ATOM   1056 C CG1 . ILE A 1 134 ? 4.97090   5.57114   3.72603   1.000 19.50281  ? 132 ILE A CG1 1 
ATOM   1057 C CG2 . ILE A 1 134 ? 3.46715   6.31691   5.62794   1.000 26.47647  ? 132 ILE A CG2 1 
ATOM   1058 C CD1 . ILE A 1 134 ? 6.17528   5.10657   4.48561   1.000 29.65587  ? 132 ILE A CD1 1 
ATOM   1059 N N   . ASN A 1 135 ? 1.21746   8.53980   3.96051   1.000 18.77874  ? 133 ASN A N   1 
ATOM   1060 C CA  . ASN A 1 135 ? 0.36164   9.59607   4.48430   1.000 18.61019  ? 133 ASN A CA  1 
ATOM   1061 C C   . ASN A 1 135 ? -0.40240  9.10387   5.70807   1.000 24.31164  ? 133 ASN A C   1 
ATOM   1062 O O   . ASN A 1 135 ? -0.89810  7.97496   5.72214   1.000 21.81802  ? 133 ASN A O   1 
ATOM   1063 C CB  . ASN A 1 135 ? -0.60804  10.05677  3.40508   1.000 20.64935  ? 133 ASN A CB  1 
ATOM   1064 C CG  . ASN A 1 135 ? 0.11701   10.69198  2.24473   1.000 31.06006  ? 133 ASN A CG  1 
ATOM   1065 O OD1 . ASN A 1 135 ? 1.19678   11.26595  2.42616   1.000 23.76941  ? 133 ASN A OD1 1 
ATOM   1066 N ND2 . ASN A 1 135 ? -0.43942  10.56881  1.05071   1.000 29.19247  ? 133 ASN A ND2 1 
ATOM   1067 N N   . SER A 1 136 ? -0.49601  9.95974   6.72560   1.000 23.01674  ? 134 SER A N   1 
ATOM   1068 C CA  . SER A 1 136 ? -1.10742  9.57182   7.99762   1.000 23.38141  ? 134 SER A CA  1 
ATOM   1069 C C   . SER A 1 136 ? -2.57968  9.23519   7.82058   1.000 24.22372  ? 134 SER A C   1 
ATOM   1070 O O   . SER A 1 136 ? -3.33726  10.00203  7.21613   1.000 25.75925  ? 134 SER A O   1 
ATOM   1071 C CB  . SER A 1 136 ? -0.97126  10.71161  9.01421   1.000 27.24678  ? 134 SER A CB  1 
ATOM   1072 O OG  . SER A 1 136 ? -1.30933  10.26969  10.32199  1.000 27.45726  ? 134 SER A OG  1 
ATOM   1073 N N   . MET A 1 137 ? -2.99703  8.11107   8.41280   1.000 26.50792  ? 135 MET A N   1 
ATOM   1074 C CA  . MET A 1 137 ? -4.40698  7.72338   8.41190   1.000 30.92235  ? 135 MET A CA  1 
ATOM   1075 C C   . MET A 1 137 ? -4.94966  7.68370   6.99058   1.000 32.18997  ? 135 MET A C   1 
ATOM   1076 O O   . MET A 1 137 ? -6.04608  8.17533   6.71439   1.000 26.35796  ? 135 MET A O   1 
ATOM   1077 C CB  . MET A 1 137 ? -5.24843  8.67714   9.27219   1.000 35.85107  ? 135 MET A CB  1 
ATOM   1078 C CG  . MET A 1 137 ? -5.01236  8.66847   10.79064  1.000 32.09171  ? 135 MET A CG  1 
ATOM   1079 S SD  . MET A 1 137 ? -5.09293  7.00564   11.44115  1.000 42.32521  ? 135 MET A SD  1 
ATOM   1080 C CE  . MET A 1 137 ? -6.86314  6.76140   11.28581  1.000 33.35469  ? 135 MET A CE  1 
ATOM   1081 N N   . GLU A 1 138 ? -4.15330  7.14255   6.06515   1.000 25.43346  ? 136 GLU A N   1 
ATOM   1082 C CA  . GLU A 1 138 ? -4.61385  7.10549   4.68043   1.000 20.60186  ? 136 GLU A CA  1 
ATOM   1083 C C   . GLU A 1 138 ? -3.94802  5.95252   3.94454   1.000 27.79037  ? 136 GLU A C   1 
ATOM   1084 O O   . GLU A 1 138 ? -4.63561  5.05910   3.44490   1.000 24.56450  ? 136 GLU A O   1 
ATOM   1085 C CB  . GLU A 1 138 ? -4.32620  8.42738   3.97676   1.000 24.05916  ? 136 GLU A CB  1 
ATOM   1086 C CG  . GLU A 1 138 ? -4.49843  8.35322   2.48900   1.000 27.56843  ? 136 GLU A CG  1 
ATOM   1087 C CD  . GLU A 1 138 ? -4.01430  9.61535   1.79024   1.000 43.94721  ? 136 GLU A CD  1 
ATOM   1088 O OE1 . GLU A 1 138 ? -3.16776  9.48885   0.88432   1.000 41.67203  ? 136 GLU A OE1 1 
ATOM   1089 O OE2 . GLU A 1 138 ? -4.45019  10.72448  2.17271   1.000 41.30328  ? 136 GLU A OE2 1 
ATOM   1090 N N   . THR A 1 139 ? -2.61438  5.96746   3.88228   1.000 19.71813  ? 137 THR A N   1 
ATOM   1091 C CA  . THR A 1 139 ? -1.84841  4.91006   3.22181   1.000 18.76379  ? 137 THR A CA  1 
ATOM   1092 C C   . THR A 1 139 ? -1.91977  3.60270   4.01396   1.000 22.52629  ? 137 THR A C   1 
ATOM   1093 O O   . THR A 1 139 ? -1.69906  3.58530   5.22377   1.000 23.08499  ? 137 THR A O   1 
ATOM   1094 C CB  . THR A 1 139 ? -0.37855  5.33214   3.11643   1.000 21.45031  ? 137 THR A CB  1 
ATOM   1095 O OG1 . THR A 1 139 ? -0.28191  6.61306   2.47900   1.000 21.02683  ? 137 THR A OG1 1 
ATOM   1096 C CG2 . THR A 1 139 ? 0.46255   4.27177   2.38758   1.000 17.78739  ? 137 THR A CG2 1 
ATOM   1097 N N   . VAL A 1 140 ? -2.15066  2.48935   3.33049   1.000 22.69353  ? 138 VAL A N   1 
ATOM   1098 C CA  . VAL A 1 140 ? -2.04570  1.18926   3.98677   1.000 22.42314  ? 138 VAL A CA  1 
ATOM   1099 C C   . VAL A 1 140 ? -0.62799  0.67571   3.80225   1.000 21.51123  ? 138 VAL A C   1 
ATOM   1100 O O   . VAL A 1 140 ? -0.12954  0.61329   2.66866   1.000 23.94655  ? 138 VAL A O   1 
ATOM   1101 C CB  . VAL A 1 140 ? -3.06514  0.19438   3.40830   1.000 22.30731  ? 138 VAL A CB  1 
ATOM   1102 C CG1 . VAL A 1 140 ? -3.02469  -1.10982  4.20282   1.000 26.26652  ? 138 VAL A CG1 1 
ATOM   1103 C CG2 . VAL A 1 140 ? -4.44248  0.80233   3.41100   1.000 21.90541  ? 138 VAL A CG2 1 
ATOM   1104 N N   . VAL A 1 141 ? 0.03213   0.30986   4.90487   1.000 19.27603  ? 139 VAL A N   1 
ATOM   1105 C CA  . VAL A 1 141 ? 1.32650   -0.36485  4.82612   1.000 18.93046  ? 139 VAL A CA  1 
ATOM   1106 C C   . VAL A 1 141 ? 1.13101   -1.84352  5.16275   1.000 25.57988  ? 139 VAL A C   1 
ATOM   1107 O O   . VAL A 1 141 ? 0.15809   -2.23359  5.81705   1.000 24.32464  ? 139 VAL A O   1 
ATOM   1108 C CB  . VAL A 1 141 ? 2.39985   0.26967   5.74670   1.000 23.39420  ? 139 VAL A CB  1 
ATOM   1109 C CG1 . VAL A 1 141 ? 2.72783   1.70799   5.31912   1.000 18.96271  ? 139 VAL A CG1 1 
ATOM   1110 C CG2 . VAL A 1 141 ? 1.93911   0.23895   7.18768   1.000 21.12518  ? 139 VAL A CG2 1 
ATOM   1111 N N   . HIS A 1 142 ? 2.05552   -2.67870  4.67770   1.000 20.84458  ? 140 HIS A N   1 
ATOM   1112 C CA  . HIS A 1 142 ? 1.93140   -4.12655  4.81160   1.000 26.15838  ? 140 HIS A CA  1 
ATOM   1113 C C   . HIS A 1 142 ? 3.26548   -4.72088  5.22805   1.000 25.73773  ? 140 HIS A C   1 
ATOM   1114 O O   . HIS A 1 142 ? 4.31630   -4.31494  4.73865   1.000 23.12444  ? 140 HIS A O   1 
ATOM   1115 C CB  . HIS A 1 142 ? 1.45510   -4.79424  3.49822   1.000 21.83658  ? 140 HIS A CB  1 
ATOM   1116 C CG  . HIS A 1 142 ? 0.49865   -3.95599  2.70631   1.000 27.15356  ? 140 HIS A CG  1 
ATOM   1117 N ND1 . HIS A 1 142 ? 0.90920   -2.88628  1.93144   1.000 25.64784  ? 140 HIS A ND1 1 
ATOM   1118 C CD2 . HIS A 1 142 ? -0.84848  -4.02377  2.57372   1.000 27.87967  ? 140 HIS A CD2 1 
ATOM   1119 C CE1 . HIS A 1 142 ? -0.14770  -2.33439  1.35612   1.000 24.69676  ? 140 HIS A CE1 1 
ATOM   1120 N NE2 . HIS A 1 142 ? -1.22496  -3.00588  1.72780   1.000 25.42345  ? 140 HIS A NE2 1 
ATOM   1121 N N   . SER A 1 143 ? 3.21750   -5.70464  6.12168   1.000 27.99687  ? 141 SER A N   1 
ATOM   1122 C CA  . SER A 1 143 ? 4.42817   -6.41262  6.50399   1.000 23.15870  ? 141 SER A CA  1 
ATOM   1123 C C   . SER A 1 143 ? 5.12052   -7.00100  5.28119   1.000 28.89513  ? 141 SER A C   1 
ATOM   1124 O O   . SER A 1 143 ? 4.47087   -7.52178  4.37398   1.000 30.73543  ? 141 SER A O   1 
ATOM   1125 C CB  . SER A 1 143 ? 4.08458   -7.52501  7.51004   1.000 32.53230  ? 141 SER A CB  1 
ATOM   1126 O OG  . SER A 1 143 ? 5.24425   -8.28130  7.79106   1.000 45.77424  ? 141 SER A OG  1 
ATOM   1127 N N   . ARG A 1 144 ? 6.44717   -6.89234  5.25269   1.000 26.66757  ? 142 ARG A N   1 
ATOM   1128 C CA  . ARG A 1 144 ? 7.36784   -7.34284  4.20122   1.000 32.10948  ? 142 ARG A CA  1 
ATOM   1129 C C   . ARG A 1 144 ? 7.38791   -6.42305  2.98006   1.000 24.14638  ? 142 ARG A C   1 
ATOM   1130 O O   . ARG A 1 144 ? 8.14265   -6.72027  2.05286   1.000 28.63628  ? 142 ARG A O   1 
ATOM   1131 C CB  . ARG A 1 144 ? 7.09538   -8.77218  3.70002   1.000 37.63008  ? 142 ARG A CB  1 
ATOM   1132 C CG  . ARG A 1 144 ? 7.07250   -9.85533  4.78279   1.000 44.35793  ? 142 ARG A CG  1 
ATOM   1133 C CD  . ARG A 1 144 ? 8.14409   -9.62199  5.83244   1.000 46.53797  ? 142 ARG A CD  1 
ATOM   1134 N NE  . ARG A 1 144 ? 9.45793   -10.04849 5.36435   1.000 52.28287  ? 142 ARG A NE  1 
ATOM   1135 C CZ  . ARG A 1 144 ? 10.52914  -10.15329 6.13894   1.000 58.15445  ? 142 ARG A CZ  1 
ATOM   1136 N NH1 . ARG A 1 144 ? 10.46629  -9.92430  7.44285   1.000 53.23631  ? 142 ARG A NH1 1 
ATOM   1137 N NH2 . ARG A 1 144 ? 11.69041  -10.50196 5.59393   1.000 55.45631  ? 142 ARG A NH2 1 
ATOM   1138 N N   . ASP A 1 145 ? 6.59060   -5.34778  2.94144   1.000 27.66452  ? 143 ASP A N   1 
ATOM   1139 C CA  . ASP A 1 145 ? 6.67543   -4.36500  1.85608   1.000 25.41215  ? 143 ASP A CA  1 
ATOM   1140 C C   . ASP A 1 145 ? 8.10777   -3.91367  1.66321   1.000 24.97659  ? 143 ASP A C   1 
ATOM   1141 O O   . ASP A 1 145 ? 8.73385   -3.40980  2.59821   1.000 27.53835  ? 143 ASP A O   1 
ATOM   1142 C CB  . ASP A 1 145 ? 5.82396   -3.13349  2.16783   1.000 20.84036  ? 143 ASP A CB  1 
ATOM   1143 C CG  . ASP A 1 145 ? 4.36489   -3.29869  1.77233   1.000 23.32217  ? 143 ASP A CG  1 
ATOM   1144 O OD1 . ASP A 1 145 ? 4.02937   -4.33078  1.16170   1.000 26.76251  ? 143 ASP A OD1 1 
ATOM   1145 O OD2 . ASP A 1 145 ? 3.56420   -2.37531  2.06342   1.000 24.21199  ? 143 ASP A OD2 1 
ATOM   1146 N N   . ILE A 1 146 ? 8.61057   -4.05528  0.44007   1.000 29.31629  ? 144 ILE A N   1 
ATOM   1147 C CA  . ILE A 1 146 ? 9.94222   -3.58733  0.08325   1.000 25.37689  ? 144 ILE A CA  1 
ATOM   1148 C C   . ILE A 1 146 ? 9.77087   -2.23657  -0.59881  1.000 33.16249  ? 144 ILE A C   1 
ATOM   1149 O O   . ILE A 1 146 ? 9.37358   -2.15604  -1.77256  1.000 28.95373  ? 144 ILE A O   1 
ATOM   1150 C CB  . ILE A 1 146 ? 10.68506  -4.58082  -0.81186  1.000 29.39834  ? 144 ILE A CB  1 
ATOM   1151 C CG1 . ILE A 1 146 ? 10.92216  -5.90842  -0.09221  1.000 37.75542  ? 144 ILE A CG1 1 
ATOM   1152 C CG2 . ILE A 1 146 ? 12.01552  -3.99602  -1.25244  1.000 29.88309  ? 144 ILE A CG2 1 
ATOM   1153 C CD1 . ILE A 1 146 ? 11.55341  -6.95806  -0.99648  1.000 34.83135  ? 144 ILE A CD1 1 
ATOM   1154 N N   . LEU A 1 147 ? 10.08233  -1.16948  0.13862   1.000 23.23030  ? 145 LEU A N   1 
ATOM   1155 C CA  . LEU A 1 147 ? 9.86053   0.18300   -0.35590  1.000 25.52176  ? 145 LEU A CA  1 
ATOM   1156 C C   . LEU A 1 147 ? 10.92576  0.57419   -1.36933  1.000 32.94538  ? 145 LEU A C   1 
ATOM   1157 O O   . LEU A 1 147 ? 10.61375  1.15239   -2.42012  1.000 30.59215  ? 145 LEU A O   1 
ATOM   1158 C CB  . LEU A 1 147 ? 9.84798   1.15945   0.81296   1.000 20.94002  ? 145 LEU A CB  1 
ATOM   1159 C CG  . LEU A 1 147 ? 8.59471   1.21122   1.67378   1.000 20.41322  ? 145 LEU A CG  1 
ATOM   1160 C CD1 . LEU A 1 147 ? 8.43155   -0.06853  2.54761   1.000 26.43236  ? 145 LEU A CD1 1 
ATOM   1161 C CD2 . LEU A 1 147 ? 8.64839   2.44618   2.54842   1.000 24.47985  ? 145 LEU A CD2 1 
ATOM   1162 N N   . THR A 1 148 ? 12.18529  0.26613   -1.06529  1.000 26.90736  ? 146 THR A N   1 
ATOM   1163 C CA  . THR A 1 148 ? 13.29157  0.42387   -1.99896  1.000 28.56594  ? 146 THR A CA  1 
ATOM   1164 C C   . THR A 1 148 ? 14.22354  -0.76194  -1.83050  1.000 36.54378  ? 146 THR A C   1 
ATOM   1165 O O   . THR A 1 148 ? 14.69084  -1.03094  -0.71827  1.000 32.50981  ? 146 THR A O   1 
ATOM   1166 C CB  . THR A 1 148 ? 14.07139  1.72582   -1.76399  1.000 31.40574  ? 146 THR A CB  1 
ATOM   1167 O OG1 . THR A 1 148 ? 13.17107  2.84561   -1.80004  1.000 31.86958  ? 146 THR A OG1 1 
ATOM   1168 C CG2 . THR A 1 148 ? 15.17006  1.88974   -2.81599  1.000 33.18986  ? 146 THR A CG2 1 
ATOM   1169 N N   . SER A 1 149 ? 14.48223  -1.46519  -2.92958  1.000 40.00645  ? 147 SER A N   1 
ATOM   1170 C CA  . SER A 1 149 ? 15.39172  -2.59862  -2.89146  1.000 40.32689  ? 147 SER A CA  1 
ATOM   1171 C C   . SER A 1 149 ? 16.73716  -2.15943  -2.33430  1.000 38.18285  ? 147 SER A C   1 
ATOM   1172 O O   . SER A 1 149 ? 17.31439  -1.16779  -2.78663  1.000 37.80960  ? 147 SER A O   1 
ATOM   1173 C CB  . SER A 1 149 ? 15.55638  -3.18397  -4.29213  1.000 49.33249  ? 147 SER A CB  1 
ATOM   1174 O OG  . SER A 1 149 ? 16.06660  -4.50554  -4.23386  1.000 55.97220  ? 147 SER A OG  1 
ATOM   1175 N N   . GLY A 1 150 ? 17.20900  -2.87538  -1.31777  1.000 41.08677  ? 148 GLY A N   1 
ATOM   1176 C CA  . GLY A 1 150 ? 18.48845  -2.60229  -0.70166  1.000 43.50101  ? 148 GLY A CA  1 
ATOM   1177 C C   . GLY A 1 150 ? 18.52300  -1.41889  0.23762   1.000 48.67666  ? 148 GLY A C   1 
ATOM   1178 O O   . GLY A 1 150 ? 19.59699  -1.10720  0.76381   1.000 42.42342  ? 148 GLY A O   1 
ATOM   1179 N N   . LEU A 1 151 ? 17.39861  -0.74780  0.46943   1.000 36.15872  ? 149 LEU A N   1 
ATOM   1180 C CA  . LEU A 1 151 ? 17.41829  0.44440   1.31213   1.000 36.05878  ? 149 LEU A CA  1 
ATOM   1181 C C   . LEU A 1 151 ? 16.37702  0.41983   2.41951   1.000 34.84813  ? 149 LEU A C   1 
ATOM   1182 O O   . LEU A 1 151 ? 16.68113  0.82829   3.54250   1.000 33.07952  ? 149 LEU A O   1 
ATOM   1183 C CB  . LEU A 1 151 ? 17.22733  1.72396   0.45299   1.000 33.28608  ? 149 LEU A CB  1 
ATOM   1184 C CG  . LEU A 1 151 ? 17.41994  3.07388   1.15960   1.000 39.61059  ? 149 LEU A CG  1 
ATOM   1185 C CD1 . LEU A 1 151 ? 18.88965  3.38873   1.33684   1.000 53.04208  ? 149 LEU A CD1 1 
ATOM   1186 C CD2 . LEU A 1 151 ? 16.77187  4.18998   0.35018   1.000 40.79070  ? 149 LEU A CD2 1 
ATOM   1187 N N   . CYS A 1 152 ? 15.15731  -0.04091  2.14180   1.000 32.56642  ? 150 CYS A N   1 
ATOM   1188 C CA  . CYS A 1 152 ? 14.08453  0.12019   3.12158   1.000 28.83337  ? 150 CYS A CA  1 
ATOM   1189 C C   . CYS A 1 152 ? 13.00777  -0.93098  2.89879   1.000 34.69599  ? 150 CYS A C   1 
ATOM   1190 O O   . CYS A 1 152 ? 12.47065  -1.04355  1.78961   1.000 29.44875  ? 150 CYS A O   1 
ATOM   1191 C CB  . CYS A 1 152 ? 13.50093  1.53059   3.03553   1.000 29.59994  ? 150 CYS A CB  1 
ATOM   1192 S SG  . CYS A 1 152 ? 12.14083  1.82645   4.17371   1.000 32.32291  ? 150 CYS A SG  1 
ATOM   1193 N N   . GLN A 1 153 ? 12.69533  -1.68901  3.95437   1.000 24.52717  ? 151 GLN A N   1 
ATOM   1194 C CA  . GLN A 1 153 ? 11.67057  -2.72573  3.96183   1.000 29.90713  ? 151 GLN A CA  1 
ATOM   1195 C C   . GLN A 1 153 ? 10.93507  -2.70981  5.28845   1.000 30.48533  ? 151 GLN A C   1 
ATOM   1196 O O   . GLN A 1 153 ? 11.54457  -2.48741  6.33896   1.000 32.93205  ? 151 GLN A O   1 
ATOM   1197 C CB  . GLN A 1 153 ? 12.26133  -4.12663  3.77366   1.000 35.06018  ? 151 GLN A CB  1 
ATOM   1198 C CG  . GLN A 1 153 ? 11.25646  -5.14708  3.29527   1.000 36.16332  ? 151 GLN A CG  1 
ATOM   1199 C CD  . GLN A 1 153 ? 11.72195  -6.56971  3.52474   1.000 43.73671  ? 151 GLN A CD  1 
ATOM   1200 O OE1 . GLN A 1 153 ? 12.86006  -6.79921  3.94549   1.000 40.99217  ? 151 GLN A OE1 1 
ATOM   1201 N NE2 . GLN A 1 153 ? 10.84740  -7.53548  3.23981   1.000 44.97924  ? 151 GLN A NE2 1 
ATOM   1202 N N   . ILE A 1 154 ? 9.63262   -2.96406  5.24245   1.000 27.23593  ? 152 ILE A N   1 
ATOM   1203 C CA  . ILE A 1 154 ? 8.85417   -3.11844  6.46715   1.000 26.55664  ? 152 ILE A CA  1 
ATOM   1204 C C   . ILE A 1 154 ? 9.04781   -4.54242  6.96444   1.000 37.14917  ? 152 ILE A C   1 
ATOM   1205 O O   . ILE A 1 154 ? 8.77335   -5.50385  6.24154   1.000 37.16084  ? 152 ILE A O   1 
ATOM   1206 C CB  . ILE A 1 154 ? 7.36931   -2.81109  6.23401   1.000 27.64045  ? 152 ILE A CB  1 
ATOM   1207 C CG1 . ILE A 1 154 ? 7.16569   -1.32424  5.91574   1.000 29.03477  ? 152 ILE A CG1 1 
ATOM   1208 C CG2 . ILE A 1 154 ? 6.53717   -3.23104  7.44521   1.000 34.62673  ? 152 ILE A CG2 1 
ATOM   1209 C CD1 . ILE A 1 154 ? 5.69903   -0.94112  5.83037   1.000 29.36627  ? 152 ILE A CD1 1 
ATOM   1210 N N   . LEU A 1 155 ? 9.55335   -4.68284  8.18956   1.000 36.89888  ? 153 LEU A N   1 
ATOM   1211 C CA  . LEU A 1 155 ? 9.77859   -6.01708  8.74125   1.000 43.14473  ? 153 LEU A CA  1 
ATOM   1212 C C   . LEU A 1 155 ? 8.49713   -6.61231  9.31071   1.000 40.90778  ? 153 LEU A C   1 
ATOM   1213 O O   . LEU A 1 155 ? 8.18504   -7.78634  9.07007   1.000 51.86881  ? 153 LEU A O   1 
ATOM   1214 C CB  . LEU A 1 155 ? 10.84908  -5.95694  9.83305   1.000 48.09063  ? 153 LEU A CB  1 
ATOM   1215 C CG  . LEU A 1 155 ? 12.30499  -6.10947  9.41826   1.000 45.84848  ? 153 LEU A CG  1 
ATOM   1216 C CD1 . LEU A 1 155 ? 13.20112  -6.01752  10.64576  1.000 46.21443  ? 153 LEU A CD1 1 
ATOM   1217 C CD2 . LEU A 1 155 ? 12.51263  -7.41246  8.68526   1.000 43.21778  ? 153 LEU A CD2 1 
ATOM   1218 N N   . ASN A 1 156 ? 7.75345   -5.81839  10.07328  1.000 32.97417  ? 154 ASN A N   1 
ATOM   1219 C CA  . ASN A 1 156 ? 6.56002   -6.28288  10.75818  1.000 37.71468  ? 154 ASN A CA  1 
ATOM   1220 C C   . ASN A 1 156 ? 5.67716   -5.09233  11.06487  1.000 30.03592  ? 154 ASN A C   1 
ATOM   1221 O O   . ASN A 1 156 ? 6.13829   -3.95017  11.09751  1.000 38.57001  ? 154 ASN A O   1 
ATOM   1222 C CB  . ASN A 1 156 ? 6.90630   -7.02754  12.05073  1.000 47.08912  ? 154 ASN A CB  1 
ATOM   1223 C CG  . ASN A 1 156 ? 6.19766   -8.36065  12.15528  1.000 49.01254  ? 154 ASN A CG  1 
ATOM   1224 O OD1 . ASN A 1 156 ? 5.23418   -8.62764  11.42238  1.000 55.05557  ? 154 ASN A OD1 1 
ATOM   1225 N ND2 . ASN A 1 156 ? 6.66706   -9.21037  13.06509  1.000 68.58449  ? 154 ASN A ND2 1 
ATOM   1226 N N   . CYS A 1 157 ? 4.38910   -5.37975  11.23877  1.000 27.75551  ? 155 CYS A N   1 
ATOM   1227 C CA  . CYS A 1 157 ? 3.39055   -4.46285  11.76594  1.000 30.05465  ? 155 CYS A CA  1 
ATOM   1228 C C   . CYS A 1 157 ? 2.66372   -5.16818  12.90074  1.000 34.32736  ? 155 CYS A C   1 
ATOM   1229 O O   . CYS A 1 157 ? 2.64880   -6.39694  12.97860  1.000 33.86896  ? 155 CYS A O   1 
ATOM   1230 C CB  . CYS A 1 157 ? 2.34423   -4.03419  10.72024  1.000 33.57628  ? 155 CYS A CB  1 
ATOM   1231 S SG  . CYS A 1 157 ? 2.94781   -3.66990  9.08799   1.000 48.21824  ? 155 CYS A SG  1 
ATOM   1232 N N   . SER A 1 158 ? 2.02511   -4.37900  13.75738  1.000 28.56534  ? 156 SER A N   1 
ATOM   1233 C CA  . SER A 1 158 ? 1.31562   -4.93972  14.90217  1.000 30.56832  ? 156 SER A CA  1 
ATOM   1234 C C   . SER A 1 158 ? 0.14589   -4.02783  15.22089  1.000 28.88705  ? 156 SER A C   1 
ATOM   1235 O O   . SER A 1 158 ? 0.27717   -2.79965  15.09807  1.000 32.79162  ? 156 SER A O   1 
ATOM   1236 C CB  . SER A 1 158 ? 2.22517   -5.07353  16.12945  1.000 40.95164  ? 156 SER A CB  1 
ATOM   1237 O OG  . SER A 1 158 ? 1.44910   -5.24452  17.31032  1.000 46.29491  ? 156 SER A OG  1 
ATOM   1238 N N   . PRO A 1 159 ? -1.00321  -4.58216  15.64258  1.000 28.07776  ? 157 PRO A N   1 
ATOM   1239 C CA  . PRO A 1 159 ? -1.27694  -6.00931  15.88621  1.000 35.47130  ? 157 PRO A CA  1 
ATOM   1240 C C   . PRO A 1 159 ? -1.66326  -6.79957  14.62237  1.000 50.97899  ? 157 PRO A C   1 
ATOM   1241 O O   . PRO A 1 159 ? -1.69637  -8.04317  14.64608  1.000 39.58204  ? 157 PRO A O   1 
ATOM   1242 C CB  . PRO A 1 159 ? -2.41731  -5.94923  16.90131  1.000 30.94990  ? 157 PRO A CB  1 
ATOM   1243 C CG  . PRO A 1 159 ? -3.18357  -4.70318  16.54469  1.000 37.97112  ? 157 PRO A CG  1 
ATOM   1244 C CD  . PRO A 1 159 ? -2.16046  -3.73074  15.97325  1.000 29.07030  ? 157 PRO A CD  1 
ATOM   1245 N N   . PHE A 1 160 ? -1.95029  -6.11660  13.50824  1.000 36.70796  ? 158 PHE A N   1 
ATOM   1246 C CA  . PHE A 1 160 ? -2.34889  -6.73656  12.24784  1.000 35.32095  ? 158 PHE A CA  1 
ATOM   1247 C C   . PHE A 1 160 ? -1.21128  -6.64466  11.22972  1.000 44.37790  ? 158 PHE A C   1 
ATOM   1248 O O   . PHE A 1 160 ? -0.34315  -5.76951  11.33203  1.000 36.90430  ? 158 PHE A O   1 
ATOM   1249 C CB  . PHE A 1 160 ? -3.60376  -6.05273  11.67247  1.000 39.32750  ? 158 PHE A CB  1 
ATOM   1250 C CG  . PHE A 1 160 ? -4.63863  -5.64838  12.70725  1.000 38.43315  ? 158 PHE A CG  1 
ATOM   1251 C CD1 . PHE A 1 160 ? -4.74821  -4.32675  13.11660  1.000 43.06524  ? 158 PHE A CD1 1 
ATOM   1252 C CD2 . PHE A 1 160 ? -5.54126  -6.57299  13.21432  1.000 47.69174  ? 158 PHE A CD2 1 
ATOM   1253 C CE1 . PHE A 1 160 ? -5.70137  -3.94248  14.05549  1.000 49.32635  ? 158 PHE A CE1 1 
ATOM   1254 C CE2 . PHE A 1 160 ? -6.50238  -6.19511  14.14540  1.000 41.76488  ? 158 PHE A CE2 1 
ATOM   1255 C CZ  . PHE A 1 160 ? -6.58397  -4.88013  14.56528  1.000 46.61206  ? 158 PHE A CZ  1 
ATOM   1256 N N   . PRO A 1 161 ? -1.18187  -7.52667  10.22718  1.000 37.17068  ? 159 PRO A N   1 
ATOM   1257 C CA  . PRO A 1 161 ? -0.08145  -7.49686  9.25611   1.000 35.58289  ? 159 PRO A CA  1 
ATOM   1258 C C   . PRO A 1 161 ? -0.17482  -6.38427  8.21705   1.000 24.00781  ? 159 PRO A C   1 
ATOM   1259 O O   . PRO A 1 161 ? 0.69074   -6.33633  7.34199   1.000 29.85624  ? 159 PRO A O   1 
ATOM   1260 C CB  . PRO A 1 161 ? -0.15989  -8.87300  8.58144   1.000 37.53878  ? 159 PRO A CB  1 
ATOM   1261 C CG  . PRO A 1 161 ? -1.50180  -9.42117  8.89774   1.000 41.99515  ? 159 PRO A CG  1 
ATOM   1262 C CD  . PRO A 1 161 ? -2.14259  -8.61727  9.97625   1.000 45.95673  ? 159 PRO A CD  1 
ATOM   1263 N N   . GLN A 1 162 ? -1.18732  -5.52219  8.29479   1.000 26.07580  ? 160 GLN A N   1 
ATOM   1264 C CA  . GLN A 1 162 ? -1.39127  -4.39727  7.38540   1.000 25.65601  ? 160 GLN A CA  1 
ATOM   1265 C C   . GLN A 1 162 ? -2.41163  -3.45896  8.01296   1.000 33.40038  ? 160 GLN A C   1 
ATOM   1266 O O   . GLN A 1 162 ? -3.28101  -3.90185  8.76797   1.000 29.24701  ? 160 GLN A O   1 
ATOM   1267 C CB  . GLN A 1 162 ? -1.86268  -4.85815  5.99501   1.000 27.27051  ? 160 GLN A CB  1 
ATOM   1268 C CG  . GLN A 1 162 ? -3.17863  -5.63977  6.02166   1.000 25.89972  ? 160 GLN A CG  1 
ATOM   1269 C CD  . GLN A 1 162 ? -3.56826  -6.24988  4.66188   1.000 30.50852  ? 160 GLN A CD  1 
ATOM   1270 O OE1 . GLN A 1 162 ? -3.37209  -5.64576  3.60538   1.000 26.27525  ? 160 GLN A OE1 1 
ATOM   1271 N NE2 . GLN A 1 162 ? -4.15292  -7.43967  4.70201   1.000 30.84741  ? 160 GLN A NE2 1 
ATOM   1272 N N   . GLY A 1 163 ? -2.29052  -2.17873  7.70982   1.000 16.77244  ? 161 GLY A N   1 
ATOM   1273 C CA  . GLY A 1 163 ? -3.17546  -1.19114  8.29083   1.000 20.32206  ? 161 GLY A CA  1 
ATOM   1274 C C   . GLY A 1 163 ? -2.62556  0.19955   8.09136   1.000 21.70302  ? 161 GLY A C   1 
ATOM   1275 O O   . GLY A 1 163 ? -1.61669  0.40120   7.40906   1.000 22.78284  ? 161 GLY A O   1 
ATOM   1276 N N   . LEU A 1 164 ? -3.31121  1.15706   8.70082   1.000 22.89812  ? 162 LEU A N   1 
ATOM   1277 C CA  . LEU A 1 164 ? -2.95899  2.56431   8.58534   1.000 22.00576  ? 162 LEU A CA  1 
ATOM   1278 C C   . LEU A 1 164 ? -1.91394  2.96695   9.62705   1.000 28.39594  ? 162 LEU A C   1 
ATOM   1279 O O   . LEU A 1 164 ? -1.75025  2.32014   10.66553  1.000 23.56919  ? 162 LEU A O   1 
ATOM   1280 C CB  . LEU A 1 164 ? -4.20375  3.42219   8.73676   1.000 25.44493  ? 162 LEU A CB  1 
ATOM   1281 C CG  . LEU A 1 164 ? -5.37865  2.98026   7.85848   1.000 27.81820  ? 162 LEU A CG  1 
ATOM   1282 C CD1 . LEU A 1 164 ? -6.52881  3.91796   8.10622   1.000 28.51982  ? 162 LEU A CD1 1 
ATOM   1283 C CD2 . LEU A 1 164 ? -4.94926  3.02413   6.38340   1.000 24.77318  ? 162 LEU A CD2 1 
ATOM   1284 N N   . VAL A 1 165 ? -1.19057  4.04277   9.31808   1.000 22.92986  ? 163 VAL A N   1 
ATOM   1285 C CA  . VAL A 1 165 ? -0.19864  4.63036   10.21464  1.000 23.98957  ? 163 VAL A CA  1 
ATOM   1286 C C   . VAL A 1 165 ? -0.78031  5.94349   10.71377  1.000 31.99743  ? 163 VAL A C   1 
ATOM   1287 O O   . VAL A 1 165 ? -1.07546  6.84566   9.91840   1.000 29.56937  ? 163 VAL A O   1 
ATOM   1288 C CB  . VAL A 1 165 ? 1.16229   4.84025   9.51912   1.000 23.74013  ? 163 VAL A CB  1 
ATOM   1289 C CG1 . VAL A 1 165 ? 2.18364   5.45917   10.49930  1.000 28.27575  ? 163 VAL A CG1 1 
ATOM   1290 C CG2 . VAL A 1 165 ? 1.67819   3.49733   8.98435   1.000 28.87993  ? 163 VAL A CG2 1 
ATOM   1291 N N   . ASP A 1 166 ? -1.00843  6.02580   12.02373  1.000 23.89620  ? 164 ASP A N   1 
ATOM   1292 C CA  . ASP A 1 166 ? -1.38933  7.27105   12.67725  1.000 24.46374  ? 164 ASP A CA  1 
ATOM   1293 C C   . ASP A 1 166 ? -0.09120  7.93191   13.11878  1.000 29.00074  ? 164 ASP A C   1 
ATOM   1294 O O   . ASP A 1 166 ? 0.59044   7.42163   14.00856  1.000 27.62729  ? 164 ASP A O   1 
ATOM   1295 C CB  . ASP A 1 166 ? -2.29773  6.97746   13.87109  1.000 35.74317  ? 164 ASP A CB  1 
ATOM   1296 C CG  . ASP A 1 166 ? -2.82119  8.23491   14.54804  1.000 42.47232  ? 164 ASP A CG  1 
ATOM   1297 O OD1 . ASP A 1 166 ? -2.23323  9.32194   14.37636  1.000 35.80835  ? 164 ASP A OD1 1 
ATOM   1298 O OD2 . ASP A 1 166 ? -3.81543  8.12244   15.29924  1.000 48.63631  ? 164 ASP A OD2 1 
ATOM   1299 N N   . PHE A 1 167 ? 0.27883   9.04610   12.48307  1.000 23.76324  ? 165 PHE A N   1 
ATOM   1300 C CA  . PHE A 1 167 ? 1.58462   9.62033   12.78571  1.000 20.42776  ? 165 PHE A CA  1 
ATOM   1301 C C   . PHE A 1 167 ? 1.69535   10.03290  14.25051  1.000 29.31504  ? 165 PHE A C   1 
ATOM   1302 O O   . PHE A 1 167 ? 2.79519   10.02513  14.81068  1.000 32.88983  ? 165 PHE A O   1 
ATOM   1303 C CB  . PHE A 1 167 ? 1.85921   10.82814  11.89199  1.000 26.15103  ? 165 PHE A CB  1 
ATOM   1304 C CG  . PHE A 1 167 ? 2.24697   10.47506  10.47530  1.000 24.61044  ? 165 PHE A CG  1 
ATOM   1305 C CD1 . PHE A 1 167 ? 1.95091   9.24049   9.94030   1.000 22.90683  ? 165 PHE A CD1 1 
ATOM   1306 C CD2 . PHE A 1 167 ? 2.88420   11.41871  9.67054   1.000 23.54180  ? 165 PHE A CD2 1 
ATOM   1307 C CE1 . PHE A 1 167 ? 2.30080   8.92317   8.63109   1.000 26.38228  ? 165 PHE A CE1 1 
ATOM   1308 C CE2 . PHE A 1 167 ? 3.22329   11.11970  8.36236   1.000 21.78556  ? 165 PHE A CE2 1 
ATOM   1309 C CZ  . PHE A 1 167 ? 2.93112   9.87007   7.84243   1.000 24.39668  ? 165 PHE A CZ  1 
ATOM   1310 N N   . THR A 1 168 ? 0.57488   10.38009  14.88794  1.000 32.05661  ? 166 THR A N   1 
ATOM   1311 C CA  . THR A 1 168 ? 0.58619   10.80144  16.28610  1.000 31.80745  ? 166 THR A CA  1 
ATOM   1312 C C   . THR A 1 168 ? 0.47761   9.64008   17.26438  1.000 43.27633  ? 166 THR A C   1 
ATOM   1313 O O   . THR A 1 168 ? 0.65764   9.85379   18.47001  1.000 41.74570  ? 166 THR A O   1 
ATOM   1314 C CB  . THR A 1 168 ? -0.56378  11.77747  16.57765  1.000 36.30119  ? 166 THR A CB  1 
ATOM   1315 O OG1 . THR A 1 168 ? -1.81837  11.10412  16.41266  1.000 38.52672  ? 166 THR A OG1 1 
ATOM   1316 C CG2 . THR A 1 168 ? -0.51508  12.97960  15.65343  1.000 33.88883  ? 166 THR A CG2 1 
ATOM   1317 N N   . GLU A 1 169 ? 0.19188   8.42897   16.78710  1.000 32.87863  ? 167 GLU A N   1 
ATOM   1318 C CA  . GLU A 1 169 ? -0.04181  7.30518   17.68755  1.000 40.95505  ? 167 GLU A CA  1 
ATOM   1319 C C   . GLU A 1 169 ? 0.82091   6.09089   17.37614  1.000 39.25530  ? 167 GLU A C   1 
ATOM   1320 O O   . GLU A 1 169 ? 1.38421   5.49496   18.29347  1.000 41.18810  ? 167 GLU A O   1 
ATOM   1321 C CB  . GLU A 1 169 ? -1.52681  6.92151   17.63936  1.000 40.19638  ? 167 GLU A CB  1 
ATOM   1322 C CG  . GLU A 1 169 ? -2.36363  7.63383   18.67597  1.000 48.58769  ? 167 GLU A CG  1 
ATOM   1323 C CD  . GLU A 1 169 ? -1.61061  7.87626   19.97713  1.000 69.52570  ? 167 GLU A CD  1 
ATOM   1324 O OE1 . GLU A 1 169 ? -1.58452  9.04271   20.43382  1.000 67.72418  ? 167 GLU A OE1 1 
ATOM   1325 O OE2 . GLU A 1 169 ? -1.06557  6.90700   20.56006  1.000 68.01197  ? 167 GLU A OE2 1 
ATOM   1326 N N   . THR A 1 170 ? 0.94930   5.71436   16.10555  1.000 25.72736  ? 168 THR A N   1 
ATOM   1327 C CA  . THR A 1 170 ? 1.66835   4.49906   15.74139  1.000 25.29771  ? 168 THR A CA  1 
ATOM   1328 C C   . THR A 1 170 ? 3.15659   4.62610   16.05034  1.000 28.85651  ? 168 THR A C   1 
ATOM   1329 O O   . THR A 1 170 ? 3.79159   5.63164   15.71559  1.000 28.19718  ? 168 THR A O   1 
ATOM   1330 C CB  . THR A 1 170 ? 1.44545   4.20646   14.25452  1.000 25.12422  ? 168 THR A CB  1 
ATOM   1331 O OG1 . THR A 1 170 ? 0.03731   4.10381   14.01896  1.000 25.87294  ? 168 THR A OG1 1 
ATOM   1332 C CG2 . THR A 1 170 ? 2.16193   2.94313   13.81474  1.000 25.10439  ? 168 THR A CG2 1 
ATOM   1333 N N   . GLN A 1 171 ? 3.70637   3.59339   16.68265  1.000 33.47011  ? 169 GLN A N   1 
ATOM   1334 C CA  . GLN A 1 171 ? 5.11155   3.55294   17.06753  1.000 33.33878  ? 169 GLN A CA  1 
ATOM   1335 C C   . GLN A 1 171 ? 5.99953   3.12782   15.90500  1.000 35.09477  ? 169 GLN A C   1 
ATOM   1336 O O   . GLN A 1 171 ? 5.72638   2.13141   15.23147  1.000 29.29833  ? 169 GLN A O   1 
ATOM   1337 C CB  . GLN A 1 171 ? 5.29000   2.58116   18.23469  1.000 42.89941  ? 169 GLN A CB  1 
ATOM   1338 C CG  . GLN A 1 171 ? 6.72233   2.15344   18.49301  1.000 45.92727  ? 169 GLN A CG  1 
ATOM   1339 C CD  . GLN A 1 171 ? 6.91547   1.56437   19.88526  1.000 63.22775  ? 169 GLN A CD  1 
ATOM   1340 O OE1 . GLN A 1 171 ? 5.96048   1.11946   20.52944  1.000 62.56916  ? 169 GLN A OE1 1 
ATOM   1341 N NE2 . GLN A 1 171 ? 8.15856   1.55810   20.35306  1.000 64.53924  ? 169 GLN A NE2 1 
ATOM   1342 N N   . LEU A 1 172 ? 7.09208   3.85381   15.70229  1.000 29.57210  ? 170 LEU A N   1 
ATOM   1343 C CA  . LEU A 1 172 ? 8.05964   3.54757   14.65866  1.000 28.91302  ? 170 LEU A CA  1 
ATOM   1344 C C   . LEU A 1 172 ? 9.25176   2.81156   15.26612  1.000 32.25388  ? 170 LEU A C   1 
ATOM   1345 O O   . LEU A 1 172 ? 9.91652   3.33872   16.16419  1.000 35.12358  ? 170 LEU A O   1 
ATOM   1346 C CB  . LEU A 1 172 ? 8.51739   4.84283   13.98575  1.000 33.10028  ? 170 LEU A CB  1 
ATOM   1347 C CG  . LEU A 1 172 ? 9.52711   4.73602   12.85376  1.000 41.14041  ? 170 LEU A CG  1 
ATOM   1348 C CD1 . LEU A 1 172 ? 8.97491   3.85814   11.77929  1.000 38.91419  ? 170 LEU A CD1 1 
ATOM   1349 C CD2 . LEU A 1 172 ? 9.84767   6.12053   12.30025  1.000 29.35115  ? 170 LEU A CD2 1 
ATOM   1350 N N   . ILE A 1 173 ? 9.53492   1.61303   14.76463  1.000 26.63096  ? 171 ILE A N   1 
ATOM   1351 C CA  . ILE A 1 173 ? 10.68594  0.81977   15.18921  1.000 29.16042  ? 171 ILE A CA  1 
ATOM   1352 C C   . ILE A 1 173 ? 11.65277  0.72146   14.01634  1.000 41.95108  ? 171 ILE A C   1 
ATOM   1353 O O   . ILE A 1 173 ? 11.29640  0.19331   12.95580  1.000 34.00673  ? 171 ILE A O   1 
ATOM   1354 C CB  . ILE A 1 173 ? 10.25794  -0.57500  15.67283  1.000 32.80231  ? 171 ILE A CB  1 
ATOM   1355 C CG1 . ILE A 1 173 ? 9.29863   -0.45343  16.85464  1.000 36.84755  ? 171 ILE A CG1 1 
ATOM   1356 C CG2 . ILE A 1 173 ? 11.47305  -1.42328  16.03996  1.000 35.13470  ? 171 ILE A CG2 1 
ATOM   1357 C CD1 . ILE A 1 173 ? 8.64730   -1.75794  17.22544  1.000 40.22834  ? 171 ILE A CD1 1 
ATOM   1358 N N   . LEU A 1 174 ? 12.87652  1.21810   14.20613  1.000 34.64126  ? 172 LEU A N   1 
ATOM   1359 C CA  . LEU A 1 174 ? 13.88967  1.25949   13.15703  1.000 35.40698  ? 172 LEU A CA  1 
ATOM   1360 C C   . LEU A 1 174 ? 15.01158  0.28019   13.47124  1.000 43.91332  ? 172 LEU A C   1 
ATOM   1361 O O   . LEU A 1 174 ? 15.56666  0.30345   14.57517  1.000 41.98645  ? 172 LEU A O   1 
ATOM   1362 C CB  . LEU A 1 174 ? 14.47371  2.66830   13.01364  1.000 36.27487  ? 172 LEU A CB  1 
ATOM   1363 C CG  . LEU A 1 174 ? 13.48800  3.81093   12.77945  1.000 34.69394  ? 172 LEU A CG  1 
ATOM   1364 C CD1 . LEU A 1 174 ? 14.25399  5.10983   12.63608  1.000 37.10378  ? 172 LEU A CD1 1 
ATOM   1365 C CD2 . LEU A 1 174 ? 12.65852  3.54087   11.53985  1.000 30.06067  ? 172 LEU A CD2 1 
ATOM   1366 N N   . VAL A 1 175 ? 15.37621  -0.53812  12.48676  1.000 36.35965  ? 173 VAL A N   1 
ATOM   1367 C CA  . VAL A 1 175 ? 16.40660  -1.56439  12.63324  1.000 38.66710  ? 173 VAL A CA  1 
ATOM   1368 C C   . VAL A 1 175 ? 17.48309  -1.31782  11.58107  1.000 48.63978  ? 173 VAL A C   1 
ATOM   1369 O O   . VAL A 1 175 ? 17.18820  -1.31895  10.37789  1.000 44.47407  ? 173 VAL A O   1 
ATOM   1370 C CB  . VAL A 1 175 ? 15.81672  -2.97652  12.48632  1.000 40.15066  ? 173 VAL A CB  1 
ATOM   1371 C CG1 . VAL A 1 175 ? 16.91435  -4.03568  12.55882  1.000 46.96569  ? 173 VAL A CG1 1 
ATOM   1372 C CG2 . VAL A 1 175 ? 14.74603  -3.21505  13.52388  1.000 45.36850  ? 173 VAL A CG2 1 
ATOM   1373 N N   . ASN A 1 176 ? 18.72309  -1.09323  12.03050  1.000 46.44124  ? 174 ASN A N   1 
ATOM   1374 C CA  . ASN A 1 176 ? 19.86420  -1.04606  11.11836  1.000 46.54800  ? 174 ASN A CA  1 
ATOM   1375 C C   . ASN A 1 176 ? 20.06688  -2.38387  10.41874  1.000 54.25342  ? 174 ASN A C   1 
ATOM   1376 O O   . ASN A 1 176 ? 19.87410  -3.45141  11.00792  1.000 53.28596  ? 174 ASN A O   1 
ATOM   1377 C CB  . ASN A 1 176 ? 21.15295  -0.70256  11.86034  1.000 51.05403  ? 174 ASN A CB  1 
ATOM   1378 C CG  . ASN A 1 176 ? 21.84635  0.51662   11.30054  1.000 62.39166  ? 174 ASN A CG  1 
ATOM   1379 O OD1 . ASN A 1 176 ? 21.97844  0.66880   10.08075  1.000 56.73099  ? 174 ASN A OD1 1 
ATOM   1380 N ND2 . ASN A 1 176 ? 22.41274  1.32354   12.18814  1.000 63.35507  ? 174 ASN A ND2 1 
ATOM   1381 N N   . ASP A 1 177 ? 20.51365  -2.32652  9.17106   1.000 43.06957  ? 175 ASP A N   1 
ATOM   1382 C CA  . ASP A 1 177 ? 20.79252  -3.55142  8.43798   1.000 52.37052  ? 175 ASP A CA  1 
ATOM   1383 C C   . ASP A 1 177 ? 22.29261  -3.74218  8.22489   1.000 55.64947  ? 175 ASP A C   1 
ATOM   1384 O O   . ASP A 1 177 ? 22.97120  -4.34583  9.05841   1.000 65.37235  ? 175 ASP A O   1 
ATOM   1385 C CB  . ASP A 1 177 ? 20.06163  -3.54656  7.09986   1.000 53.36533  ? 175 ASP A CB  1 
ATOM   1386 C CG  . ASP A 1 177 ? 20.27286  -4.82392  6.32606   1.000 57.93803  ? 175 ASP A CG  1 
ATOM   1387 O OD1 . ASP A 1 177 ? 20.09205  -5.90580  6.92376   1.000 61.61419  ? 175 ASP A OD1 1 
ATOM   1388 O OD2 . ASP A 1 177 ? 20.61911  -4.74603  5.12813   1.000 64.12838  ? 175 ASP A OD2 1 
HETATM 1389 O O   . HOH B 2 .   ? -10.45157 -3.15173  8.71752   1.000 30.66110  ? 201 HOH A O   1 
HETATM 1390 O O   . HOH B 2 .   ? -2.36394  7.48498   0.00098   1.000 34.87000  ? 202 HOH A O   1 
HETATM 1391 O O   . HOH B 2 .   ? 10.01826  3.69994   -6.39041  1.000 41.09575  ? 203 HOH A O   1 
HETATM 1392 O O   . HOH B 2 .   ? -11.74196 -13.60540 -1.98703  1.000 46.89294  ? 204 HOH A O   1 
HETATM 1393 O O   . HOH B 2 .   ? 14.48286  18.69067  18.88604  1.000 51.76956  ? 205 HOH A O   1 
HETATM 1394 O O   . HOH B 2 .   ? -14.52614 -1.54859  10.43570  0.50  39.52787  ? 206 HOH A O   1 
HETATM 1395 O O   . HOH B 2 .   ? -8.00375  -7.39702  -18.89100 1.000 29.10139  ? 207 HOH A O   1 
HETATM 1396 O O   . HOH B 2 .   ? -9.79869  -9.16018  -3.50400  1.000 29.70231  ? 208 HOH A O   1 
HETATM 1397 O O   . HOH B 2 .   ? 5.74621   5.57364   -2.53296  1.000 16.48525  ? 209 HOH A O   1 
HETATM 1398 O O   . HOH B 2 .   ? -8.42438  8.64594   3.00537   1.000 49.21562  ? 210 HOH A O   1 
HETATM 1399 O O   . HOH B 2 .   ? 6.01612   -3.73035  14.75616  1.000 29.25009  ? 211 HOH A O   1 
HETATM 1400 O O   . HOH B 2 .   ? 7.25299   13.76665  -0.98279  1.000 52.28891  ? 212 HOH A O   1 
HETATM 1401 O O   . HOH B 2 .   ? -11.89321 8.95279   -4.97284  1.000 33.88320  ? 213 HOH A O   1 
HETATM 1402 O O   . HOH B 2 .   ? -10.38299 7.33297   -1.61497  1.000 25.79665  ? 214 HOH A O   1 
HETATM 1403 O O   . HOH B 2 .   ? -3.50633  12.23174  5.86316   1.000 48.27207  ? 215 HOH A O   1 
HETATM 1404 O O   . HOH B 2 .   ? 3.14335   11.87019  0.73115   1.000 34.67415  ? 216 HOH A O   1 
HETATM 1405 O O   . HOH B 2 .   ? -4.76875  7.91162   -12.07605 1.000 41.66809  ? 217 HOH A O   1 
HETATM 1406 O O   . HOH B 2 .   ? -5.98900  10.49032  -14.96580 1.000 31.96527  ? 218 HOH A O   1 
HETATM 1407 O O   . HOH B 2 .   ? 17.51631  8.17936   -0.39920  1.000 52.49079  ? 219 HOH A O   1 
HETATM 1408 O O   . HOH B 2 .   ? 12.16085  3.39955   -4.32864  1.000 37.76064  ? 220 HOH A O   1 
HETATM 1409 O O   . HOH B 2 .   ? -13.60118 1.69295   1.78997   1.000 22.79419  ? 221 HOH A O   1 
HETATM 1410 O O   . HOH B 2 .   ? 4.22211   -7.30316  1.71255   1.000 37.39860  ? 222 HOH A O   1 
HETATM 1411 O O   . HOH B 2 .   ? 3.48330   3.08138   -8.40849  1.000 24.59883  ? 223 HOH A O   1 
HETATM 1412 O O   . HOH B 2 .   ? -18.21873 7.02574   -3.08119  1.000 45.00770  ? 224 HOH A O   1 
HETATM 1413 O O   . HOH B 2 .   ? -3.85258  -11.13672 3.51081   1.000 39.08155  ? 225 HOH A O   1 
HETATM 1414 O O   . HOH B 2 .   ? -1.65069  5.67593   6.91796   1.000 23.31636  ? 226 HOH A O   1 
HETATM 1415 O O   . HOH B 2 .   ? -0.13347  5.76340   22.81677  1.000 66.25467  ? 227 HOH A O   1 
HETATM 1416 O O   . HOH B 2 .   ? -11.93246 -16.85495 -11.95571 1.000 44.26184  ? 228 HOH A O   1 
HETATM 1417 O O   . HOH B 2 .   ? -20.87147 -0.62068  -11.33824 1.000 39.84361  ? 229 HOH A O   1 
HETATM 1418 O O   . HOH B 2 .   ? -4.67600  -0.72314  16.91875  1.000 42.77132  ? 230 HOH A O   1 
HETATM 1419 O O   . HOH B 2 .   ? 0.09917   1.21785   -2.29374  1.000 32.41707  ? 231 HOH A O   1 
HETATM 1420 O O   . HOH B 2 .   ? -13.58709 5.43651   -15.16239 1.000 20.81089  ? 232 HOH A O   1 
HETATM 1421 O O   . HOH B 2 .   ? -0.92271  0.34481   0.04340   1.000 28.70360  ? 233 HOH A O   1 
HETATM 1422 O O   . HOH B 2 .   ? 6.98005   -5.41017  -1.85544  1.000 33.36937  ? 234 HOH A O   1 
HETATM 1423 O O   . HOH B 2 .   ? -19.78821 6.06430   -5.28231  1.000 41.50257  ? 235 HOH A O   1 
HETATM 1424 O O   . HOH B 2 .   ? -15.73853 7.49360   -16.44410 1.000 40.55350  ? 236 HOH A O   1 
HETATM 1425 O O   . HOH B 2 .   ? -4.30051  -8.44116  -22.09387 1.000 53.37949  ? 237 HOH A O   1 
HETATM 1426 O O   . HOH B 2 .   ? -1.26303  3.11583   -8.79157  1.000 31.60552  ? 238 HOH A O   1 
HETATM 1427 O O   . HOH B 2 .   ? 12.31675  5.33382   16.42377  1.000 47.09707  ? 239 HOH A O   1 
HETATM 1428 O O   . HOH B 2 .   ? 8.75735   -4.02163  -3.80543  1.000 43.53152  ? 240 HOH A O   1 
HETATM 1429 O O   . HOH B 2 .   ? -2.50090  5.18509   -9.93013  1.000 37.81578  ? 241 HOH A O   1 
HETATM 1430 O O   . HOH B 2 .   ? -14.79047 -12.82364 -9.65744  1.000 47.44230  ? 242 HOH A O   1 
HETATM 1431 O O   . HOH B 2 .   ? -7.67970  -1.25159  -18.74986 1.000 37.47366  ? 243 HOH A O   1 
HETATM 1432 O O   . HOH B 2 .   ? 13.73106  2.55346   16.62506  1.000 43.21402  ? 244 HOH A O   1 
HETATM 1433 O O   . HOH B 2 .   ? -6.11127  -1.06936  -16.26944 1.000 30.20845  ? 245 HOH A O   1 
HETATM 1434 O O   . HOH B 2 .   ? -15.75310 -8.25526  -14.30972 1.000 36.76582  ? 246 HOH A O   1 
HETATM 1435 O O   . HOH B 2 .   ? 4.44218   -3.08540  19.16883  1.000 48.13754  ? 247 HOH A O   1 
HETATM 1436 O O   . HOH B 2 .   ? -2.63193  2.37234   0.41379   1.000 25.44502  ? 248 HOH A O   1 
HETATM 1437 O O   . HOH B 2 .   ? 0.42299   12.74381  6.32755   1.000 25.96539  ? 249 HOH A O   1 
HETATM 1438 O O   . HOH B 2 .   ? 13.36843  -0.72250  -5.57626  1.000 38.11786  ? 250 HOH A O   1 
HETATM 1439 O O   . HOH B 2 .   ? 1.15253   -8.47626  15.38852  1.000 40.08728  ? 251 HOH A O   1 
HETATM 1440 O O   . HOH B 2 .   ? -1.83080  4.57127   -1.05183  1.000 31.10320  ? 252 HOH A O   1 
HETATM 1441 O O   . HOH B 2 .   ? -12.64584 -6.48549  0.41533   1.000 36.22989  ? 253 HOH A O   1 
HETATM 1442 O O   . HOH B 2 .   ? 7.06280   11.70731  -2.00055  1.000 51.74017  ? 254 HOH A O   1 
HETATM 1443 O O   . HOH B 2 .   ? -11.12719 11.56628  -11.95768 1.000 38.31258  ? 255 HOH A O   1 
HETATM 1444 O O   . HOH B 2 .   ? 8.66846   3.16023   -3.52516  1.000 29.23609  ? 256 HOH A O   1 
HETATM 1445 O O   . HOH B 2 .   ? 5.57536   0.42672   -7.90882  1.000 23.59200  ? 257 HOH A O   1 
HETATM 1446 O O   . HOH B 2 .   ? -3.05322  12.14671  11.97628  1.000 49.11742  ? 258 HOH A O   1 
HETATM 1447 O O   . HOH B 2 .   ? -16.64588 6.84952   -18.77287 1.000 35.04807  ? 259 HOH A O   1 
HETATM 1448 O O   . HOH B 2 .   ? 24.08035  -4.97879  11.87172  1.000 52.71370  ? 260 HOH A O   1 
HETATM 1449 O O   . HOH B 2 .   ? 1.78935   14.62255  7.80063   1.000 38.31466  ? 261 HOH A O   1 
HETATM 1450 O O   . HOH B 2 .   ? 5.66303   11.71381  -1.04324  1.000 48.55792  ? 262 HOH A O   1 
HETATM 1451 O O   . HOH B 2 .   ? -11.77432 -4.19379  6.72238   1.000 52.28338  ? 263 HOH A O   1 
HETATM 1452 O O   . HOH B 2 .   ? 6.94490   16.10699  12.80677  1.000 51.26816  ? 264 HOH A O   1 
HETATM 1453 O O   . HOH B 2 .   ? -4.78691  -5.18108  -18.78835 1.000 44.93498  ? 265 HOH A O   1 
HETATM 1454 O O   . HOH B 2 .   ? 17.42112  12.35966  1.49047   1.000 18.11776  ? 266 HOH A O   1 
HETATM 1455 O O   . HOH B 2 .   ? -3.25603  -10.14145 6.06409   1.000 43.86441  ? 267 HOH A O   1 
HETATM 1456 O O   . HOH B 2 .   ? 7.99812   2.09293   -8.48303  1.000 16.52926  ? 268 HOH A O   1 
HETATM 1457 O O   . HOH B 2 .   ? -22.92744 0.40197   -1.54258  1.000 51.62930  ? 269 HOH A O   1 
HETATM 1458 O O   . HOH B 2 .   ? -19.41825 -2.82182  -11.04425 1.000 61.01513  ? 270 HOH A O   1 
HETATM 1459 O O   . HOH B 2 .   ? -16.15817 -10.81995 -12.08979 1.000 47.36019  ? 271 HOH A O   1 
HETATM 1460 O O   . HOH B 2 .   ? 1.89873   16.95658  6.85926   1.000 44.70592  ? 272 HOH A O   1 
HETATM 1461 O O   . HOH B 2 .   ? -14.28371 6.01422   -19.70220 1.000 42.58040  ? 273 HOH A O   1 
HETATM 1462 O O   . HOH B 2 .   ? -14.86968 2.83031   -21.23789 1.000 28.05245  ? 274 HOH A O   1 
HETATM 1463 O O   . HOH B 2 .   ? 4.21778   8.58057   18.95244  1.000 55.01647  ? 275 HOH A O   1 
HETATM 1464 O O   . HOH B 2 .   ? -4.42932  -8.82045  7.82724   1.000 34.56293  ? 276 HOH A O   1 
HETATM 1465 O O   . HOH B 2 .   ? -19.43138 -1.96846  -16.35880 1.000 50.89922  ? 277 HOH A O   1 
HETATM 1466 O O   . HOH B 2 .   ? -14.55154 -7.14772  1.89217   1.000 38.83505  ? 278 HOH A O   1 
HETATM 1467 O O   . HOH B 2 .   ? 15.20021  19.01456  16.05979  1.000 53.93866  ? 279 HOH A O   1 
HETATM 1468 O O   . HOH B 2 .   ? -10.64849 13.66268  -2.94355  1.000 59.48742  ? 280 HOH A O   1 
HETATM 1469 O O   . HOH B 2 .   ? -13.22567 -15.29588 -3.31046  1.000 52.09366  ? 281 HOH A O   1 
HETATM 1470 O O   . HOH B 2 .   ? 4.44272   10.81507  17.93437  1.000 60.84622  ? 282 HOH A O   1 
HETATM 1471 O O   . HOH B 2 .   ? 10.41122  16.38959  10.11087  1.000 49.53682  ? 283 HOH A O   1 
HETATM 1472 O O   . HOH B 2 .   ? 6.96116   -7.73151  -1.43513  1.000 61.94967  ? 284 HOH A O   1 
HETATM 1473 O O   . HOH B 2 .   ? -16.48554 -10.89733 -14.11069 1.000 39.07704  ? 285 HOH A O   1 
HETATM 1474 O O   . HOH B 2 .   ? 11.72770  15.86067  8.41087   1.000 39.76892  ? 286 HOH A O   1 
HETATM 1475 O O   . HOH B 2 .   ? -20.13879 10.87518  -14.96558 1.000 55.26944  ? 287 HOH A O   1 
HETATM 1476 O O   . HOH B 2 .   ? -9.27788  11.83069  -3.16954  1.000 55.82646  ? 288 HOH A O   1 
HETATM 1477 O O   . HOH B 2 .   ? -13.26899 4.91514   -21.99935 1.000 47.28399  ? 289 HOH A O   1 
HETATM 1478 O O   . HOH B 2 .   ? 14.13224  4.30609   -6.42759  1.000 45.66013  ? 290 HOH A O   1 
HETATM 1479 O O   . HOH B 2 .   ? -20.73995 -2.54782  -13.57420 1.000 52.49912  ? 291 HOH A O   1 
# 
